data_5AAR
# 
_entry.id   5AAR 
# 
_audit_conform.dict_name       mmcif_pdbx.dic 
_audit_conform.dict_version    5.383 
_audit_conform.dict_location   http://mmcif.pdb.org/dictionaries/ascii/mmcif_pdbx.dic 
# 
loop_
_database_2.database_id 
_database_2.database_code 
_database_2.pdbx_database_accession 
_database_2.pdbx_DOI 
PDB   5AAR         pdb_00005aar 10.2210/pdb5aar/pdb 
PDBE  EBI-64529    ?            ?                   
WWPDB D_1290064529 ?            ?                   
# 
loop_
_pdbx_audit_revision_history.ordinal 
_pdbx_audit_revision_history.data_content_type 
_pdbx_audit_revision_history.major_revision 
_pdbx_audit_revision_history.minor_revision 
_pdbx_audit_revision_history.revision_date 
1 'Structure model' 1 0 2016-08-24 
2 'Structure model' 1 1 2020-04-08 
3 'Structure model' 1 2 2024-01-10 
# 
_pdbx_audit_revision_details.ordinal             1 
_pdbx_audit_revision_details.revision_ordinal    1 
_pdbx_audit_revision_details.data_content_type   'Structure model' 
_pdbx_audit_revision_details.provider            repository 
_pdbx_audit_revision_details.type                'Initial release' 
_pdbx_audit_revision_details.description         ? 
_pdbx_audit_revision_details.details             ? 
# 
loop_
_pdbx_audit_revision_group.ordinal 
_pdbx_audit_revision_group.revision_ordinal 
_pdbx_audit_revision_group.data_content_type 
_pdbx_audit_revision_group.group 
1 2 'Structure model' 'Database references'    
2 2 'Structure model' Other                    
3 3 'Structure model' 'Data collection'        
4 3 'Structure model' 'Database references'    
5 3 'Structure model' 'Derived calculations'   
6 3 'Structure model' 'Refinement description' 
# 
loop_
_pdbx_audit_revision_category.ordinal 
_pdbx_audit_revision_category.revision_ordinal 
_pdbx_audit_revision_category.data_content_type 
_pdbx_audit_revision_category.category 
1  2 'Structure model' citation                      
2  2 'Structure model' citation_author               
3  2 'Structure model' pdbx_database_status          
4  3 'Structure model' chem_comp_atom                
5  3 'Structure model' chem_comp_bond                
6  3 'Structure model' database_2                    
7  3 'Structure model' pdbx_initial_refinement_model 
8  3 'Structure model' pdbx_struct_conn_angle        
9  3 'Structure model' struct_conn                   
10 3 'Structure model' struct_site                   
# 
loop_
_pdbx_audit_revision_item.ordinal 
_pdbx_audit_revision_item.revision_ordinal 
_pdbx_audit_revision_item.data_content_type 
_pdbx_audit_revision_item.item 
1  2 'Structure model' '_citation.country'                           
2  2 'Structure model' '_citation.journal_abbrev'                    
3  2 'Structure model' '_citation.journal_id_ASTM'                   
4  2 'Structure model' '_citation.journal_id_CSD'                    
5  2 'Structure model' '_citation.journal_id_ISSN'                   
6  2 'Structure model' '_citation.pdbx_database_id_DOI'              
7  2 'Structure model' '_citation.pdbx_database_id_PubMed'           
8  2 'Structure model' '_citation.title'                             
9  2 'Structure model' '_citation.year'                              
10 2 'Structure model' '_pdbx_database_status.status_code_sf'        
11 3 'Structure model' '_database_2.pdbx_DOI'                        
12 3 'Structure model' '_database_2.pdbx_database_accession'         
13 3 'Structure model' '_pdbx_struct_conn_angle.ptnr1_auth_comp_id'  
14 3 'Structure model' '_pdbx_struct_conn_angle.ptnr1_auth_seq_id'   
15 3 'Structure model' '_pdbx_struct_conn_angle.ptnr1_label_asym_id' 
16 3 'Structure model' '_pdbx_struct_conn_angle.ptnr1_label_atom_id' 
17 3 'Structure model' '_pdbx_struct_conn_angle.ptnr1_label_comp_id' 
18 3 'Structure model' '_pdbx_struct_conn_angle.ptnr1_label_seq_id'  
19 3 'Structure model' '_pdbx_struct_conn_angle.ptnr3_auth_comp_id'  
20 3 'Structure model' '_pdbx_struct_conn_angle.ptnr3_auth_seq_id'   
21 3 'Structure model' '_pdbx_struct_conn_angle.ptnr3_label_asym_id' 
22 3 'Structure model' '_pdbx_struct_conn_angle.ptnr3_label_atom_id' 
23 3 'Structure model' '_pdbx_struct_conn_angle.ptnr3_label_comp_id' 
24 3 'Structure model' '_pdbx_struct_conn_angle.ptnr3_label_seq_id'  
25 3 'Structure model' '_pdbx_struct_conn_angle.value'               
26 3 'Structure model' '_struct_conn.pdbx_dist_value'                
27 3 'Structure model' '_struct_conn.ptnr1_auth_comp_id'             
28 3 'Structure model' '_struct_conn.ptnr1_auth_seq_id'              
29 3 'Structure model' '_struct_conn.ptnr1_label_asym_id'            
30 3 'Structure model' '_struct_conn.ptnr1_label_atom_id'            
31 3 'Structure model' '_struct_conn.ptnr1_label_comp_id'            
32 3 'Structure model' '_struct_conn.ptnr1_label_seq_id'             
33 3 'Structure model' '_struct_conn.ptnr2_auth_comp_id'             
34 3 'Structure model' '_struct_conn.ptnr2_auth_seq_id'              
35 3 'Structure model' '_struct_conn.ptnr2_label_asym_id'            
36 3 'Structure model' '_struct_conn.ptnr2_label_atom_id'            
37 3 'Structure model' '_struct_conn.ptnr2_label_comp_id'            
38 3 'Structure model' '_struct_conn.ptnr2_label_seq_id'             
39 3 'Structure model' '_struct_site.pdbx_auth_asym_id'              
40 3 'Structure model' '_struct_site.pdbx_auth_comp_id'              
41 3 'Structure model' '_struct_site.pdbx_auth_seq_id'               
# 
_pdbx_database_status.status_code                     REL 
_pdbx_database_status.entry_id                        5AAR 
_pdbx_database_status.deposit_site                    PDBE 
_pdbx_database_status.process_site                    PDBE 
_pdbx_database_status.SG_entry                        . 
_pdbx_database_status.recvd_initial_deposition_date   2015-07-28 
_pdbx_database_status.pdb_format_compatible           Y 
_pdbx_database_status.status_code_sf                  REL 
_pdbx_database_status.status_code_mr                  ? 
_pdbx_database_status.status_code_cs                  ? 
_pdbx_database_status.methods_development_category    ? 
_pdbx_database_status.status_code_nmr_data            ? 
# 
loop_
_audit_author.name 
_audit_author.pdbx_ordinal 
'Chaves-Sanjuan, A.'    1 
'Sanchez-Barrena, M.J.' 2 
'Albert, A.'            3 
# 
_citation.id                        primary 
_citation.title                     'Recognition and activation of the plant AKT1 potassium channel by the kinase CIPK23.' 
_citation.journal_abbrev            'Plant Physiol.' 
_citation.journal_volume            ? 
_citation.page_first                ? 
_citation.page_last                 ? 
_citation.year                      2020 
_citation.journal_id_ASTM           PLPHAY 
_citation.country                   US 
_citation.journal_id_ISSN           1532-2548 
_citation.journal_id_CSD            0765 
_citation.book_publisher            ? 
_citation.pdbx_database_id_PubMed   32015077 
_citation.pdbx_database_id_DOI      10.1104/pp.19.01084 
# 
loop_
_citation_author.citation_id 
_citation_author.name 
_citation_author.ordinal 
_citation_author.identifier_ORCID 
primary 'Sanchez-Barrena, M.J.' 1  ? 
primary 'Chaves-Sanjuan, A.'    2  ? 
primary 'Raddatz, N.'           3  ? 
primary 'Mendoza, I.'           4  ? 
primary 'Cortes, A.'            5  ? 
primary 'Gago, F.'              6  ? 
primary 'Gonzalez-Rubio, J.M.'  7  ? 
primary 'Benavente, J.L.'       8  ? 
primary 'Quintero, F.J.'        9  ? 
primary 'Pardo, J.M.'           10 ? 
primary 'Albert, A.'            11 ? 
# 
loop_
_entity.id 
_entity.type 
_entity.src_method 
_entity.pdbx_description 
_entity.formula_weight 
_entity.pdbx_number_of_molecules 
_entity.pdbx_ec 
_entity.pdbx_mutation 
_entity.pdbx_fragment 
_entity.details 
1 polymer     man 'POTASSIUM CHANNEL AKT1' 20369.035 1   ? ? 'ANKYRIN REPEAT DOMAIN, RESIDUES 518-702' ? 
2 non-polymer syn 'MAGNESIUM ION'          24.305    2   ? ? ?                                         ? 
3 water       nat water                    18.015    178 ? ? ?                                         ? 
# 
_entity_name_com.entity_id   1 
_entity_name_com.name        'ARABIDOPSIS POTASSIUM TRANSPORTER 1' 
# 
_entity_poly.entity_id                      1 
_entity_poly.type                           'polypeptide(L)' 
_entity_poly.nstd_linkage                   no 
_entity_poly.nstd_monomer                   no 
_entity_poly.pdbx_seq_one_letter_code       
;LPLNLCFAAIREDDLLLHQLLKRGLDPNESDNNGRTPLHIAASKGTLNCVLLLLEYHADPNCRDAEGSVPLWEAMVEGHE
KVVKVLLEHGSTIDAGDVGHFACTAAEQGNLKLLKEIVLHGGDVTRPRATGTSALHTAVCEENIEMVKYLLEQGADVNKQ
DMHGWTPRDLAEQQGHEDIKALFRE
;
_entity_poly.pdbx_seq_one_letter_code_can   
;LPLNLCFAAIREDDLLLHQLLKRGLDPNESDNNGRTPLHIAASKGTLNCVLLLLEYHADPNCRDAEGSVPLWEAMVEGHE
KVVKVLLEHGSTIDAGDVGHFACTAAEQGNLKLLKEIVLHGGDVTRPRATGTSALHTAVCEENIEMVKYLLEQGADVNKQ
DMHGWTPRDLAEQQGHEDIKALFRE
;
_entity_poly.pdbx_strand_id                 A 
_entity_poly.pdbx_target_identifier         ? 
# 
loop_
_pdbx_entity_nonpoly.entity_id 
_pdbx_entity_nonpoly.name 
_pdbx_entity_nonpoly.comp_id 
2 'MAGNESIUM ION' MG  
3 water           HOH 
# 
loop_
_entity_poly_seq.entity_id 
_entity_poly_seq.num 
_entity_poly_seq.mon_id 
_entity_poly_seq.hetero 
1 1   LEU n 
1 2   PRO n 
1 3   LEU n 
1 4   ASN n 
1 5   LEU n 
1 6   CYS n 
1 7   PHE n 
1 8   ALA n 
1 9   ALA n 
1 10  ILE n 
1 11  ARG n 
1 12  GLU n 
1 13  ASP n 
1 14  ASP n 
1 15  LEU n 
1 16  LEU n 
1 17  LEU n 
1 18  HIS n 
1 19  GLN n 
1 20  LEU n 
1 21  LEU n 
1 22  LYS n 
1 23  ARG n 
1 24  GLY n 
1 25  LEU n 
1 26  ASP n 
1 27  PRO n 
1 28  ASN n 
1 29  GLU n 
1 30  SER n 
1 31  ASP n 
1 32  ASN n 
1 33  ASN n 
1 34  GLY n 
1 35  ARG n 
1 36  THR n 
1 37  PRO n 
1 38  LEU n 
1 39  HIS n 
1 40  ILE n 
1 41  ALA n 
1 42  ALA n 
1 43  SER n 
1 44  LYS n 
1 45  GLY n 
1 46  THR n 
1 47  LEU n 
1 48  ASN n 
1 49  CYS n 
1 50  VAL n 
1 51  LEU n 
1 52  LEU n 
1 53  LEU n 
1 54  LEU n 
1 55  GLU n 
1 56  TYR n 
1 57  HIS n 
1 58  ALA n 
1 59  ASP n 
1 60  PRO n 
1 61  ASN n 
1 62  CYS n 
1 63  ARG n 
1 64  ASP n 
1 65  ALA n 
1 66  GLU n 
1 67  GLY n 
1 68  SER n 
1 69  VAL n 
1 70  PRO n 
1 71  LEU n 
1 72  TRP n 
1 73  GLU n 
1 74  ALA n 
1 75  MET n 
1 76  VAL n 
1 77  GLU n 
1 78  GLY n 
1 79  HIS n 
1 80  GLU n 
1 81  LYS n 
1 82  VAL n 
1 83  VAL n 
1 84  LYS n 
1 85  VAL n 
1 86  LEU n 
1 87  LEU n 
1 88  GLU n 
1 89  HIS n 
1 90  GLY n 
1 91  SER n 
1 92  THR n 
1 93  ILE n 
1 94  ASP n 
1 95  ALA n 
1 96  GLY n 
1 97  ASP n 
1 98  VAL n 
1 99  GLY n 
1 100 HIS n 
1 101 PHE n 
1 102 ALA n 
1 103 CYS n 
1 104 THR n 
1 105 ALA n 
1 106 ALA n 
1 107 GLU n 
1 108 GLN n 
1 109 GLY n 
1 110 ASN n 
1 111 LEU n 
1 112 LYS n 
1 113 LEU n 
1 114 LEU n 
1 115 LYS n 
1 116 GLU n 
1 117 ILE n 
1 118 VAL n 
1 119 LEU n 
1 120 HIS n 
1 121 GLY n 
1 122 GLY n 
1 123 ASP n 
1 124 VAL n 
1 125 THR n 
1 126 ARG n 
1 127 PRO n 
1 128 ARG n 
1 129 ALA n 
1 130 THR n 
1 131 GLY n 
1 132 THR n 
1 133 SER n 
1 134 ALA n 
1 135 LEU n 
1 136 HIS n 
1 137 THR n 
1 138 ALA n 
1 139 VAL n 
1 140 CYS n 
1 141 GLU n 
1 142 GLU n 
1 143 ASN n 
1 144 ILE n 
1 145 GLU n 
1 146 MET n 
1 147 VAL n 
1 148 LYS n 
1 149 TYR n 
1 150 LEU n 
1 151 LEU n 
1 152 GLU n 
1 153 GLN n 
1 154 GLY n 
1 155 ALA n 
1 156 ASP n 
1 157 VAL n 
1 158 ASN n 
1 159 LYS n 
1 160 GLN n 
1 161 ASP n 
1 162 MET n 
1 163 HIS n 
1 164 GLY n 
1 165 TRP n 
1 166 THR n 
1 167 PRO n 
1 168 ARG n 
1 169 ASP n 
1 170 LEU n 
1 171 ALA n 
1 172 GLU n 
1 173 GLN n 
1 174 GLN n 
1 175 GLY n 
1 176 HIS n 
1 177 GLU n 
1 178 ASP n 
1 179 ILE n 
1 180 LYS n 
1 181 ALA n 
1 182 LEU n 
1 183 PHE n 
1 184 ARG n 
1 185 GLU n 
# 
_entity_src_gen.entity_id                          1 
_entity_src_gen.pdbx_src_id                        1 
_entity_src_gen.pdbx_alt_source_flag               sample 
_entity_src_gen.pdbx_seq_type                      ? 
_entity_src_gen.pdbx_beg_seq_num                   ? 
_entity_src_gen.pdbx_end_seq_num                   ? 
_entity_src_gen.gene_src_common_name               'THALE CRESS' 
_entity_src_gen.gene_src_genus                     ? 
_entity_src_gen.pdbx_gene_src_gene                 ? 
_entity_src_gen.gene_src_species                   ? 
_entity_src_gen.gene_src_strain                    ? 
_entity_src_gen.gene_src_tissue                    ? 
_entity_src_gen.gene_src_tissue_fraction           ? 
_entity_src_gen.gene_src_details                   ? 
_entity_src_gen.pdbx_gene_src_fragment             ? 
_entity_src_gen.pdbx_gene_src_scientific_name      'ARABIDOPSIS THALIANA' 
_entity_src_gen.pdbx_gene_src_ncbi_taxonomy_id     3702 
_entity_src_gen.pdbx_gene_src_variant              ? 
_entity_src_gen.pdbx_gene_src_cell_line            ? 
_entity_src_gen.pdbx_gene_src_atcc                 ? 
_entity_src_gen.pdbx_gene_src_organ                ? 
_entity_src_gen.pdbx_gene_src_organelle            ? 
_entity_src_gen.pdbx_gene_src_cell                 ? 
_entity_src_gen.pdbx_gene_src_cellular_location    ? 
_entity_src_gen.host_org_common_name               ? 
_entity_src_gen.pdbx_host_org_scientific_name      'ESCHERICHIA COLI' 
_entity_src_gen.pdbx_host_org_ncbi_taxonomy_id     469008 
_entity_src_gen.host_org_genus                     ? 
_entity_src_gen.pdbx_host_org_gene                 ? 
_entity_src_gen.pdbx_host_org_organ                ? 
_entity_src_gen.host_org_species                   ? 
_entity_src_gen.pdbx_host_org_tissue               ? 
_entity_src_gen.pdbx_host_org_tissue_fraction      ? 
_entity_src_gen.pdbx_host_org_strain               'BL21(DE3)' 
_entity_src_gen.pdbx_host_org_variant              'ROSETTA 2 PLYSS' 
_entity_src_gen.pdbx_host_org_cell_line            ? 
_entity_src_gen.pdbx_host_org_atcc                 ? 
_entity_src_gen.pdbx_host_org_culture_collection   ? 
_entity_src_gen.pdbx_host_org_cell                 ? 
_entity_src_gen.pdbx_host_org_organelle            ? 
_entity_src_gen.pdbx_host_org_cellular_location    ? 
_entity_src_gen.pdbx_host_org_vector_type          ? 
_entity_src_gen.pdbx_host_org_vector               ? 
_entity_src_gen.host_org_details                   ? 
_entity_src_gen.expression_system_id               ? 
_entity_src_gen.plasmid_name                       PET-28A 
_entity_src_gen.plasmid_details                    ? 
_entity_src_gen.pdbx_description                   ? 
# 
loop_
_chem_comp.id 
_chem_comp.type 
_chem_comp.mon_nstd_flag 
_chem_comp.name 
_chem_comp.pdbx_synonyms 
_chem_comp.formula 
_chem_comp.formula_weight 
ALA 'L-peptide linking' y ALANINE         ? 'C3 H7 N O2'     89.093  
ARG 'L-peptide linking' y ARGININE        ? 'C6 H15 N4 O2 1' 175.209 
ASN 'L-peptide linking' y ASPARAGINE      ? 'C4 H8 N2 O3'    132.118 
ASP 'L-peptide linking' y 'ASPARTIC ACID' ? 'C4 H7 N O4'     133.103 
CYS 'L-peptide linking' y CYSTEINE        ? 'C3 H7 N O2 S'   121.158 
GLN 'L-peptide linking' y GLUTAMINE       ? 'C5 H10 N2 O3'   146.144 
GLU 'L-peptide linking' y 'GLUTAMIC ACID' ? 'C5 H9 N O4'     147.129 
GLY 'peptide linking'   y GLYCINE         ? 'C2 H5 N O2'     75.067  
HIS 'L-peptide linking' y HISTIDINE       ? 'C6 H10 N3 O2 1' 156.162 
HOH non-polymer         . WATER           ? 'H2 O'           18.015  
ILE 'L-peptide linking' y ISOLEUCINE      ? 'C6 H13 N O2'    131.173 
LEU 'L-peptide linking' y LEUCINE         ? 'C6 H13 N O2'    131.173 
LYS 'L-peptide linking' y LYSINE          ? 'C6 H15 N2 O2 1' 147.195 
MET 'L-peptide linking' y METHIONINE      ? 'C5 H11 N O2 S'  149.211 
MG  non-polymer         . 'MAGNESIUM ION' ? 'Mg 2'           24.305  
PHE 'L-peptide linking' y PHENYLALANINE   ? 'C9 H11 N O2'    165.189 
PRO 'L-peptide linking' y PROLINE         ? 'C5 H9 N O2'     115.130 
SER 'L-peptide linking' y SERINE          ? 'C3 H7 N O3'     105.093 
THR 'L-peptide linking' y THREONINE       ? 'C4 H9 N O3'     119.119 
TRP 'L-peptide linking' y TRYPTOPHAN      ? 'C11 H12 N2 O2'  204.225 
TYR 'L-peptide linking' y TYROSINE        ? 'C9 H11 N O3'    181.189 
VAL 'L-peptide linking' y VALINE          ? 'C5 H11 N O2'    117.146 
# 
loop_
_pdbx_poly_seq_scheme.asym_id 
_pdbx_poly_seq_scheme.entity_id 
_pdbx_poly_seq_scheme.seq_id 
_pdbx_poly_seq_scheme.mon_id 
_pdbx_poly_seq_scheme.ndb_seq_num 
_pdbx_poly_seq_scheme.pdb_seq_num 
_pdbx_poly_seq_scheme.auth_seq_num 
_pdbx_poly_seq_scheme.pdb_mon_id 
_pdbx_poly_seq_scheme.auth_mon_id 
_pdbx_poly_seq_scheme.pdb_strand_id 
_pdbx_poly_seq_scheme.pdb_ins_code 
_pdbx_poly_seq_scheme.hetero 
A 1 1   LEU 1   518 518 LEU LEU A . n 
A 1 2   PRO 2   519 519 PRO PRO A . n 
A 1 3   LEU 3   520 520 LEU LEU A . n 
A 1 4   ASN 4   521 521 ASN ASN A . n 
A 1 5   LEU 5   522 522 LEU LEU A . n 
A 1 6   CYS 6   523 523 CYS CYS A . n 
A 1 7   PHE 7   524 524 PHE PHE A . n 
A 1 8   ALA 8   525 525 ALA ALA A . n 
A 1 9   ALA 9   526 526 ALA ALA A . n 
A 1 10  ILE 10  527 527 ILE ILE A . n 
A 1 11  ARG 11  528 528 ARG ARG A . n 
A 1 12  GLU 12  529 529 GLU GLU A . n 
A 1 13  ASP 13  530 530 ASP ASP A . n 
A 1 14  ASP 14  531 531 ASP ASP A . n 
A 1 15  LEU 15  532 532 LEU LEU A . n 
A 1 16  LEU 16  533 533 LEU LEU A . n 
A 1 17  LEU 17  534 534 LEU LEU A . n 
A 1 18  HIS 18  535 535 HIS HIS A . n 
A 1 19  GLN 19  536 536 GLN GLN A . n 
A 1 20  LEU 20  537 537 LEU LEU A . n 
A 1 21  LEU 21  538 538 LEU LEU A . n 
A 1 22  LYS 22  539 539 LYS LYS A . n 
A 1 23  ARG 23  540 540 ARG ARG A . n 
A 1 24  GLY 24  541 541 GLY GLY A . n 
A 1 25  LEU 25  542 542 LEU LEU A . n 
A 1 26  ASP 26  543 543 ASP ASP A . n 
A 1 27  PRO 27  544 544 PRO PRO A . n 
A 1 28  ASN 28  545 545 ASN ASN A . n 
A 1 29  GLU 29  546 546 GLU GLU A . n 
A 1 30  SER 30  547 547 SER SER A . n 
A 1 31  ASP 31  548 548 ASP ASP A . n 
A 1 32  ASN 32  549 549 ASN ASN A . n 
A 1 33  ASN 33  550 550 ASN ASN A . n 
A 1 34  GLY 34  551 551 GLY GLY A . n 
A 1 35  ARG 35  552 552 ARG ARG A . n 
A 1 36  THR 36  553 553 THR THR A . n 
A 1 37  PRO 37  554 554 PRO PRO A . n 
A 1 38  LEU 38  555 555 LEU LEU A . n 
A 1 39  HIS 39  556 556 HIS HIS A . n 
A 1 40  ILE 40  557 557 ILE ILE A . n 
A 1 41  ALA 41  558 558 ALA ALA A . n 
A 1 42  ALA 42  559 559 ALA ALA A . n 
A 1 43  SER 43  560 560 SER SER A . n 
A 1 44  LYS 44  561 561 LYS LYS A . n 
A 1 45  GLY 45  562 562 GLY GLY A . n 
A 1 46  THR 46  563 563 THR THR A . n 
A 1 47  LEU 47  564 564 LEU LEU A . n 
A 1 48  ASN 48  565 565 ASN ASN A . n 
A 1 49  CYS 49  566 566 CYS CYS A . n 
A 1 50  VAL 50  567 567 VAL VAL A . n 
A 1 51  LEU 51  568 568 LEU LEU A . n 
A 1 52  LEU 52  569 569 LEU LEU A . n 
A 1 53  LEU 53  570 570 LEU LEU A . n 
A 1 54  LEU 54  571 571 LEU LEU A . n 
A 1 55  GLU 55  572 572 GLU GLU A . n 
A 1 56  TYR 56  573 573 TYR TYR A . n 
A 1 57  HIS 57  574 574 HIS HIS A . n 
A 1 58  ALA 58  575 575 ALA ALA A . n 
A 1 59  ASP 59  576 576 ASP ASP A . n 
A 1 60  PRO 60  577 577 PRO PRO A . n 
A 1 61  ASN 61  578 578 ASN ASN A . n 
A 1 62  CYS 62  579 579 CYS CYS A . n 
A 1 63  ARG 63  580 580 ARG ARG A . n 
A 1 64  ASP 64  581 581 ASP ASP A . n 
A 1 65  ALA 65  582 582 ALA ALA A . n 
A 1 66  GLU 66  583 583 GLU GLU A . n 
A 1 67  GLY 67  584 584 GLY GLY A . n 
A 1 68  SER 68  585 585 SER SER A . n 
A 1 69  VAL 69  586 586 VAL VAL A . n 
A 1 70  PRO 70  587 587 PRO PRO A . n 
A 1 71  LEU 71  588 588 LEU LEU A . n 
A 1 72  TRP 72  589 589 TRP TRP A . n 
A 1 73  GLU 73  590 590 GLU GLU A . n 
A 1 74  ALA 74  591 591 ALA ALA A . n 
A 1 75  MET 75  592 592 MET MET A . n 
A 1 76  VAL 76  593 593 VAL VAL A . n 
A 1 77  GLU 77  594 594 GLU GLU A . n 
A 1 78  GLY 78  595 595 GLY GLY A . n 
A 1 79  HIS 79  596 596 HIS HIS A . n 
A 1 80  GLU 80  597 597 GLU GLU A . n 
A 1 81  LYS 81  598 598 LYS LYS A . n 
A 1 82  VAL 82  599 599 VAL VAL A . n 
A 1 83  VAL 83  600 600 VAL VAL A . n 
A 1 84  LYS 84  601 601 LYS LYS A . n 
A 1 85  VAL 85  602 602 VAL VAL A . n 
A 1 86  LEU 86  603 603 LEU LEU A . n 
A 1 87  LEU 87  604 604 LEU LEU A . n 
A 1 88  GLU 88  605 605 GLU GLU A . n 
A 1 89  HIS 89  606 606 HIS HIS A . n 
A 1 90  GLY 90  607 607 GLY GLY A . n 
A 1 91  SER 91  608 608 SER SER A . n 
A 1 92  THR 92  609 609 THR THR A . n 
A 1 93  ILE 93  610 610 ILE ILE A . n 
A 1 94  ASP 94  611 611 ASP ASP A . n 
A 1 95  ALA 95  612 612 ALA ALA A . n 
A 1 96  GLY 96  613 613 GLY GLY A . n 
A 1 97  ASP 97  614 614 ASP ASP A . n 
A 1 98  VAL 98  615 615 VAL VAL A . n 
A 1 99  GLY 99  616 616 GLY GLY A . n 
A 1 100 HIS 100 617 617 HIS HIS A . n 
A 1 101 PHE 101 618 618 PHE PHE A . n 
A 1 102 ALA 102 619 619 ALA ALA A . n 
A 1 103 CYS 103 620 620 CYS CYS A . n 
A 1 104 THR 104 621 621 THR THR A . n 
A 1 105 ALA 105 622 622 ALA ALA A . n 
A 1 106 ALA 106 623 623 ALA ALA A . n 
A 1 107 GLU 107 624 624 GLU GLU A . n 
A 1 108 GLN 108 625 625 GLN GLN A . n 
A 1 109 GLY 109 626 626 GLY GLY A . n 
A 1 110 ASN 110 627 627 ASN ASN A . n 
A 1 111 LEU 111 628 628 LEU LEU A . n 
A 1 112 LYS 112 629 629 LYS LYS A . n 
A 1 113 LEU 113 630 630 LEU LEU A . n 
A 1 114 LEU 114 631 631 LEU LEU A . n 
A 1 115 LYS 115 632 632 LYS LYS A . n 
A 1 116 GLU 116 633 633 GLU GLU A . n 
A 1 117 ILE 117 634 634 ILE ILE A . n 
A 1 118 VAL 118 635 635 VAL VAL A . n 
A 1 119 LEU 119 636 636 LEU LEU A . n 
A 1 120 HIS 120 637 637 HIS HIS A . n 
A 1 121 GLY 121 638 638 GLY GLY A . n 
A 1 122 GLY 122 639 639 GLY GLY A . n 
A 1 123 ASP 123 640 640 ASP ASP A . n 
A 1 124 VAL 124 641 641 VAL VAL A . n 
A 1 125 THR 125 642 642 THR THR A . n 
A 1 126 ARG 126 643 643 ARG ARG A . n 
A 1 127 PRO 127 644 644 PRO PRO A . n 
A 1 128 ARG 128 645 645 ARG ARG A . n 
A 1 129 ALA 129 646 646 ALA ALA A . n 
A 1 130 THR 130 647 647 THR THR A . n 
A 1 131 GLY 131 648 648 GLY GLY A . n 
A 1 132 THR 132 649 649 THR THR A . n 
A 1 133 SER 133 650 650 SER SER A . n 
A 1 134 ALA 134 651 651 ALA ALA A . n 
A 1 135 LEU 135 652 652 LEU LEU A . n 
A 1 136 HIS 136 653 653 HIS HIS A . n 
A 1 137 THR 137 654 654 THR THR A . n 
A 1 138 ALA 138 655 655 ALA ALA A . n 
A 1 139 VAL 139 656 656 VAL VAL A . n 
A 1 140 CYS 140 657 657 CYS CYS A . n 
A 1 141 GLU 141 658 658 GLU GLU A . n 
A 1 142 GLU 142 659 659 GLU GLU A . n 
A 1 143 ASN 143 660 660 ASN ASN A . n 
A 1 144 ILE 144 661 661 ILE ILE A . n 
A 1 145 GLU 145 662 662 GLU GLU A . n 
A 1 146 MET 146 663 663 MET MET A . n 
A 1 147 VAL 147 664 664 VAL VAL A . n 
A 1 148 LYS 148 665 665 LYS LYS A . n 
A 1 149 TYR 149 666 666 TYR TYR A . n 
A 1 150 LEU 150 667 667 LEU LEU A . n 
A 1 151 LEU 151 668 668 LEU LEU A . n 
A 1 152 GLU 152 669 669 GLU GLU A . n 
A 1 153 GLN 153 670 670 GLN GLN A . n 
A 1 154 GLY 154 671 671 GLY GLY A . n 
A 1 155 ALA 155 672 672 ALA ALA A . n 
A 1 156 ASP 156 673 673 ASP ASP A . n 
A 1 157 VAL 157 674 674 VAL VAL A . n 
A 1 158 ASN 158 675 675 ASN ASN A . n 
A 1 159 LYS 159 676 676 LYS LYS A . n 
A 1 160 GLN 160 677 677 GLN GLN A . n 
A 1 161 ASP 161 678 678 ASP ASP A . n 
A 1 162 MET 162 679 679 MET MET A . n 
A 1 163 HIS 163 680 680 HIS HIS A . n 
A 1 164 GLY 164 681 681 GLY GLY A . n 
A 1 165 TRP 165 682 682 TRP TRP A . n 
A 1 166 THR 166 683 683 THR THR A . n 
A 1 167 PRO 167 684 684 PRO PRO A . n 
A 1 168 ARG 168 685 685 ARG ARG A . n 
A 1 169 ASP 169 686 686 ASP ASP A . n 
A 1 170 LEU 170 687 687 LEU LEU A . n 
A 1 171 ALA 171 688 688 ALA ALA A . n 
A 1 172 GLU 172 689 689 GLU GLU A . n 
A 1 173 GLN 173 690 690 GLN GLN A . n 
A 1 174 GLN 174 691 691 GLN GLN A . n 
A 1 175 GLY 175 692 692 GLY GLY A . n 
A 1 176 HIS 176 693 693 HIS HIS A . n 
A 1 177 GLU 177 694 694 GLU GLU A . n 
A 1 178 ASP 178 695 695 ASP ASP A . n 
A 1 179 ILE 179 696 696 ILE ILE A . n 
A 1 180 LYS 180 697 697 LYS LYS A . n 
A 1 181 ALA 181 698 698 ALA ALA A . n 
A 1 182 LEU 182 699 699 LEU LEU A . n 
A 1 183 PHE 183 700 700 PHE PHE A . n 
A 1 184 ARG 184 701 701 ARG ARG A . n 
A 1 185 GLU 185 702 702 GLU GLU A . n 
# 
loop_
_pdbx_nonpoly_scheme.asym_id 
_pdbx_nonpoly_scheme.entity_id 
_pdbx_nonpoly_scheme.mon_id 
_pdbx_nonpoly_scheme.ndb_seq_num 
_pdbx_nonpoly_scheme.pdb_seq_num 
_pdbx_nonpoly_scheme.auth_seq_num 
_pdbx_nonpoly_scheme.pdb_mon_id 
_pdbx_nonpoly_scheme.auth_mon_id 
_pdbx_nonpoly_scheme.pdb_strand_id 
_pdbx_nonpoly_scheme.pdb_ins_code 
B 2 MG  1   1703 1703 MG  MG  A . 
C 2 MG  1   1704 1704 MG  MG  A . 
D 3 HOH 1   2001 2001 HOH HOH A . 
D 3 HOH 2   2002 2002 HOH HOH A . 
D 3 HOH 3   2003 2003 HOH HOH A . 
D 3 HOH 4   2004 2004 HOH HOH A . 
D 3 HOH 5   2005 2005 HOH HOH A . 
D 3 HOH 6   2006 2006 HOH HOH A . 
D 3 HOH 7   2007 2007 HOH HOH A . 
D 3 HOH 8   2008 2008 HOH HOH A . 
D 3 HOH 9   2009 2009 HOH HOH A . 
D 3 HOH 10  2010 2010 HOH HOH A . 
D 3 HOH 11  2011 2011 HOH HOH A . 
D 3 HOH 12  2012 2012 HOH HOH A . 
D 3 HOH 13  2013 2013 HOH HOH A . 
D 3 HOH 14  2014 2014 HOH HOH A . 
D 3 HOH 15  2015 2015 HOH HOH A . 
D 3 HOH 16  2016 2016 HOH HOH A . 
D 3 HOH 17  2017 2017 HOH HOH A . 
D 3 HOH 18  2018 2018 HOH HOH A . 
D 3 HOH 19  2019 2019 HOH HOH A . 
D 3 HOH 20  2020 2020 HOH HOH A . 
D 3 HOH 21  2021 2021 HOH HOH A . 
D 3 HOH 22  2022 2022 HOH HOH A . 
D 3 HOH 23  2023 2023 HOH HOH A . 
D 3 HOH 24  2024 2024 HOH HOH A . 
D 3 HOH 25  2025 2025 HOH HOH A . 
D 3 HOH 26  2026 2026 HOH HOH A . 
D 3 HOH 27  2027 2027 HOH HOH A . 
D 3 HOH 28  2028 2028 HOH HOH A . 
D 3 HOH 29  2029 2029 HOH HOH A . 
D 3 HOH 30  2030 2030 HOH HOH A . 
D 3 HOH 31  2031 2031 HOH HOH A . 
D 3 HOH 32  2032 2032 HOH HOH A . 
D 3 HOH 33  2033 2033 HOH HOH A . 
D 3 HOH 34  2034 2034 HOH HOH A . 
D 3 HOH 35  2035 2035 HOH HOH A . 
D 3 HOH 36  2036 2036 HOH HOH A . 
D 3 HOH 37  2037 2037 HOH HOH A . 
D 3 HOH 38  2038 2038 HOH HOH A . 
D 3 HOH 39  2039 2039 HOH HOH A . 
D 3 HOH 40  2040 2040 HOH HOH A . 
D 3 HOH 41  2041 2041 HOH HOH A . 
D 3 HOH 42  2042 2042 HOH HOH A . 
D 3 HOH 43  2043 2043 HOH HOH A . 
D 3 HOH 44  2044 2044 HOH HOH A . 
D 3 HOH 45  2045 2045 HOH HOH A . 
D 3 HOH 46  2046 2046 HOH HOH A . 
D 3 HOH 47  2047 2047 HOH HOH A . 
D 3 HOH 48  2048 2048 HOH HOH A . 
D 3 HOH 49  2049 2049 HOH HOH A . 
D 3 HOH 50  2050 2050 HOH HOH A . 
D 3 HOH 51  2051 2051 HOH HOH A . 
D 3 HOH 52  2052 2052 HOH HOH A . 
D 3 HOH 53  2053 2053 HOH HOH A . 
D 3 HOH 54  2054 2054 HOH HOH A . 
D 3 HOH 55  2055 2055 HOH HOH A . 
D 3 HOH 56  2056 2056 HOH HOH A . 
D 3 HOH 57  2057 2057 HOH HOH A . 
D 3 HOH 58  2058 2058 HOH HOH A . 
D 3 HOH 59  2059 2059 HOH HOH A . 
D 3 HOH 60  2060 2060 HOH HOH A . 
D 3 HOH 61  2061 2061 HOH HOH A . 
D 3 HOH 62  2062 2062 HOH HOH A . 
D 3 HOH 63  2063 2063 HOH HOH A . 
D 3 HOH 64  2064 2064 HOH HOH A . 
D 3 HOH 65  2065 2065 HOH HOH A . 
D 3 HOH 66  2066 2066 HOH HOH A . 
D 3 HOH 67  2067 2067 HOH HOH A . 
D 3 HOH 68  2068 2068 HOH HOH A . 
D 3 HOH 69  2069 2069 HOH HOH A . 
D 3 HOH 70  2070 2070 HOH HOH A . 
D 3 HOH 71  2071 2071 HOH HOH A . 
D 3 HOH 72  2072 2072 HOH HOH A . 
D 3 HOH 73  2073 2073 HOH HOH A . 
D 3 HOH 74  2074 2074 HOH HOH A . 
D 3 HOH 75  2075 2075 HOH HOH A . 
D 3 HOH 76  2076 2076 HOH HOH A . 
D 3 HOH 77  2077 2077 HOH HOH A . 
D 3 HOH 78  2078 2078 HOH HOH A . 
D 3 HOH 79  2079 2079 HOH HOH A . 
D 3 HOH 80  2080 2080 HOH HOH A . 
D 3 HOH 81  2081 2081 HOH HOH A . 
D 3 HOH 82  2082 2082 HOH HOH A . 
D 3 HOH 83  2083 2083 HOH HOH A . 
D 3 HOH 84  2084 2084 HOH HOH A . 
D 3 HOH 85  2085 2085 HOH HOH A . 
D 3 HOH 86  2086 2086 HOH HOH A . 
D 3 HOH 87  2087 2087 HOH HOH A . 
D 3 HOH 88  2088 2088 HOH HOH A . 
D 3 HOH 89  2089 2089 HOH HOH A . 
D 3 HOH 90  2090 2090 HOH HOH A . 
D 3 HOH 91  2091 2091 HOH HOH A . 
D 3 HOH 92  2092 2092 HOH HOH A . 
D 3 HOH 93  2093 2093 HOH HOH A . 
D 3 HOH 94  2094 2094 HOH HOH A . 
D 3 HOH 95  2095 2095 HOH HOH A . 
D 3 HOH 96  2096 2096 HOH HOH A . 
D 3 HOH 97  2097 2097 HOH HOH A . 
D 3 HOH 98  2098 2098 HOH HOH A . 
D 3 HOH 99  2099 2099 HOH HOH A . 
D 3 HOH 100 2100 2100 HOH HOH A . 
D 3 HOH 101 2101 2101 HOH HOH A . 
D 3 HOH 102 2102 2102 HOH HOH A . 
D 3 HOH 103 2103 2103 HOH HOH A . 
D 3 HOH 104 2104 2104 HOH HOH A . 
D 3 HOH 105 2105 2105 HOH HOH A . 
D 3 HOH 106 2106 2106 HOH HOH A . 
D 3 HOH 107 2107 2107 HOH HOH A . 
D 3 HOH 108 2108 2108 HOH HOH A . 
D 3 HOH 109 2109 2109 HOH HOH A . 
D 3 HOH 110 2110 2110 HOH HOH A . 
D 3 HOH 111 2111 2111 HOH HOH A . 
D 3 HOH 112 2112 2112 HOH HOH A . 
D 3 HOH 113 2113 2113 HOH HOH A . 
D 3 HOH 114 2114 2114 HOH HOH A . 
D 3 HOH 115 2115 2115 HOH HOH A . 
D 3 HOH 116 2116 2116 HOH HOH A . 
D 3 HOH 117 2117 2117 HOH HOH A . 
D 3 HOH 118 2118 2118 HOH HOH A . 
D 3 HOH 119 2119 2119 HOH HOH A . 
D 3 HOH 120 2120 2120 HOH HOH A . 
D 3 HOH 121 2121 2121 HOH HOH A . 
D 3 HOH 122 2122 2122 HOH HOH A . 
D 3 HOH 123 2123 2123 HOH HOH A . 
D 3 HOH 124 2124 2124 HOH HOH A . 
D 3 HOH 125 2125 2125 HOH HOH A . 
D 3 HOH 126 2126 2126 HOH HOH A . 
D 3 HOH 127 2127 2127 HOH HOH A . 
D 3 HOH 128 2128 2128 HOH HOH A . 
D 3 HOH 129 2129 2129 HOH HOH A . 
D 3 HOH 130 2130 2130 HOH HOH A . 
D 3 HOH 131 2131 2131 HOH HOH A . 
D 3 HOH 132 2132 2132 HOH HOH A . 
D 3 HOH 133 2133 2133 HOH HOH A . 
D 3 HOH 134 2134 2134 HOH HOH A . 
D 3 HOH 135 2135 2135 HOH HOH A . 
D 3 HOH 136 2136 2136 HOH HOH A . 
D 3 HOH 137 2137 2137 HOH HOH A . 
D 3 HOH 138 2138 2138 HOH HOH A . 
D 3 HOH 139 2139 2139 HOH HOH A . 
D 3 HOH 140 2140 2140 HOH HOH A . 
D 3 HOH 141 2141 2141 HOH HOH A . 
D 3 HOH 142 2142 2142 HOH HOH A . 
D 3 HOH 143 2143 2143 HOH HOH A . 
D 3 HOH 144 2144 2144 HOH HOH A . 
D 3 HOH 145 2145 2145 HOH HOH A . 
D 3 HOH 146 2146 2146 HOH HOH A . 
D 3 HOH 147 2147 2147 HOH HOH A . 
D 3 HOH 148 2148 2148 HOH HOH A . 
D 3 HOH 149 2149 2149 HOH HOH A . 
D 3 HOH 150 2150 2150 HOH HOH A . 
D 3 HOH 151 2151 2151 HOH HOH A . 
D 3 HOH 152 2152 2152 HOH HOH A . 
D 3 HOH 153 2153 2153 HOH HOH A . 
D 3 HOH 154 2154 2154 HOH HOH A . 
D 3 HOH 155 2155 2155 HOH HOH A . 
D 3 HOH 156 2156 2156 HOH HOH A . 
D 3 HOH 157 2157 2157 HOH HOH A . 
D 3 HOH 158 2158 2158 HOH HOH A . 
D 3 HOH 159 2159 2159 HOH HOH A . 
D 3 HOH 160 2160 2160 HOH HOH A . 
D 3 HOH 161 2161 2161 HOH HOH A . 
D 3 HOH 162 2162 2162 HOH HOH A . 
D 3 HOH 163 2163 2163 HOH HOH A . 
D 3 HOH 164 2164 2164 HOH HOH A . 
D 3 HOH 165 2165 2165 HOH HOH A . 
D 3 HOH 166 2166 2166 HOH HOH A . 
D 3 HOH 167 2167 2167 HOH HOH A . 
D 3 HOH 168 2168 2168 HOH HOH A . 
D 3 HOH 169 2169 2169 HOH HOH A . 
D 3 HOH 170 2170 2170 HOH HOH A . 
D 3 HOH 171 2171 2171 HOH HOH A . 
D 3 HOH 172 2172 2172 HOH HOH A . 
D 3 HOH 173 2173 2173 HOH HOH A . 
D 3 HOH 174 2174 2174 HOH HOH A . 
D 3 HOH 175 2175 2175 HOH HOH A . 
D 3 HOH 176 2176 2176 HOH HOH A . 
D 3 HOH 177 2177 2177 HOH HOH A . 
D 3 HOH 178 2178 2178 HOH HOH A . 
# 
loop_
_software.name 
_software.classification 
_software.version 
_software.citation_id 
_software.pdbx_ordinal 
PHENIX refinement       '(PHENIX.REFINE)' ? 1 
XDS    'data reduction' .                 ? 2 
XDS    'data scaling'   .                 ? 3 
MOLREP phasing          .                 ? 4 
# 
_cell.entry_id           5AAR 
_cell.length_a           34.921 
_cell.length_b           85.570 
_cell.length_c           65.989 
_cell.angle_alpha        90.00 
_cell.angle_beta         90.00 
_cell.angle_gamma        90.00 
_cell.Z_PDB              4 
_cell.pdbx_unique_axis   ? 
# 
_symmetry.entry_id                         5AAR 
_symmetry.space_group_name_H-M             'P 21 21 2' 
_symmetry.pdbx_full_space_group_name_H-M   ? 
_symmetry.cell_setting                     ? 
_symmetry.Int_Tables_number                18 
# 
_exptl.entry_id          5AAR 
_exptl.method            'X-RAY DIFFRACTION' 
_exptl.crystals_number   1 
# 
_exptl_crystal.id                    1 
_exptl_crystal.density_meas          ? 
_exptl_crystal.density_Matthews      2.38 
_exptl_crystal.density_percent_sol   48.38 
_exptl_crystal.description           NONE 
# 
_exptl_crystal_grow.crystal_id      1 
_exptl_crystal_grow.method          ? 
_exptl_crystal_grow.temp            ? 
_exptl_crystal_grow.temp_details    ? 
_exptl_crystal_grow.pH              ? 
_exptl_crystal_grow.pdbx_pH_range   ? 
_exptl_crystal_grow.pdbx_details    '0.1 M TRIS PH 8.5, 25% PEG 4000, 0.3 M MGCL2' 
# 
_diffrn.id                     1 
_diffrn.ambient_temp           100 
_diffrn.ambient_temp_details   ? 
_diffrn.crystal_id             1 
# 
_diffrn_detector.diffrn_id              1 
_diffrn_detector.detector               CCD 
_diffrn_detector.type                   'ADSC CCD' 
_diffrn_detector.pdbx_collection_date   2011-07-18 
_diffrn_detector.details                ? 
# 
_diffrn_radiation.diffrn_id                        1 
_diffrn_radiation.wavelength_id                    1 
_diffrn_radiation.pdbx_monochromatic_or_laue_m_l   M 
_diffrn_radiation.monochromator                    ? 
_diffrn_radiation.pdbx_diffrn_protocol             'SINGLE WAVELENGTH' 
_diffrn_radiation.pdbx_scattering_type             x-ray 
# 
_diffrn_radiation_wavelength.id           1 
_diffrn_radiation_wavelength.wavelength   0.9400 
_diffrn_radiation_wavelength.wt           1.0 
# 
_diffrn_source.diffrn_id                   1 
_diffrn_source.source                      SYNCHROTRON 
_diffrn_source.type                        'ESRF BEAMLINE ID14-1' 
_diffrn_source.pdbx_synchrotron_site       ESRF 
_diffrn_source.pdbx_synchrotron_beamline   ID14-1 
_diffrn_source.pdbx_wavelength             0.9400 
_diffrn_source.pdbx_wavelength_list        ? 
# 
_reflns.pdbx_diffrn_id               1 
_reflns.pdbx_ordinal                 1 
_reflns.entry_id                     5AAR 
_reflns.observed_criterion_sigma_I   1.1 
_reflns.observed_criterion_sigma_F   ? 
_reflns.d_resolution_low             42.79 
_reflns.d_resolution_high            1.87 
_reflns.number_obs                   16865 
_reflns.number_all                   ? 
_reflns.percent_possible_obs         99.1 
_reflns.pdbx_Rmerge_I_obs            0.08 
_reflns.pdbx_Rsym_value              ? 
_reflns.pdbx_netI_over_sigmaI        13.80 
_reflns.B_iso_Wilson_estimate        27.30 
_reflns.pdbx_redundancy              4.5 
# 
_reflns_shell.pdbx_diffrn_id         1 
_reflns_shell.pdbx_ordinal           1 
_reflns_shell.d_res_high             1.87 
_reflns_shell.d_res_low              1.89 
_reflns_shell.percent_possible_all   99.1 
_reflns_shell.Rmerge_I_obs           0.90 
_reflns_shell.pdbx_Rsym_value        ? 
_reflns_shell.meanI_over_sigI_obs    1.10 
_reflns_shell.pdbx_redundancy        3.0 
# 
_refine.pdbx_refine_id                           'X-RAY DIFFRACTION' 
_refine.entry_id                                 5AAR 
_refine.pdbx_diffrn_id                           1 
_refine.pdbx_TLS_residual_ADP_flag               ? 
_refine.ls_number_reflns_obs                     16833 
_refine.ls_number_reflns_all                     ? 
_refine.pdbx_ls_sigma_I                          ? 
_refine.pdbx_ls_sigma_F                          0.16 
_refine.pdbx_data_cutoff_high_absF               ? 
_refine.pdbx_data_cutoff_low_absF                ? 
_refine.pdbx_data_cutoff_high_rms_absF           ? 
_refine.ls_d_res_low                             42.785 
_refine.ls_d_res_high                            1.870 
_refine.ls_percent_reflns_obs                    99.08 
_refine.ls_R_factor_obs                          0.1995 
_refine.ls_R_factor_all                          ? 
_refine.ls_R_factor_R_work                       0.1969 
_refine.ls_R_factor_R_free                       0.2534 
_refine.ls_R_factor_R_free_error                 ? 
_refine.ls_R_factor_R_free_error_details         ? 
_refine.ls_percent_reflns_R_free                 5.0 
_refine.ls_number_reflns_R_free                  1563 
_refine.ls_number_parameters                     ? 
_refine.ls_number_restraints                     ? 
_refine.occupancy_min                            ? 
_refine.occupancy_max                            ? 
_refine.correlation_coeff_Fo_to_Fc               ? 
_refine.correlation_coeff_Fo_to_Fc_free          ? 
_refine.B_iso_mean                               ? 
_refine.aniso_B[1][1]                            ? 
_refine.aniso_B[2][2]                            ? 
_refine.aniso_B[3][3]                            ? 
_refine.aniso_B[1][2]                            ? 
_refine.aniso_B[1][3]                            ? 
_refine.aniso_B[2][3]                            ? 
_refine.solvent_model_details                    'FLAT BULK SOLVENT MODEL' 
_refine.solvent_model_param_ksol                 ? 
_refine.solvent_model_param_bsol                 ? 
_refine.pdbx_solvent_vdw_probe_radii             1.11 
_refine.pdbx_solvent_ion_probe_radii             ? 
_refine.pdbx_solvent_shrinkage_radii             0.90 
_refine.pdbx_ls_cross_valid_method               ? 
_refine.details                                  ? 
_refine.pdbx_starting_model                      'PDB ENTRY 2XEH' 
_refine.pdbx_method_to_determine_struct          'MOLECULAR REPLACEMENT' 
_refine.pdbx_isotropic_thermal_model             ? 
_refine.pdbx_stereochemistry_target_values       ML 
_refine.pdbx_stereochem_target_val_spec_case     ? 
_refine.pdbx_R_Free_selection_details            ? 
_refine.pdbx_overall_ESU_R                       ? 
_refine.pdbx_overall_ESU_R_Free                  ? 
_refine.overall_SU_ML                            0.28 
_refine.pdbx_overall_phase_error                 26.14 
_refine.overall_SU_B                             ? 
_refine.overall_SU_R_Cruickshank_DPI             ? 
_refine.pdbx_overall_SU_R_free_Cruickshank_DPI   ? 
_refine.pdbx_overall_SU_R_Blow_DPI               ? 
_refine.pdbx_overall_SU_R_free_Blow_DPI          ? 
# 
_refine_hist.pdbx_refine_id                   'X-RAY DIFFRACTION' 
_refine_hist.cycle_id                         LAST 
_refine_hist.pdbx_number_atoms_protein        1426 
_refine_hist.pdbx_number_atoms_nucleic_acid   0 
_refine_hist.pdbx_number_atoms_ligand         2 
_refine_hist.number_atoms_solvent             178 
_refine_hist.number_atoms_total               1606 
_refine_hist.d_res_high                       1.870 
_refine_hist.d_res_low                        42.785 
# 
loop_
_refine_ls_restr.type 
_refine_ls_restr.dev_ideal 
_refine_ls_restr.dev_ideal_target 
_refine_ls_restr.weight 
_refine_ls_restr.number 
_refine_ls_restr.pdbx_refine_id 
_refine_ls_restr.pdbx_restraint_function 
f_bond_d           0.009  ? ? 1467 'X-RAY DIFFRACTION' ? 
f_angle_d          0.973  ? ? 1974 'X-RAY DIFFRACTION' ? 
f_dihedral_angle_d 13.803 ? ? 539  'X-RAY DIFFRACTION' ? 
f_chiral_restr     0.038  ? ? 225  'X-RAY DIFFRACTION' ? 
f_plane_restr      0.005  ? ? 262  'X-RAY DIFFRACTION' ? 
# 
loop_
_refine_ls_shell.pdbx_refine_id 
_refine_ls_shell.pdbx_total_number_of_bins_used 
_refine_ls_shell.d_res_high 
_refine_ls_shell.d_res_low 
_refine_ls_shell.number_reflns_R_work 
_refine_ls_shell.R_factor_R_work 
_refine_ls_shell.percent_reflns_obs 
_refine_ls_shell.R_factor_R_free 
_refine_ls_shell.R_factor_R_free_error 
_refine_ls_shell.percent_reflns_R_free 
_refine_ls_shell.number_reflns_R_free 
_refine_ls_shell.number_reflns_all 
_refine_ls_shell.R_factor_all 
'X-RAY DIFFRACTION' . 1.8700 1.9304  2560 0.3467 93.00  0.3870 . . 126 . . 
'X-RAY DIFFRACTION' . 1.9304 1.9994  2649 0.3051 99.00  0.3388 . . 160 . . 
'X-RAY DIFFRACTION' . 1.9994 2.0794  2760 0.2606 100.00 0.3512 . . 124 . . 
'X-RAY DIFFRACTION' . 2.0794 2.1741  2693 0.2450 100.00 0.3113 . . 167 . . 
'X-RAY DIFFRACTION' . 2.1741 2.2887  2700 0.2272 100.00 0.2694 . . 164 . . 
'X-RAY DIFFRACTION' . 2.2887 2.4321  2689 0.2192 100.00 0.2823 . . 180 . . 
'X-RAY DIFFRACTION' . 2.4321 2.6198  2702 0.1979 100.00 0.2554 . . 161 . . 
'X-RAY DIFFRACTION' . 2.6198 2.8834  2786 0.1917 100.00 0.2341 . . 109 . . 
'X-RAY DIFFRACTION' . 2.8834 3.3005  2726 0.1849 100.00 0.2726 . . 134 . . 
'X-RAY DIFFRACTION' . 3.3005 4.1578  2732 0.1557 100.00 0.2079 . . 130 . . 
'X-RAY DIFFRACTION' . 4.1578 42.7962 2758 0.1720 100.00 0.2001 . . 108 . . 
# 
_struct.entry_id                  5AAR 
_struct.title                     'Structure of the ankyrin domain of an Arabidopsis Thaliana potassium channel' 
_struct.pdbx_model_details        ? 
_struct.pdbx_CASP_flag            ? 
_struct.pdbx_model_type_details   ? 
# 
_struct_keywords.entry_id        5AAR 
_struct_keywords.pdbx_keywords   'TRANSPORT PROTEIN' 
_struct_keywords.text            'TRANSPORT PROTEIN, ANKYRIN, ABIOTIC STRESS, ION HOMEOSTASIS' 
# 
loop_
_struct_asym.id 
_struct_asym.pdbx_blank_PDB_chainid_flag 
_struct_asym.pdbx_modified 
_struct_asym.entity_id 
_struct_asym.details 
A N N 1 ? 
B N N 2 ? 
C N N 2 ? 
D N N 3 ? 
# 
_struct_ref.id                         1 
_struct_ref.db_name                    UNP 
_struct_ref.db_code                    AKT1_ARATH 
_struct_ref.entity_id                  1 
_struct_ref.pdbx_seq_one_letter_code   ? 
_struct_ref.pdbx_align_begin           ? 
_struct_ref.pdbx_db_accession          Q38998 
_struct_ref.pdbx_db_isoform            ? 
# 
_struct_ref_seq.align_id                      1 
_struct_ref_seq.ref_id                        1 
_struct_ref_seq.pdbx_PDB_id_code              5AAR 
_struct_ref_seq.pdbx_strand_id                A 
_struct_ref_seq.seq_align_beg                 1 
_struct_ref_seq.pdbx_seq_align_beg_ins_code   ? 
_struct_ref_seq.seq_align_end                 185 
_struct_ref_seq.pdbx_seq_align_end_ins_code   ? 
_struct_ref_seq.pdbx_db_accession             Q38998 
_struct_ref_seq.db_align_beg                  518 
_struct_ref_seq.pdbx_db_align_beg_ins_code    ? 
_struct_ref_seq.db_align_end                  702 
_struct_ref_seq.pdbx_db_align_end_ins_code    ? 
_struct_ref_seq.pdbx_auth_seq_align_beg       518 
_struct_ref_seq.pdbx_auth_seq_align_end       702 
# 
_pdbx_struct_assembly.id                   1 
_pdbx_struct_assembly.details              author_and_software_defined_assembly 
_pdbx_struct_assembly.method_details       PISA 
_pdbx_struct_assembly.oligomeric_details   monomeric 
_pdbx_struct_assembly.oligomeric_count     1 
# 
_pdbx_struct_assembly_gen.assembly_id       1 
_pdbx_struct_assembly_gen.oper_expression   1 
_pdbx_struct_assembly_gen.asym_id_list      A,B,C,D 
# 
_pdbx_struct_oper_list.id                   1 
_pdbx_struct_oper_list.type                 'identity operation' 
_pdbx_struct_oper_list.name                 1_555 
_pdbx_struct_oper_list.symmetry_operation   x,y,z 
_pdbx_struct_oper_list.matrix[1][1]         1.0000000000 
_pdbx_struct_oper_list.matrix[1][2]         0.0000000000 
_pdbx_struct_oper_list.matrix[1][3]         0.0000000000 
_pdbx_struct_oper_list.vector[1]            0.0000000000 
_pdbx_struct_oper_list.matrix[2][1]         0.0000000000 
_pdbx_struct_oper_list.matrix[2][2]         1.0000000000 
_pdbx_struct_oper_list.matrix[2][3]         0.0000000000 
_pdbx_struct_oper_list.vector[2]            0.0000000000 
_pdbx_struct_oper_list.matrix[3][1]         0.0000000000 
_pdbx_struct_oper_list.matrix[3][2]         0.0000000000 
_pdbx_struct_oper_list.matrix[3][3]         1.0000000000 
_pdbx_struct_oper_list.vector[3]            0.0000000000 
# 
_struct_biol.id   1 
# 
loop_
_struct_conf.conf_type_id 
_struct_conf.id 
_struct_conf.pdbx_PDB_helix_id 
_struct_conf.beg_label_comp_id 
_struct_conf.beg_label_asym_id 
_struct_conf.beg_label_seq_id 
_struct_conf.pdbx_beg_PDB_ins_code 
_struct_conf.end_label_comp_id 
_struct_conf.end_label_asym_id 
_struct_conf.end_label_seq_id 
_struct_conf.pdbx_end_PDB_ins_code 
_struct_conf.beg_auth_comp_id 
_struct_conf.beg_auth_asym_id 
_struct_conf.beg_auth_seq_id 
_struct_conf.end_auth_comp_id 
_struct_conf.end_auth_asym_id 
_struct_conf.end_auth_seq_id 
_struct_conf.pdbx_PDB_helix_class 
_struct_conf.details 
_struct_conf.pdbx_PDB_helix_length 
HELX_P HELX_P1  1  ASN A 4   ? ARG A 11  ? ASN A 521 ARG A 528 1 ? 8  
HELX_P HELX_P2  2  ASP A 13  ? ARG A 23  ? ASP A 530 ARG A 540 1 ? 11 
HELX_P HELX_P3  3  THR A 36  ? GLY A 45  ? THR A 553 GLY A 562 1 ? 10 
HELX_P HELX_P4  4  THR A 46  ? TYR A 56  ? THR A 563 TYR A 573 1 ? 11 
HELX_P HELX_P5  5  VAL A 69  ? GLU A 77  ? VAL A 586 GLU A 594 1 ? 9  
HELX_P HELX_P6  6  HIS A 79  ? HIS A 89  ? HIS A 596 HIS A 606 1 ? 11 
HELX_P HELX_P7  7  THR A 92  ? GLY A 96  ? THR A 609 GLY A 613 5 ? 5  
HELX_P HELX_P8  8  ASP A 97  ? GLN A 108 ? ASP A 614 GLN A 625 1 ? 12 
HELX_P HELX_P9  9  ASN A 110 ? HIS A 120 ? ASN A 627 HIS A 637 1 ? 11 
HELX_P HELX_P10 10 SER A 133 ? GLU A 141 ? SER A 650 GLU A 658 1 ? 9  
HELX_P HELX_P11 11 ASN A 143 ? GLN A 153 ? ASN A 660 GLN A 670 1 ? 11 
HELX_P HELX_P12 12 THR A 166 ? GLN A 174 ? THR A 683 GLN A 691 1 ? 9  
HELX_P HELX_P13 13 HIS A 176 ? GLU A 185 ? HIS A 693 GLU A 702 1 ? 10 
# 
_struct_conf_type.id          HELX_P 
_struct_conf_type.criteria    ? 
_struct_conf_type.reference   ? 
# 
loop_
_struct_conn.id 
_struct_conn.conn_type_id 
_struct_conn.pdbx_leaving_atom_flag 
_struct_conn.pdbx_PDB_id 
_struct_conn.ptnr1_label_asym_id 
_struct_conn.ptnr1_label_comp_id 
_struct_conn.ptnr1_label_seq_id 
_struct_conn.ptnr1_label_atom_id 
_struct_conn.pdbx_ptnr1_label_alt_id 
_struct_conn.pdbx_ptnr1_PDB_ins_code 
_struct_conn.pdbx_ptnr1_standard_comp_id 
_struct_conn.ptnr1_symmetry 
_struct_conn.ptnr2_label_asym_id 
_struct_conn.ptnr2_label_comp_id 
_struct_conn.ptnr2_label_seq_id 
_struct_conn.ptnr2_label_atom_id 
_struct_conn.pdbx_ptnr2_label_alt_id 
_struct_conn.pdbx_ptnr2_PDB_ins_code 
_struct_conn.ptnr1_auth_asym_id 
_struct_conn.ptnr1_auth_comp_id 
_struct_conn.ptnr1_auth_seq_id 
_struct_conn.ptnr2_auth_asym_id 
_struct_conn.ptnr2_auth_comp_id 
_struct_conn.ptnr2_auth_seq_id 
_struct_conn.ptnr2_symmetry 
_struct_conn.pdbx_ptnr3_label_atom_id 
_struct_conn.pdbx_ptnr3_label_seq_id 
_struct_conn.pdbx_ptnr3_label_comp_id 
_struct_conn.pdbx_ptnr3_label_asym_id 
_struct_conn.pdbx_ptnr3_label_alt_id 
_struct_conn.pdbx_ptnr3_PDB_ins_code 
_struct_conn.details 
_struct_conn.pdbx_dist_value 
_struct_conn.pdbx_value_order 
_struct_conn.pdbx_role 
metalc1  metalc ? ? A ASP 14 OD1 ? ? ? 1_555 B MG  . MG ? ? A ASP 531  A MG  1703 1_555 ? ? ? ? ? ? ? 2.171 ? ? 
metalc2  metalc ? ? A HIS 57 NE2 ? ? ? 1_555 C MG  . MG ? ? A HIS 574  A MG  1704 1_555 ? ? ? ? ? ? ? 1.993 ? ? 
metalc3  metalc ? ? B MG  .  MG  ? ? ? 1_555 D HOH . O  ? ? A MG  1703 A HOH 2027 1_555 ? ? ? ? ? ? ? 2.061 ? ? 
metalc4  metalc ? ? B MG  .  MG  ? ? ? 1_555 D HOH . O  ? ? A MG  1703 A HOH 2033 1_555 ? ? ? ? ? ? ? 2.099 ? ? 
metalc5  metalc ? ? B MG  .  MG  ? ? ? 1_555 D HOH . O  ? ? A MG  1703 A HOH 2034 1_555 ? ? ? ? ? ? ? 2.054 ? ? 
metalc6  metalc ? ? B MG  .  MG  ? ? ? 1_555 D HOH . O  ? ? A MG  1703 A HOH 2035 1_555 ? ? ? ? ? ? ? 2.122 ? ? 
metalc7  metalc ? ? B MG  .  MG  ? ? ? 1_555 D HOH . O  ? ? A MG  1703 A HOH 2177 1_555 ? ? ? ? ? ? ? 2.079 ? ? 
metalc8  metalc ? ? C MG  .  MG  ? ? ? 1_555 D HOH . O  ? ? A MG  1704 A HOH 2076 1_555 ? ? ? ? ? ? ? 2.132 ? ? 
metalc9  metalc ? ? C MG  .  MG  ? ? ? 1_555 D HOH . O  ? ? A MG  1704 A HOH 2083 1_555 ? ? ? ? ? ? ? 2.136 ? ? 
metalc10 metalc ? ? C MG  .  MG  ? ? ? 1_555 D HOH . O  ? ? A MG  1704 A HOH 2084 1_555 ? ? ? ? ? ? ? 2.062 ? ? 
metalc11 metalc ? ? C MG  .  MG  ? ? ? 1_555 D HOH . O  ? ? A MG  1704 A HOH 2085 1_555 ? ? ? ? ? ? ? 2.078 ? ? 
metalc12 metalc ? ? C MG  .  MG  ? ? ? 1_555 D HOH . O  ? ? A MG  1704 A HOH 2178 1_555 ? ? ? ? ? ? ? 2.090 ? ? 
# 
_struct_conn_type.id          metalc 
_struct_conn_type.criteria    ? 
_struct_conn_type.reference   ? 
# 
loop_
_pdbx_struct_conn_angle.id 
_pdbx_struct_conn_angle.ptnr1_label_atom_id 
_pdbx_struct_conn_angle.ptnr1_label_alt_id 
_pdbx_struct_conn_angle.ptnr1_label_asym_id 
_pdbx_struct_conn_angle.ptnr1_label_comp_id 
_pdbx_struct_conn_angle.ptnr1_label_seq_id 
_pdbx_struct_conn_angle.ptnr1_auth_atom_id 
_pdbx_struct_conn_angle.ptnr1_auth_asym_id 
_pdbx_struct_conn_angle.ptnr1_auth_comp_id 
_pdbx_struct_conn_angle.ptnr1_auth_seq_id 
_pdbx_struct_conn_angle.ptnr1_PDB_ins_code 
_pdbx_struct_conn_angle.ptnr1_symmetry 
_pdbx_struct_conn_angle.ptnr2_label_atom_id 
_pdbx_struct_conn_angle.ptnr2_label_alt_id 
_pdbx_struct_conn_angle.ptnr2_label_asym_id 
_pdbx_struct_conn_angle.ptnr2_label_comp_id 
_pdbx_struct_conn_angle.ptnr2_label_seq_id 
_pdbx_struct_conn_angle.ptnr2_auth_atom_id 
_pdbx_struct_conn_angle.ptnr2_auth_asym_id 
_pdbx_struct_conn_angle.ptnr2_auth_comp_id 
_pdbx_struct_conn_angle.ptnr2_auth_seq_id 
_pdbx_struct_conn_angle.ptnr2_PDB_ins_code 
_pdbx_struct_conn_angle.ptnr2_symmetry 
_pdbx_struct_conn_angle.ptnr3_label_atom_id 
_pdbx_struct_conn_angle.ptnr3_label_alt_id 
_pdbx_struct_conn_angle.ptnr3_label_asym_id 
_pdbx_struct_conn_angle.ptnr3_label_comp_id 
_pdbx_struct_conn_angle.ptnr3_label_seq_id 
_pdbx_struct_conn_angle.ptnr3_auth_atom_id 
_pdbx_struct_conn_angle.ptnr3_auth_asym_id 
_pdbx_struct_conn_angle.ptnr3_auth_comp_id 
_pdbx_struct_conn_angle.ptnr3_auth_seq_id 
_pdbx_struct_conn_angle.ptnr3_PDB_ins_code 
_pdbx_struct_conn_angle.ptnr3_symmetry 
_pdbx_struct_conn_angle.value 
_pdbx_struct_conn_angle.value_esd 
1  OD1 ? A ASP 14 ? A ASP 531  ? 1_555 MG ? B MG . ? A MG 1703 ? 1_555 O ? D HOH . ? A HOH 2027 ? 1_555 105.7 ? 
2  OD1 ? A ASP 14 ? A ASP 531  ? 1_555 MG ? B MG . ? A MG 1703 ? 1_555 O ? D HOH . ? A HOH 2033 ? 1_555 86.0  ? 
3  O   ? D HOH .  ? A HOH 2027 ? 1_555 MG ? B MG . ? A MG 1703 ? 1_555 O ? D HOH . ? A HOH 2033 ? 1_555 157.3 ? 
4  OD1 ? A ASP 14 ? A ASP 531  ? 1_555 MG ? B MG . ? A MG 1703 ? 1_555 O ? D HOH . ? A HOH 2034 ? 1_555 100.9 ? 
5  O   ? D HOH .  ? A HOH 2027 ? 1_555 MG ? B MG . ? A MG 1703 ? 1_555 O ? D HOH . ? A HOH 2034 ? 1_555 71.3  ? 
6  O   ? D HOH .  ? A HOH 2033 ? 1_555 MG ? B MG . ? A MG 1703 ? 1_555 O ? D HOH . ? A HOH 2034 ? 1_555 87.6  ? 
7  OD1 ? A ASP 14 ? A ASP 531  ? 1_555 MG ? B MG . ? A MG 1703 ? 1_555 O ? D HOH . ? A HOH 2035 ? 1_555 82.5  ? 
8  O   ? D HOH .  ? A HOH 2027 ? 1_555 MG ? B MG . ? A MG 1703 ? 1_555 O ? D HOH . ? A HOH 2035 ? 1_555 100.0 ? 
9  O   ? D HOH .  ? A HOH 2033 ? 1_555 MG ? B MG . ? A MG 1703 ? 1_555 O ? D HOH . ? A HOH 2035 ? 1_555 100.8 ? 
10 O   ? D HOH .  ? A HOH 2034 ? 1_555 MG ? B MG . ? A MG 1703 ? 1_555 O ? D HOH . ? A HOH 2035 ? 1_555 171.2 ? 
11 OD1 ? A ASP 14 ? A ASP 531  ? 1_555 MG ? B MG . ? A MG 1703 ? 1_555 O ? D HOH . ? A HOH 2177 ? 1_555 162.6 ? 
12 O   ? D HOH .  ? A HOH 2027 ? 1_555 MG ? B MG . ? A MG 1703 ? 1_555 O ? D HOH . ? A HOH 2177 ? 1_555 90.4  ? 
13 O   ? D HOH .  ? A HOH 2033 ? 1_555 MG ? B MG . ? A MG 1703 ? 1_555 O ? D HOH . ? A HOH 2177 ? 1_555 81.1  ? 
14 O   ? D HOH .  ? A HOH 2034 ? 1_555 MG ? B MG . ? A MG 1703 ? 1_555 O ? D HOH . ? A HOH 2177 ? 1_555 90.2  ? 
15 O   ? D HOH .  ? A HOH 2035 ? 1_555 MG ? B MG . ? A MG 1703 ? 1_555 O ? D HOH . ? A HOH 2177 ? 1_555 88.4  ? 
16 NE2 ? A HIS 57 ? A HIS 574  ? 1_555 MG ? C MG . ? A MG 1704 ? 1_555 O ? D HOH . ? A HOH 2076 ? 1_555 103.1 ? 
17 NE2 ? A HIS 57 ? A HIS 574  ? 1_555 MG ? C MG . ? A MG 1704 ? 1_555 O ? D HOH . ? A HOH 2083 ? 1_555 90.0  ? 
18 O   ? D HOH .  ? A HOH 2076 ? 1_555 MG ? C MG . ? A MG 1704 ? 1_555 O ? D HOH . ? A HOH 2083 ? 1_555 166.4 ? 
19 NE2 ? A HIS 57 ? A HIS 574  ? 1_555 MG ? C MG . ? A MG 1704 ? 1_555 O ? D HOH . ? A HOH 2084 ? 1_555 95.7  ? 
20 O   ? D HOH .  ? A HOH 2076 ? 1_555 MG ? C MG . ? A MG 1704 ? 1_555 O ? D HOH . ? A HOH 2084 ? 1_555 88.1  ? 
21 O   ? D HOH .  ? A HOH 2083 ? 1_555 MG ? C MG . ? A MG 1704 ? 1_555 O ? D HOH . ? A HOH 2084 ? 1_555 87.0  ? 
22 NE2 ? A HIS 57 ? A HIS 574  ? 1_555 MG ? C MG . ? A MG 1704 ? 1_555 O ? D HOH . ? A HOH 2085 ? 1_555 108.6 ? 
23 O   ? D HOH .  ? A HOH 2076 ? 1_555 MG ? C MG . ? A MG 1704 ? 1_555 O ? D HOH . ? A HOH 2085 ? 1_555 87.9  ? 
24 O   ? D HOH .  ? A HOH 2083 ? 1_555 MG ? C MG . ? A MG 1704 ? 1_555 O ? D HOH . ? A HOH 2085 ? 1_555 91.4  ? 
25 O   ? D HOH .  ? A HOH 2084 ? 1_555 MG ? C MG . ? A MG 1704 ? 1_555 O ? D HOH . ? A HOH 2085 ? 1_555 155.7 ? 
26 NE2 ? A HIS 57 ? A HIS 574  ? 1_555 MG ? C MG . ? A MG 1704 ? 1_555 O ? D HOH . ? A HOH 2178 ? 1_555 167.8 ? 
27 O   ? D HOH .  ? A HOH 2076 ? 1_555 MG ? C MG . ? A MG 1704 ? 1_555 O ? D HOH . ? A HOH 2178 ? 1_555 85.1  ? 
28 O   ? D HOH .  ? A HOH 2083 ? 1_555 MG ? C MG . ? A MG 1704 ? 1_555 O ? D HOH . ? A HOH 2178 ? 1_555 81.4  ? 
29 O   ? D HOH .  ? A HOH 2084 ? 1_555 MG ? C MG . ? A MG 1704 ? 1_555 O ? D HOH . ? A HOH 2178 ? 1_555 75.5  ? 
30 O   ? D HOH .  ? A HOH 2085 ? 1_555 MG ? C MG . ? A MG 1704 ? 1_555 O ? D HOH . ? A HOH 2178 ? 1_555 80.4  ? 
# 
loop_
_struct_site.id 
_struct_site.pdbx_evidence_code 
_struct_site.pdbx_auth_asym_id 
_struct_site.pdbx_auth_comp_id 
_struct_site.pdbx_auth_seq_id 
_struct_site.pdbx_auth_ins_code 
_struct_site.pdbx_num_residues 
_struct_site.details 
AC1 Software A MG 1703 ? 6 'BINDING SITE FOR RESIDUE MG A 1703' 
AC2 Software A MG 1704 ? 6 'BINDING SITE FOR RESIDUE MG A 1704' 
# 
loop_
_struct_site_gen.id 
_struct_site_gen.site_id 
_struct_site_gen.pdbx_num_res 
_struct_site_gen.label_comp_id 
_struct_site_gen.label_asym_id 
_struct_site_gen.label_seq_id 
_struct_site_gen.pdbx_auth_ins_code 
_struct_site_gen.auth_comp_id 
_struct_site_gen.auth_asym_id 
_struct_site_gen.auth_seq_id 
_struct_site_gen.label_atom_id 
_struct_site_gen.label_alt_id 
_struct_site_gen.symmetry 
_struct_site_gen.details 
1  AC1 6 ASP A 14 ? ASP A 531  . ? 1_555 ? 
2  AC1 6 HOH D .  ? HOH A 2027 . ? 1_555 ? 
3  AC1 6 HOH D .  ? HOH A 2033 . ? 1_555 ? 
4  AC1 6 HOH D .  ? HOH A 2034 . ? 1_555 ? 
5  AC1 6 HOH D .  ? HOH A 2035 . ? 1_555 ? 
6  AC1 6 HOH D .  ? HOH A 2177 . ? 1_555 ? 
7  AC2 6 HIS A 57 ? HIS A 574  . ? 1_555 ? 
8  AC2 6 HOH D .  ? HOH A 2076 . ? 1_555 ? 
9  AC2 6 HOH D .  ? HOH A 2083 . ? 1_555 ? 
10 AC2 6 HOH D .  ? HOH A 2084 . ? 1_555 ? 
11 AC2 6 HOH D .  ? HOH A 2085 . ? 1_555 ? 
12 AC2 6 HOH D .  ? HOH A 2178 . ? 1_555 ? 
# 
_pdbx_validate_close_contact.id               1 
_pdbx_validate_close_contact.PDB_model_num    1 
_pdbx_validate_close_contact.auth_atom_id_1   O 
_pdbx_validate_close_contact.auth_asym_id_1   A 
_pdbx_validate_close_contact.auth_comp_id_1   GLU 
_pdbx_validate_close_contact.auth_seq_id_1    669 
_pdbx_validate_close_contact.PDB_ins_code_1   ? 
_pdbx_validate_close_contact.label_alt_id_1   ? 
_pdbx_validate_close_contact.auth_atom_id_2   O 
_pdbx_validate_close_contact.auth_asym_id_2   A 
_pdbx_validate_close_contact.auth_comp_id_2   HOH 
_pdbx_validate_close_contact.auth_seq_id_2    2159 
_pdbx_validate_close_contact.PDB_ins_code_2   ? 
_pdbx_validate_close_contact.label_alt_id_2   ? 
_pdbx_validate_close_contact.dist             2.13 
# 
_pdbx_validate_torsion.id              1 
_pdbx_validate_torsion.PDB_model_num   1 
_pdbx_validate_torsion.auth_comp_id    ASP 
_pdbx_validate_torsion.auth_asym_id    A 
_pdbx_validate_torsion.auth_seq_id     678 
_pdbx_validate_torsion.PDB_ins_code    ? 
_pdbx_validate_torsion.label_alt_id    ? 
_pdbx_validate_torsion.phi             -71.28 
_pdbx_validate_torsion.psi             -168.62 
# 
_pdbx_distant_solvent_atoms.id                                1 
_pdbx_distant_solvent_atoms.PDB_model_num                     1 
_pdbx_distant_solvent_atoms.auth_atom_id                      O 
_pdbx_distant_solvent_atoms.label_alt_id                      ? 
_pdbx_distant_solvent_atoms.auth_asym_id                      A 
_pdbx_distant_solvent_atoms.auth_comp_id                      HOH 
_pdbx_distant_solvent_atoms.auth_seq_id                       2008 
_pdbx_distant_solvent_atoms.PDB_ins_code                      ? 
_pdbx_distant_solvent_atoms.neighbor_macromolecule_distance   6.04 
_pdbx_distant_solvent_atoms.neighbor_ligand_distance          . 
# 
loop_
_chem_comp_atom.comp_id 
_chem_comp_atom.atom_id 
_chem_comp_atom.type_symbol 
_chem_comp_atom.pdbx_aromatic_flag 
_chem_comp_atom.pdbx_stereo_config 
_chem_comp_atom.pdbx_ordinal 
ALA N    N  N N 1   
ALA CA   C  N S 2   
ALA C    C  N N 3   
ALA O    O  N N 4   
ALA CB   C  N N 5   
ALA OXT  O  N N 6   
ALA H    H  N N 7   
ALA H2   H  N N 8   
ALA HA   H  N N 9   
ALA HB1  H  N N 10  
ALA HB2  H  N N 11  
ALA HB3  H  N N 12  
ALA HXT  H  N N 13  
ARG N    N  N N 14  
ARG CA   C  N S 15  
ARG C    C  N N 16  
ARG O    O  N N 17  
ARG CB   C  N N 18  
ARG CG   C  N N 19  
ARG CD   C  N N 20  
ARG NE   N  N N 21  
ARG CZ   C  N N 22  
ARG NH1  N  N N 23  
ARG NH2  N  N N 24  
ARG OXT  O  N N 25  
ARG H    H  N N 26  
ARG H2   H  N N 27  
ARG HA   H  N N 28  
ARG HB2  H  N N 29  
ARG HB3  H  N N 30  
ARG HG2  H  N N 31  
ARG HG3  H  N N 32  
ARG HD2  H  N N 33  
ARG HD3  H  N N 34  
ARG HE   H  N N 35  
ARG HH11 H  N N 36  
ARG HH12 H  N N 37  
ARG HH21 H  N N 38  
ARG HH22 H  N N 39  
ARG HXT  H  N N 40  
ASN N    N  N N 41  
ASN CA   C  N S 42  
ASN C    C  N N 43  
ASN O    O  N N 44  
ASN CB   C  N N 45  
ASN CG   C  N N 46  
ASN OD1  O  N N 47  
ASN ND2  N  N N 48  
ASN OXT  O  N N 49  
ASN H    H  N N 50  
ASN H2   H  N N 51  
ASN HA   H  N N 52  
ASN HB2  H  N N 53  
ASN HB3  H  N N 54  
ASN HD21 H  N N 55  
ASN HD22 H  N N 56  
ASN HXT  H  N N 57  
ASP N    N  N N 58  
ASP CA   C  N S 59  
ASP C    C  N N 60  
ASP O    O  N N 61  
ASP CB   C  N N 62  
ASP CG   C  N N 63  
ASP OD1  O  N N 64  
ASP OD2  O  N N 65  
ASP OXT  O  N N 66  
ASP H    H  N N 67  
ASP H2   H  N N 68  
ASP HA   H  N N 69  
ASP HB2  H  N N 70  
ASP HB3  H  N N 71  
ASP HD2  H  N N 72  
ASP HXT  H  N N 73  
CYS N    N  N N 74  
CYS CA   C  N R 75  
CYS C    C  N N 76  
CYS O    O  N N 77  
CYS CB   C  N N 78  
CYS SG   S  N N 79  
CYS OXT  O  N N 80  
CYS H    H  N N 81  
CYS H2   H  N N 82  
CYS HA   H  N N 83  
CYS HB2  H  N N 84  
CYS HB3  H  N N 85  
CYS HG   H  N N 86  
CYS HXT  H  N N 87  
GLN N    N  N N 88  
GLN CA   C  N S 89  
GLN C    C  N N 90  
GLN O    O  N N 91  
GLN CB   C  N N 92  
GLN CG   C  N N 93  
GLN CD   C  N N 94  
GLN OE1  O  N N 95  
GLN NE2  N  N N 96  
GLN OXT  O  N N 97  
GLN H    H  N N 98  
GLN H2   H  N N 99  
GLN HA   H  N N 100 
GLN HB2  H  N N 101 
GLN HB3  H  N N 102 
GLN HG2  H  N N 103 
GLN HG3  H  N N 104 
GLN HE21 H  N N 105 
GLN HE22 H  N N 106 
GLN HXT  H  N N 107 
GLU N    N  N N 108 
GLU CA   C  N S 109 
GLU C    C  N N 110 
GLU O    O  N N 111 
GLU CB   C  N N 112 
GLU CG   C  N N 113 
GLU CD   C  N N 114 
GLU OE1  O  N N 115 
GLU OE2  O  N N 116 
GLU OXT  O  N N 117 
GLU H    H  N N 118 
GLU H2   H  N N 119 
GLU HA   H  N N 120 
GLU HB2  H  N N 121 
GLU HB3  H  N N 122 
GLU HG2  H  N N 123 
GLU HG3  H  N N 124 
GLU HE2  H  N N 125 
GLU HXT  H  N N 126 
GLY N    N  N N 127 
GLY CA   C  N N 128 
GLY C    C  N N 129 
GLY O    O  N N 130 
GLY OXT  O  N N 131 
GLY H    H  N N 132 
GLY H2   H  N N 133 
GLY HA2  H  N N 134 
GLY HA3  H  N N 135 
GLY HXT  H  N N 136 
HIS N    N  N N 137 
HIS CA   C  N S 138 
HIS C    C  N N 139 
HIS O    O  N N 140 
HIS CB   C  N N 141 
HIS CG   C  Y N 142 
HIS ND1  N  Y N 143 
HIS CD2  C  Y N 144 
HIS CE1  C  Y N 145 
HIS NE2  N  Y N 146 
HIS OXT  O  N N 147 
HIS H    H  N N 148 
HIS H2   H  N N 149 
HIS HA   H  N N 150 
HIS HB2  H  N N 151 
HIS HB3  H  N N 152 
HIS HD1  H  N N 153 
HIS HD2  H  N N 154 
HIS HE1  H  N N 155 
HIS HE2  H  N N 156 
HIS HXT  H  N N 157 
HOH O    O  N N 158 
HOH H1   H  N N 159 
HOH H2   H  N N 160 
ILE N    N  N N 161 
ILE CA   C  N S 162 
ILE C    C  N N 163 
ILE O    O  N N 164 
ILE CB   C  N S 165 
ILE CG1  C  N N 166 
ILE CG2  C  N N 167 
ILE CD1  C  N N 168 
ILE OXT  O  N N 169 
ILE H    H  N N 170 
ILE H2   H  N N 171 
ILE HA   H  N N 172 
ILE HB   H  N N 173 
ILE HG12 H  N N 174 
ILE HG13 H  N N 175 
ILE HG21 H  N N 176 
ILE HG22 H  N N 177 
ILE HG23 H  N N 178 
ILE HD11 H  N N 179 
ILE HD12 H  N N 180 
ILE HD13 H  N N 181 
ILE HXT  H  N N 182 
LEU N    N  N N 183 
LEU CA   C  N S 184 
LEU C    C  N N 185 
LEU O    O  N N 186 
LEU CB   C  N N 187 
LEU CG   C  N N 188 
LEU CD1  C  N N 189 
LEU CD2  C  N N 190 
LEU OXT  O  N N 191 
LEU H    H  N N 192 
LEU H2   H  N N 193 
LEU HA   H  N N 194 
LEU HB2  H  N N 195 
LEU HB3  H  N N 196 
LEU HG   H  N N 197 
LEU HD11 H  N N 198 
LEU HD12 H  N N 199 
LEU HD13 H  N N 200 
LEU HD21 H  N N 201 
LEU HD22 H  N N 202 
LEU HD23 H  N N 203 
LEU HXT  H  N N 204 
LYS N    N  N N 205 
LYS CA   C  N S 206 
LYS C    C  N N 207 
LYS O    O  N N 208 
LYS CB   C  N N 209 
LYS CG   C  N N 210 
LYS CD   C  N N 211 
LYS CE   C  N N 212 
LYS NZ   N  N N 213 
LYS OXT  O  N N 214 
LYS H    H  N N 215 
LYS H2   H  N N 216 
LYS HA   H  N N 217 
LYS HB2  H  N N 218 
LYS HB3  H  N N 219 
LYS HG2  H  N N 220 
LYS HG3  H  N N 221 
LYS HD2  H  N N 222 
LYS HD3  H  N N 223 
LYS HE2  H  N N 224 
LYS HE3  H  N N 225 
LYS HZ1  H  N N 226 
LYS HZ2  H  N N 227 
LYS HZ3  H  N N 228 
LYS HXT  H  N N 229 
MET N    N  N N 230 
MET CA   C  N S 231 
MET C    C  N N 232 
MET O    O  N N 233 
MET CB   C  N N 234 
MET CG   C  N N 235 
MET SD   S  N N 236 
MET CE   C  N N 237 
MET OXT  O  N N 238 
MET H    H  N N 239 
MET H2   H  N N 240 
MET HA   H  N N 241 
MET HB2  H  N N 242 
MET HB3  H  N N 243 
MET HG2  H  N N 244 
MET HG3  H  N N 245 
MET HE1  H  N N 246 
MET HE2  H  N N 247 
MET HE3  H  N N 248 
MET HXT  H  N N 249 
MG  MG   MG N N 250 
PHE N    N  N N 251 
PHE CA   C  N S 252 
PHE C    C  N N 253 
PHE O    O  N N 254 
PHE CB   C  N N 255 
PHE CG   C  Y N 256 
PHE CD1  C  Y N 257 
PHE CD2  C  Y N 258 
PHE CE1  C  Y N 259 
PHE CE2  C  Y N 260 
PHE CZ   C  Y N 261 
PHE OXT  O  N N 262 
PHE H    H  N N 263 
PHE H2   H  N N 264 
PHE HA   H  N N 265 
PHE HB2  H  N N 266 
PHE HB3  H  N N 267 
PHE HD1  H  N N 268 
PHE HD2  H  N N 269 
PHE HE1  H  N N 270 
PHE HE2  H  N N 271 
PHE HZ   H  N N 272 
PHE HXT  H  N N 273 
PRO N    N  N N 274 
PRO CA   C  N S 275 
PRO C    C  N N 276 
PRO O    O  N N 277 
PRO CB   C  N N 278 
PRO CG   C  N N 279 
PRO CD   C  N N 280 
PRO OXT  O  N N 281 
PRO H    H  N N 282 
PRO HA   H  N N 283 
PRO HB2  H  N N 284 
PRO HB3  H  N N 285 
PRO HG2  H  N N 286 
PRO HG3  H  N N 287 
PRO HD2  H  N N 288 
PRO HD3  H  N N 289 
PRO HXT  H  N N 290 
SER N    N  N N 291 
SER CA   C  N S 292 
SER C    C  N N 293 
SER O    O  N N 294 
SER CB   C  N N 295 
SER OG   O  N N 296 
SER OXT  O  N N 297 
SER H    H  N N 298 
SER H2   H  N N 299 
SER HA   H  N N 300 
SER HB2  H  N N 301 
SER HB3  H  N N 302 
SER HG   H  N N 303 
SER HXT  H  N N 304 
THR N    N  N N 305 
THR CA   C  N S 306 
THR C    C  N N 307 
THR O    O  N N 308 
THR CB   C  N R 309 
THR OG1  O  N N 310 
THR CG2  C  N N 311 
THR OXT  O  N N 312 
THR H    H  N N 313 
THR H2   H  N N 314 
THR HA   H  N N 315 
THR HB   H  N N 316 
THR HG1  H  N N 317 
THR HG21 H  N N 318 
THR HG22 H  N N 319 
THR HG23 H  N N 320 
THR HXT  H  N N 321 
TRP N    N  N N 322 
TRP CA   C  N S 323 
TRP C    C  N N 324 
TRP O    O  N N 325 
TRP CB   C  N N 326 
TRP CG   C  Y N 327 
TRP CD1  C  Y N 328 
TRP CD2  C  Y N 329 
TRP NE1  N  Y N 330 
TRP CE2  C  Y N 331 
TRP CE3  C  Y N 332 
TRP CZ2  C  Y N 333 
TRP CZ3  C  Y N 334 
TRP CH2  C  Y N 335 
TRP OXT  O  N N 336 
TRP H    H  N N 337 
TRP H2   H  N N 338 
TRP HA   H  N N 339 
TRP HB2  H  N N 340 
TRP HB3  H  N N 341 
TRP HD1  H  N N 342 
TRP HE1  H  N N 343 
TRP HE3  H  N N 344 
TRP HZ2  H  N N 345 
TRP HZ3  H  N N 346 
TRP HH2  H  N N 347 
TRP HXT  H  N N 348 
TYR N    N  N N 349 
TYR CA   C  N S 350 
TYR C    C  N N 351 
TYR O    O  N N 352 
TYR CB   C  N N 353 
TYR CG   C  Y N 354 
TYR CD1  C  Y N 355 
TYR CD2  C  Y N 356 
TYR CE1  C  Y N 357 
TYR CE2  C  Y N 358 
TYR CZ   C  Y N 359 
TYR OH   O  N N 360 
TYR OXT  O  N N 361 
TYR H    H  N N 362 
TYR H2   H  N N 363 
TYR HA   H  N N 364 
TYR HB2  H  N N 365 
TYR HB3  H  N N 366 
TYR HD1  H  N N 367 
TYR HD2  H  N N 368 
TYR HE1  H  N N 369 
TYR HE2  H  N N 370 
TYR HH   H  N N 371 
TYR HXT  H  N N 372 
VAL N    N  N N 373 
VAL CA   C  N S 374 
VAL C    C  N N 375 
VAL O    O  N N 376 
VAL CB   C  N N 377 
VAL CG1  C  N N 378 
VAL CG2  C  N N 379 
VAL OXT  O  N N 380 
VAL H    H  N N 381 
VAL H2   H  N N 382 
VAL HA   H  N N 383 
VAL HB   H  N N 384 
VAL HG11 H  N N 385 
VAL HG12 H  N N 386 
VAL HG13 H  N N 387 
VAL HG21 H  N N 388 
VAL HG22 H  N N 389 
VAL HG23 H  N N 390 
VAL HXT  H  N N 391 
# 
loop_
_chem_comp_bond.comp_id 
_chem_comp_bond.atom_id_1 
_chem_comp_bond.atom_id_2 
_chem_comp_bond.value_order 
_chem_comp_bond.pdbx_aromatic_flag 
_chem_comp_bond.pdbx_stereo_config 
_chem_comp_bond.pdbx_ordinal 
ALA N   CA   sing N N 1   
ALA N   H    sing N N 2   
ALA N   H2   sing N N 3   
ALA CA  C    sing N N 4   
ALA CA  CB   sing N N 5   
ALA CA  HA   sing N N 6   
ALA C   O    doub N N 7   
ALA C   OXT  sing N N 8   
ALA CB  HB1  sing N N 9   
ALA CB  HB2  sing N N 10  
ALA CB  HB3  sing N N 11  
ALA OXT HXT  sing N N 12  
ARG N   CA   sing N N 13  
ARG N   H    sing N N 14  
ARG N   H2   sing N N 15  
ARG CA  C    sing N N 16  
ARG CA  CB   sing N N 17  
ARG CA  HA   sing N N 18  
ARG C   O    doub N N 19  
ARG C   OXT  sing N N 20  
ARG CB  CG   sing N N 21  
ARG CB  HB2  sing N N 22  
ARG CB  HB3  sing N N 23  
ARG CG  CD   sing N N 24  
ARG CG  HG2  sing N N 25  
ARG CG  HG3  sing N N 26  
ARG CD  NE   sing N N 27  
ARG CD  HD2  sing N N 28  
ARG CD  HD3  sing N N 29  
ARG NE  CZ   sing N N 30  
ARG NE  HE   sing N N 31  
ARG CZ  NH1  sing N N 32  
ARG CZ  NH2  doub N N 33  
ARG NH1 HH11 sing N N 34  
ARG NH1 HH12 sing N N 35  
ARG NH2 HH21 sing N N 36  
ARG NH2 HH22 sing N N 37  
ARG OXT HXT  sing N N 38  
ASN N   CA   sing N N 39  
ASN N   H    sing N N 40  
ASN N   H2   sing N N 41  
ASN CA  C    sing N N 42  
ASN CA  CB   sing N N 43  
ASN CA  HA   sing N N 44  
ASN C   O    doub N N 45  
ASN C   OXT  sing N N 46  
ASN CB  CG   sing N N 47  
ASN CB  HB2  sing N N 48  
ASN CB  HB3  sing N N 49  
ASN CG  OD1  doub N N 50  
ASN CG  ND2  sing N N 51  
ASN ND2 HD21 sing N N 52  
ASN ND2 HD22 sing N N 53  
ASN OXT HXT  sing N N 54  
ASP N   CA   sing N N 55  
ASP N   H    sing N N 56  
ASP N   H2   sing N N 57  
ASP CA  C    sing N N 58  
ASP CA  CB   sing N N 59  
ASP CA  HA   sing N N 60  
ASP C   O    doub N N 61  
ASP C   OXT  sing N N 62  
ASP CB  CG   sing N N 63  
ASP CB  HB2  sing N N 64  
ASP CB  HB3  sing N N 65  
ASP CG  OD1  doub N N 66  
ASP CG  OD2  sing N N 67  
ASP OD2 HD2  sing N N 68  
ASP OXT HXT  sing N N 69  
CYS N   CA   sing N N 70  
CYS N   H    sing N N 71  
CYS N   H2   sing N N 72  
CYS CA  C    sing N N 73  
CYS CA  CB   sing N N 74  
CYS CA  HA   sing N N 75  
CYS C   O    doub N N 76  
CYS C   OXT  sing N N 77  
CYS CB  SG   sing N N 78  
CYS CB  HB2  sing N N 79  
CYS CB  HB3  sing N N 80  
CYS SG  HG   sing N N 81  
CYS OXT HXT  sing N N 82  
GLN N   CA   sing N N 83  
GLN N   H    sing N N 84  
GLN N   H2   sing N N 85  
GLN CA  C    sing N N 86  
GLN CA  CB   sing N N 87  
GLN CA  HA   sing N N 88  
GLN C   O    doub N N 89  
GLN C   OXT  sing N N 90  
GLN CB  CG   sing N N 91  
GLN CB  HB2  sing N N 92  
GLN CB  HB3  sing N N 93  
GLN CG  CD   sing N N 94  
GLN CG  HG2  sing N N 95  
GLN CG  HG3  sing N N 96  
GLN CD  OE1  doub N N 97  
GLN CD  NE2  sing N N 98  
GLN NE2 HE21 sing N N 99  
GLN NE2 HE22 sing N N 100 
GLN OXT HXT  sing N N 101 
GLU N   CA   sing N N 102 
GLU N   H    sing N N 103 
GLU N   H2   sing N N 104 
GLU CA  C    sing N N 105 
GLU CA  CB   sing N N 106 
GLU CA  HA   sing N N 107 
GLU C   O    doub N N 108 
GLU C   OXT  sing N N 109 
GLU CB  CG   sing N N 110 
GLU CB  HB2  sing N N 111 
GLU CB  HB3  sing N N 112 
GLU CG  CD   sing N N 113 
GLU CG  HG2  sing N N 114 
GLU CG  HG3  sing N N 115 
GLU CD  OE1  doub N N 116 
GLU CD  OE2  sing N N 117 
GLU OE2 HE2  sing N N 118 
GLU OXT HXT  sing N N 119 
GLY N   CA   sing N N 120 
GLY N   H    sing N N 121 
GLY N   H2   sing N N 122 
GLY CA  C    sing N N 123 
GLY CA  HA2  sing N N 124 
GLY CA  HA3  sing N N 125 
GLY C   O    doub N N 126 
GLY C   OXT  sing N N 127 
GLY OXT HXT  sing N N 128 
HIS N   CA   sing N N 129 
HIS N   H    sing N N 130 
HIS N   H2   sing N N 131 
HIS CA  C    sing N N 132 
HIS CA  CB   sing N N 133 
HIS CA  HA   sing N N 134 
HIS C   O    doub N N 135 
HIS C   OXT  sing N N 136 
HIS CB  CG   sing N N 137 
HIS CB  HB2  sing N N 138 
HIS CB  HB3  sing N N 139 
HIS CG  ND1  sing Y N 140 
HIS CG  CD2  doub Y N 141 
HIS ND1 CE1  doub Y N 142 
HIS ND1 HD1  sing N N 143 
HIS CD2 NE2  sing Y N 144 
HIS CD2 HD2  sing N N 145 
HIS CE1 NE2  sing Y N 146 
HIS CE1 HE1  sing N N 147 
HIS NE2 HE2  sing N N 148 
HIS OXT HXT  sing N N 149 
HOH O   H1   sing N N 150 
HOH O   H2   sing N N 151 
ILE N   CA   sing N N 152 
ILE N   H    sing N N 153 
ILE N   H2   sing N N 154 
ILE CA  C    sing N N 155 
ILE CA  CB   sing N N 156 
ILE CA  HA   sing N N 157 
ILE C   O    doub N N 158 
ILE C   OXT  sing N N 159 
ILE CB  CG1  sing N N 160 
ILE CB  CG2  sing N N 161 
ILE CB  HB   sing N N 162 
ILE CG1 CD1  sing N N 163 
ILE CG1 HG12 sing N N 164 
ILE CG1 HG13 sing N N 165 
ILE CG2 HG21 sing N N 166 
ILE CG2 HG22 sing N N 167 
ILE CG2 HG23 sing N N 168 
ILE CD1 HD11 sing N N 169 
ILE CD1 HD12 sing N N 170 
ILE CD1 HD13 sing N N 171 
ILE OXT HXT  sing N N 172 
LEU N   CA   sing N N 173 
LEU N   H    sing N N 174 
LEU N   H2   sing N N 175 
LEU CA  C    sing N N 176 
LEU CA  CB   sing N N 177 
LEU CA  HA   sing N N 178 
LEU C   O    doub N N 179 
LEU C   OXT  sing N N 180 
LEU CB  CG   sing N N 181 
LEU CB  HB2  sing N N 182 
LEU CB  HB3  sing N N 183 
LEU CG  CD1  sing N N 184 
LEU CG  CD2  sing N N 185 
LEU CG  HG   sing N N 186 
LEU CD1 HD11 sing N N 187 
LEU CD1 HD12 sing N N 188 
LEU CD1 HD13 sing N N 189 
LEU CD2 HD21 sing N N 190 
LEU CD2 HD22 sing N N 191 
LEU CD2 HD23 sing N N 192 
LEU OXT HXT  sing N N 193 
LYS N   CA   sing N N 194 
LYS N   H    sing N N 195 
LYS N   H2   sing N N 196 
LYS CA  C    sing N N 197 
LYS CA  CB   sing N N 198 
LYS CA  HA   sing N N 199 
LYS C   O    doub N N 200 
LYS C   OXT  sing N N 201 
LYS CB  CG   sing N N 202 
LYS CB  HB2  sing N N 203 
LYS CB  HB3  sing N N 204 
LYS CG  CD   sing N N 205 
LYS CG  HG2  sing N N 206 
LYS CG  HG3  sing N N 207 
LYS CD  CE   sing N N 208 
LYS CD  HD2  sing N N 209 
LYS CD  HD3  sing N N 210 
LYS CE  NZ   sing N N 211 
LYS CE  HE2  sing N N 212 
LYS CE  HE3  sing N N 213 
LYS NZ  HZ1  sing N N 214 
LYS NZ  HZ2  sing N N 215 
LYS NZ  HZ3  sing N N 216 
LYS OXT HXT  sing N N 217 
MET N   CA   sing N N 218 
MET N   H    sing N N 219 
MET N   H2   sing N N 220 
MET CA  C    sing N N 221 
MET CA  CB   sing N N 222 
MET CA  HA   sing N N 223 
MET C   O    doub N N 224 
MET C   OXT  sing N N 225 
MET CB  CG   sing N N 226 
MET CB  HB2  sing N N 227 
MET CB  HB3  sing N N 228 
MET CG  SD   sing N N 229 
MET CG  HG2  sing N N 230 
MET CG  HG3  sing N N 231 
MET SD  CE   sing N N 232 
MET CE  HE1  sing N N 233 
MET CE  HE2  sing N N 234 
MET CE  HE3  sing N N 235 
MET OXT HXT  sing N N 236 
PHE N   CA   sing N N 237 
PHE N   H    sing N N 238 
PHE N   H2   sing N N 239 
PHE CA  C    sing N N 240 
PHE CA  CB   sing N N 241 
PHE CA  HA   sing N N 242 
PHE C   O    doub N N 243 
PHE C   OXT  sing N N 244 
PHE CB  CG   sing N N 245 
PHE CB  HB2  sing N N 246 
PHE CB  HB3  sing N N 247 
PHE CG  CD1  doub Y N 248 
PHE CG  CD2  sing Y N 249 
PHE CD1 CE1  sing Y N 250 
PHE CD1 HD1  sing N N 251 
PHE CD2 CE2  doub Y N 252 
PHE CD2 HD2  sing N N 253 
PHE CE1 CZ   doub Y N 254 
PHE CE1 HE1  sing N N 255 
PHE CE2 CZ   sing Y N 256 
PHE CE2 HE2  sing N N 257 
PHE CZ  HZ   sing N N 258 
PHE OXT HXT  sing N N 259 
PRO N   CA   sing N N 260 
PRO N   CD   sing N N 261 
PRO N   H    sing N N 262 
PRO CA  C    sing N N 263 
PRO CA  CB   sing N N 264 
PRO CA  HA   sing N N 265 
PRO C   O    doub N N 266 
PRO C   OXT  sing N N 267 
PRO CB  CG   sing N N 268 
PRO CB  HB2  sing N N 269 
PRO CB  HB3  sing N N 270 
PRO CG  CD   sing N N 271 
PRO CG  HG2  sing N N 272 
PRO CG  HG3  sing N N 273 
PRO CD  HD2  sing N N 274 
PRO CD  HD3  sing N N 275 
PRO OXT HXT  sing N N 276 
SER N   CA   sing N N 277 
SER N   H    sing N N 278 
SER N   H2   sing N N 279 
SER CA  C    sing N N 280 
SER CA  CB   sing N N 281 
SER CA  HA   sing N N 282 
SER C   O    doub N N 283 
SER C   OXT  sing N N 284 
SER CB  OG   sing N N 285 
SER CB  HB2  sing N N 286 
SER CB  HB3  sing N N 287 
SER OG  HG   sing N N 288 
SER OXT HXT  sing N N 289 
THR N   CA   sing N N 290 
THR N   H    sing N N 291 
THR N   H2   sing N N 292 
THR CA  C    sing N N 293 
THR CA  CB   sing N N 294 
THR CA  HA   sing N N 295 
THR C   O    doub N N 296 
THR C   OXT  sing N N 297 
THR CB  OG1  sing N N 298 
THR CB  CG2  sing N N 299 
THR CB  HB   sing N N 300 
THR OG1 HG1  sing N N 301 
THR CG2 HG21 sing N N 302 
THR CG2 HG22 sing N N 303 
THR CG2 HG23 sing N N 304 
THR OXT HXT  sing N N 305 
TRP N   CA   sing N N 306 
TRP N   H    sing N N 307 
TRP N   H2   sing N N 308 
TRP CA  C    sing N N 309 
TRP CA  CB   sing N N 310 
TRP CA  HA   sing N N 311 
TRP C   O    doub N N 312 
TRP C   OXT  sing N N 313 
TRP CB  CG   sing N N 314 
TRP CB  HB2  sing N N 315 
TRP CB  HB3  sing N N 316 
TRP CG  CD1  doub Y N 317 
TRP CG  CD2  sing Y N 318 
TRP CD1 NE1  sing Y N 319 
TRP CD1 HD1  sing N N 320 
TRP CD2 CE2  doub Y N 321 
TRP CD2 CE3  sing Y N 322 
TRP NE1 CE2  sing Y N 323 
TRP NE1 HE1  sing N N 324 
TRP CE2 CZ2  sing Y N 325 
TRP CE3 CZ3  doub Y N 326 
TRP CE3 HE3  sing N N 327 
TRP CZ2 CH2  doub Y N 328 
TRP CZ2 HZ2  sing N N 329 
TRP CZ3 CH2  sing Y N 330 
TRP CZ3 HZ3  sing N N 331 
TRP CH2 HH2  sing N N 332 
TRP OXT HXT  sing N N 333 
TYR N   CA   sing N N 334 
TYR N   H    sing N N 335 
TYR N   H2   sing N N 336 
TYR CA  C    sing N N 337 
TYR CA  CB   sing N N 338 
TYR CA  HA   sing N N 339 
TYR C   O    doub N N 340 
TYR C   OXT  sing N N 341 
TYR CB  CG   sing N N 342 
TYR CB  HB2  sing N N 343 
TYR CB  HB3  sing N N 344 
TYR CG  CD1  doub Y N 345 
TYR CG  CD2  sing Y N 346 
TYR CD1 CE1  sing Y N 347 
TYR CD1 HD1  sing N N 348 
TYR CD2 CE2  doub Y N 349 
TYR CD2 HD2  sing N N 350 
TYR CE1 CZ   doub Y N 351 
TYR CE1 HE1  sing N N 352 
TYR CE2 CZ   sing Y N 353 
TYR CE2 HE2  sing N N 354 
TYR CZ  OH   sing N N 355 
TYR OH  HH   sing N N 356 
TYR OXT HXT  sing N N 357 
VAL N   CA   sing N N 358 
VAL N   H    sing N N 359 
VAL N   H2   sing N N 360 
VAL CA  C    sing N N 361 
VAL CA  CB   sing N N 362 
VAL CA  HA   sing N N 363 
VAL C   O    doub N N 364 
VAL C   OXT  sing N N 365 
VAL CB  CG1  sing N N 366 
VAL CB  CG2  sing N N 367 
VAL CB  HB   sing N N 368 
VAL CG1 HG11 sing N N 369 
VAL CG1 HG12 sing N N 370 
VAL CG1 HG13 sing N N 371 
VAL CG2 HG21 sing N N 372 
VAL CG2 HG22 sing N N 373 
VAL CG2 HG23 sing N N 374 
VAL OXT HXT  sing N N 375 
# 
_pdbx_initial_refinement_model.id               1 
_pdbx_initial_refinement_model.entity_id_list   ? 
_pdbx_initial_refinement_model.type             'experimental model' 
_pdbx_initial_refinement_model.source_name      PDB 
_pdbx_initial_refinement_model.accession_code   2XEH 
_pdbx_initial_refinement_model.details          'PDB ENTRY 2XEH' 
# 
_atom_sites.entry_id                    5AAR 
_atom_sites.fract_transf_matrix[1][1]   0.00423336 
_atom_sites.fract_transf_matrix[1][2]   0.01656598 
_atom_sites.fract_transf_matrix[1][3]   -0.02297101 
_atom_sites.fract_transf_matrix[2][1]   -0.00282020 
_atom_sites.fract_transf_matrix[2][2]   0.00943840 
_atom_sites.fract_transf_matrix[2][3]   0.00628694 
_atom_sites.fract_transf_matrix[3][1]   0.01453445 
_atom_sites.fract_transf_matrix[3][2]   0.00172841 
_atom_sites.fract_transf_matrix[3][3]   0.00392505 
_atom_sites.fract_transf_vector[1]      -0.264200 
_atom_sites.fract_transf_vector[2]      0.217534 
_atom_sites.fract_transf_vector[3]      -0.209145 
# 
loop_
_atom_type.symbol 
C  
MG 
N  
O  
S  
# 
loop_
_atom_site.group_PDB 
_atom_site.id 
_atom_site.type_symbol 
_atom_site.label_atom_id 
_atom_site.label_alt_id 
_atom_site.label_comp_id 
_atom_site.label_asym_id 
_atom_site.label_entity_id 
_atom_site.label_seq_id 
_atom_site.pdbx_PDB_ins_code 
_atom_site.Cartn_x 
_atom_site.Cartn_y 
_atom_site.Cartn_z 
_atom_site.occupancy 
_atom_site.B_iso_or_equiv 
_atom_site.pdbx_formal_charge 
_atom_site.auth_seq_id 
_atom_site.auth_comp_id 
_atom_site.auth_asym_id 
_atom_site.auth_atom_id 
_atom_site.pdbx_PDB_model_num 
ATOM   1    N  N   . LEU A 1 1   ? 27.623  5.911   6.670   1.00 46.36 ? 518  LEU A N   1 
ATOM   2    C  CA  . LEU A 1 1   ? 26.843  5.111   5.720   1.00 40.07 ? 518  LEU A CA  1 
ATOM   3    C  C   . LEU A 1 1   ? 27.385  3.685   5.624   1.00 37.68 ? 518  LEU A C   1 
ATOM   4    O  O   . LEU A 1 1   ? 28.492  3.466   5.116   1.00 36.95 ? 518  LEU A O   1 
ATOM   5    C  CB  . LEU A 1 1   ? 26.847  5.767   4.336   1.00 36.98 ? 518  LEU A CB  1 
ATOM   6    C  CG  . LEU A 1 1   ? 25.895  6.937   4.075   1.00 40.35 ? 518  LEU A CG  1 
ATOM   7    C  CD1 . LEU A 1 1   ? 26.398  7.764   2.903   1.00 37.95 ? 518  LEU A CD1 1 
ATOM   8    C  CD2 . LEU A 1 1   ? 24.488  6.441   3.796   1.00 42.04 ? 518  LEU A CD2 1 
ATOM   9    N  N   . PRO A 1 2   ? 26.619  2.705   6.126   1.00 40.07 ? 519  PRO A N   1 
ATOM   10   C  CA  . PRO A 1 2   ? 27.063  1.307   6.010   1.00 34.76 ? 519  PRO A CA  1 
ATOM   11   C  C   . PRO A 1 2   ? 26.910  0.779   4.581   1.00 34.68 ? 519  PRO A C   1 
ATOM   12   O  O   . PRO A 1 2   ? 25.927  1.098   3.896   1.00 32.84 ? 519  PRO A O   1 
ATOM   13   C  CB  . PRO A 1 2   ? 26.138  0.565   6.971   1.00 32.59 ? 519  PRO A CB  1 
ATOM   14   C  CG  . PRO A 1 2   ? 24.882  1.402   6.993   1.00 35.12 ? 519  PRO A CG  1 
ATOM   15   C  CD  . PRO A 1 2   ? 25.360  2.832   6.884   1.00 40.43 ? 519  PRO A CD  1 
ATOM   16   N  N   . LEU A 1 3   ? 27.879  -0.013  4.133   1.00 30.14 ? 520  LEU A N   1 
ATOM   17   C  CA  . LEU A 1 3   ? 27.789  -0.617  2.806   1.00 30.98 ? 520  LEU A CA  1 
ATOM   18   C  C   . LEU A 1 3   ? 26.903  -1.850  2.840   1.00 29.04 ? 520  LEU A C   1 
ATOM   19   O  O   . LEU A 1 3   ? 27.395  -2.947  3.051   1.00 28.64 ? 520  LEU A O   1 
ATOM   20   C  CB  . LEU A 1 3   ? 29.172  -0.988  2.283   1.00 26.71 ? 520  LEU A CB  1 
ATOM   21   C  CG  . LEU A 1 3   ? 29.169  -1.533  0.849   1.00 32.77 ? 520  LEU A CG  1 
ATOM   22   C  CD1 . LEU A 1 3   ? 28.653  -0.478  -0.145  1.00 28.43 ? 520  LEU A CD1 1 
ATOM   23   C  CD2 . LEU A 1 3   ? 30.546  -2.069  0.449   1.00 28.18 ? 520  LEU A CD2 1 
ATOM   24   N  N   . ASN A 1 4   ? 25.598  -1.682  2.636   1.00 26.01 ? 521  ASN A N   1 
ATOM   25   C  CA  . ASN A 1 4   ? 24.689  -2.823  2.724   1.00 21.91 ? 521  ASN A CA  1 
ATOM   26   C  C   . ASN A 1 4   ? 23.749  -2.856  1.529   1.00 20.29 ? 521  ASN A C   1 
ATOM   27   O  O   . ASN A 1 4   ? 23.866  -2.031  0.622   1.00 20.65 ? 521  ASN A O   1 
ATOM   28   C  CB  . ASN A 1 4   ? 23.913  -2.807  4.049   1.00 23.46 ? 521  ASN A CB  1 
ATOM   29   C  CG  . ASN A 1 4   ? 23.113  -1.542  4.250   1.00 25.87 ? 521  ASN A CG  1 
ATOM   30   O  OD1 . ASN A 1 4   ? 22.823  -0.815  3.295   1.00 24.18 ? 521  ASN A OD1 1 
ATOM   31   N  ND2 . ASN A 1 4   ? 22.739  -1.271  5.502   1.00 29.36 ? 521  ASN A ND2 1 
ATOM   32   N  N   . LEU A 1 5   ? 22.837  -3.820  1.494   1.00 22.06 ? 522  LEU A N   1 
ATOM   33   C  CA  . LEU A 1 5   ? 21.984  -3.972  0.310   1.00 21.34 ? 522  LEU A CA  1 
ATOM   34   C  C   . LEU A 1 5   ? 21.044  -2.772  0.127   1.00 19.87 ? 522  LEU A C   1 
ATOM   35   O  O   . LEU A 1 5   ? 20.782  -2.355  -0.998  1.00 19.24 ? 522  LEU A O   1 
ATOM   36   C  CB  . LEU A 1 5   ? 21.178  -5.258  0.385   1.00 17.70 ? 522  LEU A CB  1 
ATOM   37   C  CG  . LEU A 1 5   ? 22.051  -6.514  0.301   1.00 17.91 ? 522  LEU A CG  1 
ATOM   38   C  CD1 . LEU A 1 5   ? 21.230  -7.735  0.626   1.00 20.12 ? 522  LEU A CD1 1 
ATOM   39   C  CD2 . LEU A 1 5   ? 22.678  -6.651  -1.081  1.00 17.38 ? 522  LEU A CD2 1 
ATOM   40   N  N   . CYS A 1 6   ? 20.545  -2.220  1.227   1.00 20.18 ? 523  CYS A N   1 
ATOM   41   C  CA  . CYS A 1 6   ? 19.715  -1.019  1.148   1.00 17.69 ? 523  CYS A CA  1 
ATOM   42   C  C   . CYS A 1 6   ? 20.446  0.163   0.518   1.00 21.11 ? 523  CYS A C   1 
ATOM   43   O  O   . CYS A 1 6   ? 19.855  0.903   -0.269  1.00 19.21 ? 523  CYS A O   1 
ATOM   44   C  CB  . CYS A 1 6   ? 19.201  -0.636  2.538   1.00 24.15 ? 523  CYS A CB  1 
ATOM   45   S  SG  . CYS A 1 6   ? 17.974  -1.785  3.112   1.00 25.75 ? 523  CYS A SG  1 
ATOM   46   N  N   . PHE A 1 7   ? 21.714  0.338   0.876   1.00 19.42 ? 524  PHE A N   1 
ATOM   47   C  CA  . PHE A 1 7   ? 22.554  1.364   0.258   1.00 22.28 ? 524  PHE A CA  1 
ATOM   48   C  C   . PHE A 1 7   ? 22.495  1.258   -1.265  1.00 24.89 ? 524  PHE A C   1 
ATOM   49   O  O   . PHE A 1 7   ? 22.280  2.256   -1.958  1.00 22.56 ? 524  PHE A O   1 
ATOM   50   C  CB  . PHE A 1 7   ? 24.011  1.260   0.749   1.00 19.28 ? 524  PHE A CB  1 
ATOM   51   C  CG  . PHE A 1 7   ? 24.957  2.214   0.053   1.00 23.72 ? 524  PHE A CG  1 
ATOM   52   C  CD1 . PHE A 1 7   ? 25.552  1.878   -1.155  1.00 20.22 ? 524  PHE A CD1 1 
ATOM   53   C  CD2 . PHE A 1 7   ? 25.249  3.455   0.612   1.00 28.35 ? 524  PHE A CD2 1 
ATOM   54   C  CE1 . PHE A 1 7   ? 26.396  2.763   -1.805  1.00 25.50 ? 524  PHE A CE1 1 
ATOM   55   C  CE2 . PHE A 1 7   ? 26.101  4.330   -0.030  1.00 27.32 ? 524  PHE A CE2 1 
ATOM   56   C  CZ  . PHE A 1 7   ? 26.672  3.985   -1.234  1.00 26.05 ? 524  PHE A CZ  1 
ATOM   57   N  N   . ALA A 1 8   ? 22.671  0.045   -1.796  1.00 17.04 ? 525  ALA A N   1 
ATOM   58   C  CA  . ALA A 1 8   ? 22.667  -0.135  -3.241  1.00 17.97 ? 525  ALA A CA  1 
ATOM   59   C  C   . ALA A 1 8   ? 21.259  0.037   -3.832  1.00 19.67 ? 525  ALA A C   1 
ATOM   60   O  O   . ALA A 1 8   ? 21.089  0.627   -4.907  1.00 21.79 ? 525  ALA A O   1 
ATOM   61   C  CB  . ALA A 1 8   ? 23.242  -1.530  -3.610  1.00 14.57 ? 525  ALA A CB  1 
ATOM   62   N  N   . ALA A 1 9   ? 20.252  -0.490  -3.145  1.00 16.86 ? 526  ALA A N   1 
ATOM   63   C  CA  . ALA A 1 9   ? 18.889  -0.440  -3.669  1.00 18.87 ? 526  ALA A CA  1 
ATOM   64   C  C   . ALA A 1 9   ? 18.401  1.004   -3.742  1.00 19.52 ? 526  ALA A C   1 
ATOM   65   O  O   . ALA A 1 9   ? 17.701  1.382   -4.662  1.00 21.20 ? 526  ALA A O   1 
ATOM   66   C  CB  . ALA A 1 9   ? 17.949  -1.260  -2.810  1.00 15.39 ? 526  ALA A CB  1 
ATOM   67   N  N   . ILE A 1 10  ? 18.759  1.790   -2.738  1.00 19.56 ? 527  ILE A N   1 
ATOM   68   C  CA  . ILE A 1 10  ? 18.325  3.177   -2.658  1.00 21.20 ? 527  ILE A CA  1 
ATOM   69   C  C   . ILE A 1 10  ? 18.825  3.942   -3.880  1.00 24.33 ? 527  ILE A C   1 
ATOM   70   O  O   . ILE A 1 10  ? 18.142  4.806   -4.411  1.00 28.23 ? 527  ILE A O   1 
ATOM   71   C  CB  . ILE A 1 10  ? 18.844  3.847   -1.348  1.00 27.13 ? 527  ILE A CB  1 
ATOM   72   C  CG1 . ILE A 1 10  ? 18.043  3.363   -0.141  1.00 26.18 ? 527  ILE A CG1 1 
ATOM   73   C  CG2 . ILE A 1 10  ? 18.774  5.352   -1.443  1.00 29.45 ? 527  ILE A CG2 1 
ATOM   74   C  CD1 . ILE A 1 10  ? 18.613  3.809   1.198   1.00 28.39 ? 527  ILE A CD1 1 
ATOM   75   N  N   . ARG A 1 11  ? 20.011  3.571   -4.343  1.00 23.25 ? 528  ARG A N   1 
ATOM   76   C  CA  . ARG A 1 11  ? 20.672  4.229   -5.456  1.00 28.39 ? 528  ARG A CA  1 
ATOM   77   C  C   . ARG A 1 11  ? 20.438  3.523   -6.780  1.00 25.95 ? 528  ARG A C   1 
ATOM   78   O  O   . ARG A 1 11  ? 21.022  3.888   -7.804  1.00 26.29 ? 528  ARG A O   1 
ATOM   79   C  CB  . ARG A 1 11  ? 22.164  4.317   -5.170  1.00 27.38 ? 528  ARG A CB  1 
ATOM   80   C  CG  . ARG A 1 11  ? 22.457  5.261   -4.040  1.00 31.05 ? 528  ARG A CG  1 
ATOM   81   C  CD  . ARG A 1 11  ? 23.829  5.045   -3.470  1.00 30.13 ? 528  ARG A CD  1 
ATOM   82   N  NE  . ARG A 1 11  ? 24.043  5.969   -2.367  1.00 29.63 ? 528  ARG A NE  1 
ATOM   83   C  CZ  . ARG A 1 11  ? 23.477  5.849   -1.173  1.00 26.53 ? 528  ARG A CZ  1 
ATOM   84   N  NH1 . ARG A 1 11  ? 22.675  4.809   -0.903  1.00 23.60 ? 528  ARG A NH1 1 
ATOM   85   N  NH2 . ARG A 1 11  ? 23.741  6.747   -0.236  1.00 29.63 ? 528  ARG A NH2 1 
ATOM   86   N  N   . GLU A 1 12  ? 19.582  2.509   -6.752  1.00 23.58 ? 529  GLU A N   1 
ATOM   87   C  CA  . GLU A 1 12  ? 19.269  1.731   -7.944  1.00 20.90 ? 529  GLU A CA  1 
ATOM   88   C  C   . GLU A 1 12  ? 20.505  1.172   -8.621  1.00 24.53 ? 529  GLU A C   1 
ATOM   89   O  O   . GLU A 1 12  ? 20.544  1.040   -9.842  1.00 25.12 ? 529  GLU A O   1 
ATOM   90   C  CB  . GLU A 1 12  ? 18.490  2.579   -8.954  1.00 29.81 ? 529  GLU A CB  1 
ATOM   91   C  CG  . GLU A 1 12  ? 17.254  3.243   -8.386  1.00 24.37 ? 529  GLU A CG  1 
ATOM   92   C  CD  . GLU A 1 12  ? 16.334  3.745   -9.487  1.00 34.07 ? 529  GLU A CD  1 
ATOM   93   O  OE1 . GLU A 1 12  ? 15.914  2.930   -10.349 1.00 35.91 ? 529  GLU A OE1 1 
ATOM   94   O  OE2 . GLU A 1 12  ? 16.034  4.950   -9.486  1.00 31.09 ? 529  GLU A OE2 1 
ATOM   95   N  N   . ASP A 1 13  ? 21.512  0.837   -7.828  1.00 23.53 ? 530  ASP A N   1 
ATOM   96   C  CA  . ASP A 1 13  ? 22.764  0.304   -8.350  1.00 20.73 ? 530  ASP A CA  1 
ATOM   97   C  C   . ASP A 1 13  ? 22.729  -1.233  -8.383  1.00 20.51 ? 530  ASP A C   1 
ATOM   98   O  O   . ASP A 1 13  ? 23.195  -1.889  -7.442  1.00 18.69 ? 530  ASP A O   1 
ATOM   99   C  CB  . ASP A 1 13  ? 23.911  0.802   -7.479  1.00 23.52 ? 530  ASP A CB  1 
ATOM   100  C  CG  . ASP A 1 13  ? 25.265  0.571   -8.085  1.00 24.03 ? 530  ASP A CG  1 
ATOM   101  O  OD1 . ASP A 1 13  ? 25.420  -0.323  -8.963  1.00 22.96 ? 530  ASP A OD1 1 
ATOM   102  O  OD2 . ASP A 1 13  ? 26.195  1.267   -7.622  1.00 25.47 ? 530  ASP A OD2 1 
ATOM   103  N  N   . ASP A 1 14  ? 22.179  -1.810  -9.451  1.00 22.35 ? 531  ASP A N   1 
ATOM   104  C  CA  . ASP A 1 14  ? 21.986  -3.256  -9.488  1.00 19.36 ? 531  ASP A CA  1 
ATOM   105  C  C   . ASP A 1 14  ? 23.315  -3.997  -9.648  1.00 24.38 ? 531  ASP A C   1 
ATOM   106  O  O   . ASP A 1 14  ? 23.434  -5.151  -9.218  1.00 19.72 ? 531  ASP A O   1 
ATOM   107  C  CB  . ASP A 1 14  ? 20.983  -3.665  -10.582 1.00 16.37 ? 531  ASP A CB  1 
ATOM   108  C  CG  . ASP A 1 14  ? 21.251  -2.994  -11.928 1.00 25.05 ? 531  ASP A CG  1 
ATOM   109  O  OD1 . ASP A 1 14  ? 21.407  -1.761  -11.928 1.00 25.96 ? 531  ASP A OD1 1 
ATOM   110  O  OD2 . ASP A 1 14  ? 21.278  -3.696  -12.966 1.00 19.37 ? 531  ASP A OD2 1 
ATOM   111  N  N   . LEU A 1 15  ? 24.335  -3.352  -10.222 1.00 18.77 ? 532  LEU A N   1 
ATOM   112  C  CA  . LEU A 1 15  ? 25.639  -4.020  -10.276 1.00 21.80 ? 532  LEU A CA  1 
ATOM   113  C  C   . LEU A 1 15  ? 26.235  -4.155  -8.869  1.00 21.18 ? 532  LEU A C   1 
ATOM   114  O  O   . LEU A 1 15  ? 26.711  -5.228  -8.490  1.00 19.71 ? 532  LEU A O   1 
ATOM   115  C  CB  . LEU A 1 15  ? 26.623  -3.279  -11.190 1.00 25.97 ? 532  LEU A CB  1 
ATOM   116  C  CG  . LEU A 1 15  ? 28.049  -3.860  -11.132 1.00 30.14 ? 532  LEU A CG  1 
ATOM   117  C  CD1 . LEU A 1 15  ? 28.094  -5.251  -11.716 1.00 29.88 ? 532  LEU A CD1 1 
ATOM   118  C  CD2 . LEU A 1 15  ? 29.075  -2.969  -11.822 1.00 32.52 ? 532  LEU A CD2 1 
ATOM   119  N  N   . LEU A 1 16  ? 26.222  -3.062  -8.109  1.00 21.65 ? 533  LEU A N   1 
ATOM   120  C  CA  . LEU A 1 16  ? 26.684  -3.104  -6.717  1.00 22.14 ? 533  LEU A CA  1 
ATOM   121  C  C   . LEU A 1 16  ? 25.874  -4.109  -5.915  1.00 19.30 ? 533  LEU A C   1 
ATOM   122  O  O   . LEU A 1 16  ? 26.436  -4.895  -5.152  1.00 20.19 ? 533  LEU A O   1 
ATOM   123  C  CB  . LEU A 1 16  ? 26.591  -1.721  -6.065  1.00 18.35 ? 533  LEU A CB  1 
ATOM   124  C  CG  . LEU A 1 16  ? 27.022  -1.631  -4.591  1.00 22.56 ? 533  LEU A CG  1 
ATOM   125  C  CD1 . LEU A 1 16  ? 28.458  -2.121  -4.411  1.00 23.32 ? 533  LEU A CD1 1 
ATOM   126  C  CD2 . LEU A 1 16  ? 26.887  -0.190  -4.043  1.00 20.67 ? 533  LEU A CD2 1 
ATOM   127  N  N   . LEU A 1 17  ? 24.551  -4.068  -6.082  1.00 18.64 ? 534  LEU A N   1 
ATOM   128  C  CA  . LEU A 1 17  ? 23.660  -4.979  -5.359  1.00 18.30 ? 534  LEU A CA  1 
ATOM   129  C  C   . LEU A 1 17  ? 24.040  -6.438  -5.623  1.00 19.03 ? 534  LEU A C   1 
ATOM   130  O  O   . LEU A 1 17  ? 24.104  -7.253  -4.709  1.00 17.16 ? 534  LEU A O   1 
ATOM   131  C  CB  . LEU A 1 17  ? 22.217  -4.743  -5.763  1.00 20.16 ? 534  LEU A CB  1 
ATOM   132  C  CG  . LEU A 1 17  ? 21.155  -5.502  -4.951  1.00 20.03 ? 534  LEU A CG  1 
ATOM   133  C  CD1 . LEU A 1 17  ? 20.684  -4.686  -3.737  1.00 16.57 ? 534  LEU A CD1 1 
ATOM   134  C  CD2 . LEU A 1 17  ? 19.968  -5.874  -5.835  1.00 19.08 ? 534  LEU A CD2 1 
ATOM   135  N  N   . HIS A 1 18  ? 24.272  -6.758  -6.893  1.00 19.18 ? 535  HIS A N   1 
ATOM   136  C  CA  . HIS A 1 18  ? 24.660  -8.107  -7.305  1.00 19.43 ? 535  HIS A CA  1 
ATOM   137  C  C   . HIS A 1 18  ? 25.953  -8.519  -6.612  1.00 16.58 ? 535  HIS A C   1 
ATOM   138  O  O   . HIS A 1 18  ? 26.047  -9.604  -6.029  1.00 19.95 ? 535  HIS A O   1 
ATOM   139  C  CB  . HIS A 1 18  ? 24.822  -8.156  -8.832  1.00 21.12 ? 535  HIS A CB  1 
ATOM   140  C  CG  . HIS A 1 18  ? 24.661  -9.523  -9.417  1.00 23.03 ? 535  HIS A CG  1 
ATOM   141  N  ND1 . HIS A 1 18  ? 24.487  -9.734  -10.770 1.00 20.08 ? 535  HIS A ND1 1 
ATOM   142  C  CD2 . HIS A 1 18  ? 24.641  -10.750 -8.839  1.00 22.08 ? 535  HIS A CD2 1 
ATOM   143  C  CE1 . HIS A 1 18  ? 24.364  -11.031 -10.998 1.00 24.20 ? 535  HIS A CE1 1 
ATOM   144  N  NE2 . HIS A 1 18  ? 24.462  -11.673 -9.844  1.00 22.26 ? 535  HIS A NE2 1 
ATOM   145  N  N   . GLN A 1 19  ? 26.944  -7.636  -6.646  1.00 19.12 ? 536  GLN A N   1 
ATOM   146  C  CA  . GLN A 1 19  ? 28.234  -7.902  -6.008  1.00 21.28 ? 536  GLN A CA  1 
ATOM   147  C  C   . GLN A 1 19  ? 28.067  -8.155  -4.505  1.00 26.32 ? 536  GLN A C   1 
ATOM   148  O  O   . GLN A 1 19  ? 28.675  -9.073  -3.954  1.00 23.51 ? 536  GLN A O   1 
ATOM   149  C  CB  . GLN A 1 19  ? 29.201  -6.738  -6.251  1.00 21.63 ? 536  GLN A CB  1 
ATOM   150  C  CG  . GLN A 1 19  ? 29.747  -6.694  -7.680  1.00 30.69 ? 536  GLN A CG  1 
ATOM   151  C  CD  . GLN A 1 19  ? 30.608  -5.468  -7.960  1.00 33.75 ? 536  GLN A CD  1 
ATOM   152  O  OE1 . GLN A 1 19  ? 30.397  -4.389  -7.397  1.00 36.28 ? 536  GLN A OE1 1 
ATOM   153  N  NE2 . GLN A 1 19  ? 31.590  -5.635  -8.831  1.00 38.62 ? 536  GLN A NE2 1 
ATOM   154  N  N   . LEU A 1 20  ? 27.240  -7.348  -3.843  1.00 22.11 ? 537  LEU A N   1 
ATOM   155  C  CA  . LEU A 1 20  ? 26.993  -7.552  -2.408  1.00 21.45 ? 537  LEU A CA  1 
ATOM   156  C  C   . LEU A 1 20  ? 26.251  -8.866  -2.138  1.00 20.14 ? 537  LEU A C   1 
ATOM   157  O  O   . LEU A 1 20  ? 26.542  -9.571  -1.163  1.00 22.09 ? 537  LEU A O   1 
ATOM   158  C  CB  . LEU A 1 20  ? 26.215  -6.357  -1.822  1.00 20.57 ? 537  LEU A CB  1 
ATOM   159  C  CG  . LEU A 1 20  ? 27.008  -5.034  -1.839  1.00 20.20 ? 537  LEU A CG  1 
ATOM   160  C  CD1 . LEU A 1 20  ? 26.199  -3.857  -1.308  1.00 22.27 ? 537  LEU A CD1 1 
ATOM   161  C  CD2 . LEU A 1 20  ? 28.288  -5.175  -1.038  1.00 21.18 ? 537  LEU A CD2 1 
ATOM   162  N  N   . LEU A 1 21  ? 25.302  -9.203  -3.002  1.00 18.66 ? 538  LEU A N   1 
ATOM   163  C  CA  . LEU A 1 21  ? 24.567  -10.451 -2.852  1.00 20.45 ? 538  LEU A CA  1 
ATOM   164  C  C   . LEU A 1 21  ? 25.508  -11.650 -3.009  1.00 23.44 ? 538  LEU A C   1 
ATOM   165  O  O   . LEU A 1 21  ? 25.397  -12.617 -2.265  1.00 21.76 ? 538  LEU A O   1 
ATOM   166  C  CB  . LEU A 1 21  ? 23.425  -10.531 -3.851  1.00 16.93 ? 538  LEU A CB  1 
ATOM   167  C  CG  . LEU A 1 21  ? 22.223  -9.647  -3.520  1.00 18.73 ? 538  LEU A CG  1 
ATOM   168  C  CD1 . LEU A 1 21  ? 21.329  -9.542  -4.728  1.00 15.97 ? 538  LEU A CD1 1 
ATOM   169  C  CD2 . LEU A 1 21  ? 21.425  -10.175 -2.313  1.00 17.93 ? 538  LEU A CD2 1 
ATOM   170  N  N   . LYS A 1 22  ? 26.440  -11.577 -3.955  1.00 21.79 ? 539  LYS A N   1 
ATOM   171  C  CA  . LYS A 1 22  ? 27.409  -12.668 -4.131  1.00 28.84 ? 539  LYS A CA  1 
ATOM   172  C  C   . LYS A 1 22  ? 28.381  -12.749 -2.960  1.00 29.16 ? 539  LYS A C   1 
ATOM   173  O  O   . LYS A 1 22  ? 28.904  -13.823 -2.661  1.00 27.11 ? 539  LYS A O   1 
ATOM   174  C  CB  . LYS A 1 22  ? 28.187  -12.509 -5.439  1.00 26.73 ? 539  LYS A CB  1 
ATOM   175  C  CG  . LYS A 1 22  ? 27.321  -12.713 -6.672  1.00 29.26 ? 539  LYS A CG  1 
ATOM   176  C  CD  . LYS A 1 22  ? 27.944  -13.686 -7.667  1.00 31.44 ? 539  LYS A CD  1 
ATOM   177  C  CE  . LYS A 1 22  ? 27.168  -13.663 -8.994  1.00 33.26 ? 539  LYS A CE  1 
ATOM   178  N  NZ  . LYS A 1 22  ? 27.614  -14.708 -9.979  1.00 33.56 ? 539  LYS A NZ  1 
ATOM   179  N  N   . ARG A 1 23  ? 28.624  -11.623 -2.292  1.00 26.93 ? 540  ARG A N   1 
ATOM   180  C  CA  . ARG A 1 23  ? 29.481  -11.634 -1.108  1.00 26.08 ? 540  ARG A CA  1 
ATOM   181  C  C   . ARG A 1 23  ? 28.750  -12.150 0.137   1.00 27.89 ? 540  ARG A C   1 
ATOM   182  O  O   . ARG A 1 23  ? 29.349  -12.281 1.202   1.00 29.12 ? 540  ARG A O   1 
ATOM   183  C  CB  . ARG A 1 23  ? 30.040  -10.242 -0.813  1.00 27.52 ? 540  ARG A CB  1 
ATOM   184  C  CG  . ARG A 1 23  ? 30.928  -9.687  -1.890  1.00 34.30 ? 540  ARG A CG  1 
ATOM   185  C  CD  . ARG A 1 23  ? 31.492  -8.326  -1.493  1.00 36.15 ? 540  ARG A CD  1 
ATOM   186  N  NE  . ARG A 1 23  ? 32.496  -7.884  -2.457  1.00 43.63 ? 540  ARG A NE  1 
ATOM   187  C  CZ  . ARG A 1 23  ? 33.377  -6.916  -2.229  1.00 44.60 ? 540  ARG A CZ  1 
ATOM   188  N  NH1 . ARG A 1 23  ? 33.381  -6.289  -1.059  1.00 42.42 ? 540  ARG A NH1 1 
ATOM   189  N  NH2 . ARG A 1 23  ? 34.252  -6.577  -3.171  1.00 42.31 ? 540  ARG A NH2 1 
ATOM   190  N  N   . GLY A 1 24  ? 27.456  -12.419 0.009   1.00 24.27 ? 541  GLY A N   1 
ATOM   191  C  CA  . GLY A 1 24  ? 26.741  -13.096 1.064   1.00 23.89 ? 541  GLY A CA  1 
ATOM   192  C  C   . GLY A 1 24  ? 25.851  -12.211 1.919   1.00 26.90 ? 541  GLY A C   1 
ATOM   193  O  O   . GLY A 1 24  ? 25.284  -12.693 2.887   1.00 22.77 ? 541  GLY A O   1 
ATOM   194  N  N   . LEU A 1 25  ? 25.695  -10.937 1.565   1.00 21.29 ? 542  LEU A N   1 
ATOM   195  C  CA  . LEU A 1 25  ? 24.805  -10.088 2.359   1.00 23.15 ? 542  LEU A CA  1 
ATOM   196  C  C   . LEU A 1 25  ? 23.369  -10.615 2.291   1.00 23.22 ? 542  LEU A C   1 
ATOM   197  O  O   . LEU A 1 25  ? 22.898  -11.077 1.239   1.00 20.97 ? 542  LEU A O   1 
ATOM   198  C  CB  . LEU A 1 25  ? 24.864  -8.626  1.905   1.00 20.78 ? 542  LEU A CB  1 
ATOM   199  C  CG  . LEU A 1 25  ? 25.977  -7.794  2.550   1.00 26.52 ? 542  LEU A CG  1 
ATOM   200  C  CD1 . LEU A 1 25  ? 27.329  -8.259  2.061   1.00 25.85 ? 542  LEU A CD1 1 
ATOM   201  C  CD2 . LEU A 1 25  ? 25.774  -6.295  2.279   1.00 19.98 ? 542  LEU A CD2 1 
ATOM   202  N  N   . ASP A 1 26  ? 22.681  -10.546 3.427   1.00 20.35 ? 543  ASP A N   1 
ATOM   203  C  CA  . ASP A 1 26  ? 21.373  -11.174 3.599   1.00 19.41 ? 543  ASP A CA  1 
ATOM   204  C  C   . ASP A 1 26  ? 20.266  -10.196 3.236   1.00 20.23 ? 543  ASP A C   1 
ATOM   205  O  O   . ASP A 1 26  ? 20.080  -9.204  3.943   1.00 18.48 ? 543  ASP A O   1 
ATOM   206  C  CB  . ASP A 1 26  ? 21.206  -11.638 5.064   1.00 23.28 ? 543  ASP A CB  1 
ATOM   207  C  CG  . ASP A 1 26  ? 19.936  -12.455 5.303   1.00 27.24 ? 543  ASP A CG  1 
ATOM   208  O  OD1 . ASP A 1 26  ? 19.013  -12.447 4.464   1.00 23.60 ? 543  ASP A OD1 1 
ATOM   209  O  OD2 . ASP A 1 26  ? 19.849  -13.099 6.374   1.00 32.81 ? 543  ASP A OD2 1 
ATOM   210  N  N   . PRO A 1 27  ? 19.513  -10.478 2.156   1.00 19.29 ? 544  PRO A N   1 
ATOM   211  C  CA  . PRO A 1 27  ? 18.451  -9.571  1.711   1.00 19.27 ? 544  PRO A CA  1 
ATOM   212  C  C   . PRO A 1 27  ? 17.277  -9.513  2.659   1.00 19.34 ? 544  PRO A C   1 
ATOM   213  O  O   . PRO A 1 27  ? 16.422  -8.638  2.528   1.00 17.85 ? 544  PRO A O   1 
ATOM   214  C  CB  . PRO A 1 27  ? 18.011  -10.173 0.382   1.00 21.45 ? 544  PRO A CB  1 
ATOM   215  C  CG  . PRO A 1 27  ? 18.329  -11.632 0.519   1.00 21.69 ? 544  PRO A CG  1 
ATOM   216  C  CD  . PRO A 1 27  ? 19.618  -11.665 1.281   1.00 19.71 ? 544  PRO A CD  1 
ATOM   217  N  N   . ASN A 1 28  ? 17.206  -10.454 3.587   1.00 18.99 ? 545  ASN A N   1 
ATOM   218  C  CA  . ASN A 1 28  ? 16.107  -10.426 4.526   1.00 21.59 ? 545  ASN A CA  1 
ATOM   219  C  C   . ASN A 1 28  ? 16.450  -9.655  5.806   1.00 24.71 ? 545  ASN A C   1 
ATOM   220  O  O   . ASN A 1 28  ? 15.632  -9.584  6.715   1.00 25.64 ? 545  ASN A O   1 
ATOM   221  C  CB  . ASN A 1 28  ? 15.658  -11.858 4.823   1.00 21.44 ? 545  ASN A CB  1 
ATOM   222  C  CG  . ASN A 1 28  ? 14.973  -12.493 3.615   1.00 18.32 ? 545  ASN A CG  1 
ATOM   223  O  OD1 . ASN A 1 28  ? 13.996  -11.944 3.093   1.00 21.69 ? 545  ASN A OD1 1 
ATOM   224  N  ND2 . ASN A 1 28  ? 15.508  -13.626 3.137   1.00 21.47 ? 545  ASN A ND2 1 
ATOM   225  N  N   . GLU A 1 29  ? 17.657  -9.086  5.864   1.00 23.91 ? 546  GLU A N   1 
ATOM   226  C  CA  . GLU A 1 29  ? 18.043  -8.151  6.934   1.00 26.22 ? 546  GLU A CA  1 
ATOM   227  C  C   . GLU A 1 29  ? 17.427  -6.788  6.676   1.00 25.76 ? 546  GLU A C   1 
ATOM   228  O  O   . GLU A 1 29  ? 17.630  -6.206  5.607   1.00 22.78 ? 546  GLU A O   1 
ATOM   229  C  CB  . GLU A 1 29  ? 19.567  -7.994  7.030   1.00 26.72 ? 546  GLU A CB  1 
ATOM   230  C  CG  . GLU A 1 29  ? 20.319  -9.131  7.723   1.00 34.92 ? 546  GLU A CG  1 
ATOM   231  C  CD  . GLU A 1 29  ? 19.930  -9.313  9.189   1.00 45.19 ? 546  GLU A CD  1 
ATOM   232  O  OE1 . GLU A 1 29  ? 19.494  -8.333  9.840   1.00 42.90 ? 546  GLU A OE1 1 
ATOM   233  O  OE2 . GLU A 1 29  ? 20.065  -10.450 9.691   1.00 48.91 ? 546  GLU A OE2 1 
ATOM   234  N  N   . SER A 1 30  ? 16.717  -6.245  7.663   1.00 26.52 ? 547  SER A N   1 
ATOM   235  C  CA  . SER A 1 30  ? 16.013  -4.975  7.475   1.00 26.52 ? 547  SER A CA  1 
ATOM   236  C  C   . SER A 1 30  ? 16.569  -3.851  8.346   1.00 29.86 ? 547  SER A C   1 
ATOM   237  O  O   . SER A 1 30  ? 17.323  -4.100  9.281   1.00 28.22 ? 547  SER A O   1 
ATOM   238  C  CB  . SER A 1 30  ? 14.530  -5.150  7.777   1.00 28.03 ? 547  SER A CB  1 
ATOM   239  O  OG  . SER A 1 30  ? 14.351  -5.557  9.119   1.00 26.10 ? 547  SER A OG  1 
ATOM   240  N  N   . ASP A 1 31  ? 16.199  -2.614  8.037   1.00 28.20 ? 548  ASP A N   1 
ATOM   241  C  CA  . ASP A 1 31  ? 16.673  -1.501  8.843   1.00 30.42 ? 548  ASP A CA  1 
ATOM   242  C  C   . ASP A 1 31  ? 15.806  -1.387  10.085  1.00 34.07 ? 548  ASP A C   1 
ATOM   243  O  O   . ASP A 1 31  ? 14.967  -2.260  10.357  1.00 30.15 ? 548  ASP A O   1 
ATOM   244  C  CB  . ASP A 1 31  ? 16.679  -0.191  8.047   1.00 31.67 ? 548  ASP A CB  1 
ATOM   245  C  CG  . ASP A 1 31  ? 15.280  0.332   7.717   1.00 26.99 ? 548  ASP A CG  1 
ATOM   246  O  OD1 . ASP A 1 31  ? 14.248  -0.201  8.193   1.00 27.25 ? 548  ASP A OD1 1 
ATOM   247  O  OD2 . ASP A 1 31  ? 15.226  1.322   6.972   1.00 34.70 ? 548  ASP A OD2 1 
ATOM   248  N  N   . ASN A 1 32  ? 15.983  -0.296  10.825  1.00 35.82 ? 549  ASN A N   1 
ATOM   249  C  CA  . ASN A 1 32  ? 15.268  -0.135  12.072  1.00 33.01 ? 549  ASN A CA  1 
ATOM   250  C  C   . ASN A 1 32  ? 13.750  -0.087  11.944  1.00 32.78 ? 549  ASN A C   1 
ATOM   251  O  O   . ASN A 1 32  ? 13.041  -0.359  12.913  1.00 32.91 ? 549  ASN A O   1 
ATOM   252  C  CB  . ASN A 1 32  ? 15.727  1.130   12.788  1.00 34.43 ? 549  ASN A CB  1 
ATOM   253  C  CG  . ASN A 1 32  ? 15.446  1.048   14.257  1.00 35.30 ? 549  ASN A CG  1 
ATOM   254  O  OD1 . ASN A 1 32  ? 15.483  -0.048  14.820  1.00 34.16 ? 549  ASN A OD1 1 
ATOM   255  N  ND2 . ASN A 1 32  ? 15.127  2.175   14.885  1.00 28.09 ? 549  ASN A ND2 1 
ATOM   256  N  N   . ASN A 1 33  ? 13.255  0.295   10.767  1.00 31.23 ? 550  ASN A N   1 
ATOM   257  C  CA  . ASN A 1 33  ? 11.817  0.367   10.528  1.00 30.51 ? 550  ASN A CA  1 
ATOM   258  C  C   . ASN A 1 33  ? 11.261  -0.857  9.786   1.00 29.53 ? 550  ASN A C   1 
ATOM   259  O  O   . ASN A 1 33  ? 10.141  -0.839  9.286   1.00 28.59 ? 550  ASN A O   1 
ATOM   260  C  CB  . ASN A 1 33  ? 11.483  1.652   9.761   1.00 31.34 ? 550  ASN A CB  1 
ATOM   261  C  CG  . ASN A 1 33  ? 11.791  2.918   10.580  1.00 35.31 ? 550  ASN A CG  1 
ATOM   262  O  OD1 . ASN A 1 33  ? 11.556  2.961   11.791  1.00 33.88 ? 550  ASN A OD1 1 
ATOM   263  N  ND2 . ASN A 1 33  ? 12.303  3.943   9.919   1.00 37.64 ? 550  ASN A ND2 1 
ATOM   264  N  N   . GLY A 1 34  ? 12.046  -1.925  9.723   1.00 30.55 ? 551  GLY A N   1 
ATOM   265  C  CA  . GLY A 1 34  ? 11.597  -3.136  9.063   1.00 29.72 ? 551  GLY A CA  1 
ATOM   266  C  C   . GLY A 1 34  ? 11.632  -3.068  7.544   1.00 27.03 ? 551  GLY A C   1 
ATOM   267  O  O   . GLY A 1 34  ? 11.066  -3.928  6.872   1.00 24.43 ? 551  GLY A O   1 
ATOM   268  N  N   . ARG A 1 35  ? 12.282  -2.041  7.005   1.00 24.18 ? 552  ARG A N   1 
ATOM   269  C  CA  . ARG A 1 35  ? 12.467  -1.909  5.563   1.00 24.03 ? 552  ARG A CA  1 
ATOM   270  C  C   . ARG A 1 35  ? 13.577  -2.830  5.056   1.00 20.94 ? 552  ARG A C   1 
ATOM   271  O  O   . ARG A 1 35  ? 14.693  -2.790  5.556   1.00 20.25 ? 552  ARG A O   1 
ATOM   272  C  CB  . ARG A 1 35  ? 12.827  -0.481  5.167   1.00 24.80 ? 552  ARG A CB  1 
ATOM   273  C  CG  . ARG A 1 35  ? 11.918  0.594   5.728   1.00 36.09 ? 552  ARG A CG  1 
ATOM   274  C  CD  . ARG A 1 35  ? 10.634  0.652   4.945   1.00 35.14 ? 552  ARG A CD  1 
ATOM   275  N  NE  . ARG A 1 35  ? 10.788  1.267   3.626   1.00 35.46 ? 552  ARG A NE  1 
ATOM   276  C  CZ  . ARG A 1 35  ? 9.856   1.170   2.681   1.00 29.45 ? 552  ARG A CZ  1 
ATOM   277  N  NH1 . ARG A 1 35  ? 8.756   0.467   2.937   1.00 29.07 ? 552  ARG A NH1 1 
ATOM   278  N  NH2 . ARG A 1 35  ? 10.027  1.742   1.497   1.00 28.12 ? 552  ARG A NH2 1 
ATOM   279  N  N   . THR A 1 36  ? 13.268  -3.611  4.028   1.00 19.94 ? 553  THR A N   1 
ATOM   280  C  CA  . THR A 1 36  ? 14.256  -4.481  3.393   1.00 15.41 ? 553  THR A CA  1 
ATOM   281  C  C   . THR A 1 36  ? 14.708  -3.871  2.067   1.00 18.85 ? 553  THR A C   1 
ATOM   282  O  O   . THR A 1 36  ? 14.031  -2.983  1.542   1.00 18.15 ? 553  THR A O   1 
ATOM   283  C  CB  . THR A 1 36  ? 13.682  -5.858  3.093   1.00 21.10 ? 553  THR A CB  1 
ATOM   284  O  OG1 . THR A 1 36  ? 12.665  -5.705  2.105   1.00 17.04 ? 553  THR A OG1 1 
ATOM   285  C  CG2 . THR A 1 36  ? 13.091  -6.513  4.367   1.00 21.58 ? 553  THR A CG2 1 
ATOM   286  N  N   . PRO A 1 37  ? 15.827  -4.374  1.489   1.00 17.25 ? 554  PRO A N   1 
ATOM   287  C  CA  . PRO A 1 37  ? 16.164  -3.899  0.142   1.00 16.39 ? 554  PRO A CA  1 
ATOM   288  C  C   . PRO A 1 37  ? 15.056  -4.146  -0.876  1.00 16.24 ? 554  PRO A C   1 
ATOM   289  O  O   . PRO A 1 37  ? 14.937  -3.366  -1.806  1.00 19.86 ? 554  PRO A O   1 
ATOM   290  C  CB  . PRO A 1 37  ? 17.427  -4.709  -0.225  1.00 15.73 ? 554  PRO A CB  1 
ATOM   291  C  CG  . PRO A 1 37  ? 17.520  -5.809  0.790   1.00 16.59 ? 554  PRO A CG  1 
ATOM   292  C  CD  . PRO A 1 37  ? 16.901  -5.208  2.048   1.00 16.31 ? 554  PRO A CD  1 
ATOM   293  N  N   . LEU A 1 38  ? 14.244  -5.192  -0.714  1.00 17.88 ? 555  LEU A N   1 
ATOM   294  C  CA  . LEU A 1 38  ? 13.169  -5.417  -1.682  1.00 16.73 ? 555  LEU A CA  1 
ATOM   295  C  C   . LEU A 1 38  ? 12.043  -4.370  -1.579  1.00 18.94 ? 555  LEU A C   1 
ATOM   296  O  O   . LEU A 1 38  ? 11.485  -3.947  -2.605  1.00 16.25 ? 555  LEU A O   1 
ATOM   297  C  CB  . LEU A 1 38  ? 12.594  -6.825  -1.529  1.00 17.51 ? 555  LEU A CB  1 
ATOM   298  C  CG  . LEU A 1 38  ? 11.519  -7.186  -2.566  1.00 18.25 ? 555  LEU A CG  1 
ATOM   299  C  CD1 . LEU A 1 38  ? 12.099  -7.076  -3.995  1.00 18.42 ? 555  LEU A CD1 1 
ATOM   300  C  CD2 . LEU A 1 38  ? 10.956  -8.575  -2.305  1.00 16.45 ? 555  LEU A CD2 1 
ATOM   301  N  N   . HIS A 1 39  ? 11.684  -3.964  -0.363  1.00 16.17 ? 556  HIS A N   1 
ATOM   302  C  CA  . HIS A 1 39  ? 10.828  -2.782  -0.213  1.00 17.20 ? 556  HIS A CA  1 
ATOM   303  C  C   . HIS A 1 39  ? 11.308  -1.621  -1.090  1.00 17.31 ? 556  HIS A C   1 
ATOM   304  O  O   . HIS A 1 39  ? 10.523  -1.001  -1.800  1.00 16.35 ? 556  HIS A O   1 
ATOM   305  C  CB  . HIS A 1 39  ? 10.795  -2.284  1.235   1.00 21.27 ? 556  HIS A CB  1 
ATOM   306  C  CG  . HIS A 1 39  ? 9.898   -3.068  2.131   1.00 20.77 ? 556  HIS A CG  1 
ATOM   307  N  ND1 . HIS A 1 39  ? 10.381  -3.863  3.146   1.00 20.64 ? 556  HIS A ND1 1 
ATOM   308  C  CD2 . HIS A 1 39  ? 8.547   -3.160  2.187   1.00 22.01 ? 556  HIS A CD2 1 
ATOM   309  C  CE1 . HIS A 1 39  ? 9.368   -4.440  3.769   1.00 22.35 ? 556  HIS A CE1 1 
ATOM   310  N  NE2 . HIS A 1 39  ? 8.244   -4.017  3.219   1.00 23.22 ? 556  HIS A NE2 1 
ATOM   311  N  N   . ILE A 1 40  ? 12.602  -1.329  -0.997  1.00 15.70 ? 557  ILE A N   1 
ATOM   312  C  CA  . ILE A 1 40  ? 13.185  -0.155  -1.632  1.00 16.51 ? 557  ILE A CA  1 
ATOM   313  C  C   . ILE A 1 40  ? 13.239  -0.348  -3.139  1.00 19.60 ? 557  ILE A C   1 
ATOM   314  O  O   . ILE A 1 40  ? 12.806  0.517   -3.898  1.00 17.65 ? 557  ILE A O   1 
ATOM   315  C  CB  . ILE A 1 40  ? 14.597  0.138   -1.070  1.00 20.20 ? 557  ILE A CB  1 
ATOM   316  C  CG1 . ILE A 1 40  ? 14.531  0.467   0.420   1.00 20.79 ? 557  ILE A CG1 1 
ATOM   317  C  CG2 . ILE A 1 40  ? 15.265  1.328   -1.782  1.00 21.74 ? 557  ILE A CG2 1 
ATOM   318  C  CD1 . ILE A 1 40  ? 15.892  0.585   1.044   1.00 20.94 ? 557  ILE A CD1 1 
ATOM   319  N  N   . ALA A 1 41  ? 13.734  -1.502  -3.577  1.00 16.26 ? 558  ALA A N   1 
ATOM   320  C  CA  . ALA A 1 41  ? 13.787  -1.765  -5.015  1.00 16.22 ? 558  ALA A CA  1 
ATOM   321  C  C   . ALA A 1 41  ? 12.399  -1.686  -5.641  1.00 17.47 ? 558  ALA A C   1 
ATOM   322  O  O   . ALA A 1 41  ? 12.241  -1.140  -6.739  1.00 18.20 ? 558  ALA A O   1 
ATOM   323  C  CB  . ALA A 1 41  ? 14.416  -3.136  -5.290  1.00 16.43 ? 558  ALA A CB  1 
ATOM   324  N  N   . ALA A 1 42  ? 11.391  -2.230  -4.947  1.00 14.96 ? 559  ALA A N   1 
ATOM   325  C  CA  . ALA A 1 42  ? 10.028  -2.211  -5.463  1.00 14.55 ? 559  ALA A CA  1 
ATOM   326  C  C   . ALA A 1 42  ? 9.497   -0.786  -5.540  1.00 18.92 ? 559  ALA A C   1 
ATOM   327  O  O   . ALA A 1 42  ? 8.778   -0.427  -6.475  1.00 19.01 ? 559  ALA A O   1 
ATOM   328  C  CB  . ALA A 1 42  ? 9.095   -3.070  -4.588  1.00 17.61 ? 559  ALA A CB  1 
ATOM   329  N  N   . SER A 1 43  ? 9.838   0.014   -4.534  1.00 16.60 ? 560  SER A N   1 
ATOM   330  C  CA  . SER A 1 43  ? 9.441   1.426   -4.538  1.00 21.64 ? 560  SER A CA  1 
ATOM   331  C  C   . SER A 1 43  ? 10.063  2.200   -5.699  1.00 20.57 ? 560  SER A C   1 
ATOM   332  O  O   . SER A 1 43  ? 9.400   3.023   -6.336  1.00 25.21 ? 560  SER A O   1 
ATOM   333  C  CB  . SER A 1 43  ? 9.823   2.108   -3.217  1.00 20.56 ? 560  SER A CB  1 
ATOM   334  O  OG  . SER A 1 43  ? 9.422   3.480   -3.223  1.00 25.53 ? 560  SER A OG  1 
ATOM   335  N  N   . LYS A 1 44  ? 11.334  1.940   -5.980  1.00 21.17 ? 561  LYS A N   1 
ATOM   336  C  CA  . LYS A 1 44  ? 12.028  2.685   -7.019  1.00 20.93 ? 561  LYS A CA  1 
ATOM   337  C  C   . LYS A 1 44  ? 11.735  2.128   -8.404  1.00 24.54 ? 561  LYS A C   1 
ATOM   338  O  O   . LYS A 1 44  ? 12.027  2.769   -9.406  1.00 24.43 ? 561  LYS A O   1 
ATOM   339  C  CB  . LYS A 1 44  ? 13.533  2.681   -6.776  1.00 23.75 ? 561  LYS A CB  1 
ATOM   340  C  CG  . LYS A 1 44  ? 13.939  3.099   -5.384  1.00 29.17 ? 561  LYS A CG  1 
ATOM   341  C  CD  . LYS A 1 44  ? 14.168  4.574   -5.269  1.00 32.69 ? 561  LYS A CD  1 
ATOM   342  C  CE  . LYS A 1 44  ? 14.715  4.895   -3.891  1.00 34.06 ? 561  LYS A CE  1 
ATOM   343  N  NZ  . LYS A 1 44  ? 14.777  6.357   -3.658  1.00 32.75 ? 561  LYS A NZ  1 
ATOM   344  N  N   . GLY A 1 45  ? 11.152  0.933   -8.456  1.00 21.47 ? 562  GLY A N   1 
ATOM   345  C  CA  . GLY A 1 45  ? 10.837  0.293   -9.717  1.00 21.82 ? 562  GLY A CA  1 
ATOM   346  C  C   . GLY A 1 45  ? 12.032  -0.277  -10.449 1.00 23.68 ? 562  GLY A C   1 
ATOM   347  O  O   . GLY A 1 45  ? 11.981  -0.414  -11.669 1.00 23.12 ? 562  GLY A O   1 
ATOM   348  N  N   . THR A 1 46  ? 13.097  -0.634  -9.724  1.00 18.74 ? 563  THR A N   1 
ATOM   349  C  CA  . THR A 1 46  ? 14.297  -1.156  -10.367 1.00 19.49 ? 563  THR A CA  1 
ATOM   350  C  C   . THR A 1 46  ? 14.177  -2.670  -10.608 1.00 21.76 ? 563  THR A C   1 
ATOM   351  O  O   . THR A 1 46  ? 14.488  -3.489  -9.723  1.00 18.20 ? 563  THR A O   1 
ATOM   352  C  CB  . THR A 1 46  ? 15.552  -0.877  -9.546  1.00 22.89 ? 563  THR A CB  1 
ATOM   353  O  OG1 . THR A 1 46  ? 15.461  0.408   -8.921  1.00 23.89 ? 563  THR A OG1 1 
ATOM   354  C  CG2 . THR A 1 46  ? 16.788  -0.914  -10.443 1.00 26.70 ? 563  THR A CG2 1 
ATOM   355  N  N   . LEU A 1 47  ? 13.717  -3.033  -11.800 1.00 21.44 ? 564  LEU A N   1 
ATOM   356  C  CA  . LEU A 1 47  ? 13.392  -4.428  -12.101 1.00 22.83 ? 564  LEU A CA  1 
ATOM   357  C  C   . LEU A 1 47  ? 14.568  -5.368  -11.862 1.00 23.32 ? 564  LEU A C   1 
ATOM   358  O  O   . LEU A 1 47  ? 14.386  -6.439  -11.277 1.00 20.67 ? 564  LEU A O   1 
ATOM   359  C  CB  . LEU A 1 47  ? 12.885  -4.573  -13.539 1.00 24.44 ? 564  LEU A CB  1 
ATOM   360  C  CG  . LEU A 1 47  ? 12.418  -5.980  -13.911 1.00 20.90 ? 564  LEU A CG  1 
ATOM   361  C  CD1 . LEU A 1 47  ? 11.395  -6.498  -12.894 1.00 22.69 ? 564  LEU A CD1 1 
ATOM   362  C  CD2 . LEU A 1 47  ? 11.829  -6.029  -15.311 1.00 24.78 ? 564  LEU A CD2 1 
ATOM   363  N  N   . ASN A 1 48  ? 15.766  -4.975  -12.296 1.00 21.84 ? 565  ASN A N   1 
ATOM   364  C  CA  . ASN A 1 48  ? 16.955  -5.811  -12.094 1.00 25.72 ? 565  ASN A CA  1 
ATOM   365  C  C   . ASN A 1 48  ? 17.225  -6.085  -10.612 1.00 21.64 ? 565  ASN A C   1 
ATOM   366  O  O   . ASN A 1 48  ? 17.627  -7.192  -10.235 1.00 17.49 ? 565  ASN A O   1 
ATOM   367  C  CB  . ASN A 1 48  ? 18.203  -5.159  -12.698 1.00 22.81 ? 565  ASN A CB  1 
ATOM   368  C  CG  . ASN A 1 48  ? 17.963  -4.602  -14.090 1.00 33.02 ? 565  ASN A CG  1 
ATOM   369  O  OD1 . ASN A 1 48  ? 17.354  -3.528  -14.251 1.00 38.11 ? 565  ASN A OD1 1 
ATOM   370  N  ND2 . ASN A 1 48  ? 18.448  -5.314  -15.106 1.00 25.05 ? 565  ASN A ND2 1 
ATOM   371  N  N   . CYS A 1 49  ? 17.063  -5.054  -9.785  1.00 20.29 ? 566  CYS A N   1 
ATOM   372  C  CA  . CYS A 1 49  ? 17.282  -5.205  -8.345  1.00 17.95 ? 566  CYS A CA  1 
ATOM   373  C  C   . CYS A 1 49  ? 16.248  -6.154  -7.784  1.00 16.37 ? 566  CYS A C   1 
ATOM   374  O  O   . CYS A 1 49  ? 16.581  -7.040  -6.998  1.00 16.40 ? 566  CYS A O   1 
ATOM   375  C  CB  . CYS A 1 49  ? 17.217  -3.854  -7.615  1.00 16.76 ? 566  CYS A CB  1 
ATOM   376  S  SG  . CYS A 1 49  ? 18.696  -2.831  -7.884  1.00 20.42 ? 566  CYS A SG  1 
ATOM   377  N  N   . VAL A 1 50  ? 15.001  -5.972  -8.193  1.00 14.98 ? 567  VAL A N   1 
ATOM   378  C  CA  . VAL A 1 50  ? 13.914  -6.838  -7.725  1.00 17.37 ? 567  VAL A CA  1 
ATOM   379  C  C   . VAL A 1 50  ? 14.210  -8.312  -8.063  1.00 18.04 ? 567  VAL A C   1 
ATOM   380  O  O   . VAL A 1 50  ? 14.153  -9.201  -7.188  1.00 14.52 ? 567  VAL A O   1 
ATOM   381  C  CB  . VAL A 1 50  ? 12.567  -6.388  -8.332  1.00 16.44 ? 567  VAL A CB  1 
ATOM   382  C  CG1 . VAL A 1 50  ? 11.465  -7.430  -8.090  1.00 15.70 ? 567  VAL A CG1 1 
ATOM   383  C  CG2 . VAL A 1 50  ? 12.140  -4.990  -7.749  1.00 14.97 ? 567  VAL A CG2 1 
ATOM   384  N  N   . LEU A 1 51  ? 14.565  -8.567  -9.320  1.00 17.43 ? 568  LEU A N   1 
ATOM   385  C  CA  . LEU A 1 51  ? 14.859  -9.938  -9.773  1.00 17.52 ? 568  LEU A CA  1 
ATOM   386  C  C   . LEU A 1 51  ? 16.025  -10.571 -9.003  1.00 14.78 ? 568  LEU A C   1 
ATOM   387  O  O   . LEU A 1 51  ? 15.956  -11.738 -8.579  1.00 16.92 ? 568  LEU A O   1 
ATOM   388  C  CB  . LEU A 1 51  ? 15.157  -9.940  -11.293 1.00 17.32 ? 568  LEU A CB  1 
ATOM   389  C  CG  . LEU A 1 51  ? 13.974  -9.705  -12.246 1.00 16.94 ? 568  LEU A CG  1 
ATOM   390  C  CD1 . LEU A 1 51  ? 14.442  -9.802  -13.708 1.00 21.91 ? 568  LEU A CD1 1 
ATOM   391  C  CD2 . LEU A 1 51  ? 12.813  -10.657 -12.012 1.00 19.33 ? 568  LEU A CD2 1 
ATOM   392  N  N   . LEU A 1 52  ? 17.109  -9.825  -8.838  1.00 12.85 ? 569  LEU A N   1 
ATOM   393  C  CA  . LEU A 1 52  ? 18.261  -10.321 -8.092  1.00 15.11 ? 569  LEU A CA  1 
ATOM   394  C  C   . LEU A 1 52  ? 17.925  -10.595 -6.615  1.00 15.70 ? 569  LEU A C   1 
ATOM   395  O  O   . LEU A 1 52  ? 18.336  -11.617 -6.058  1.00 14.77 ? 569  LEU A O   1 
ATOM   396  C  CB  . LEU A 1 52  ? 19.428  -9.345  -8.174  1.00 14.67 ? 569  LEU A CB  1 
ATOM   397  C  CG  . LEU A 1 52  ? 20.131  -9.219  -9.541  1.00 15.01 ? 569  LEU A CG  1 
ATOM   398  C  CD1 . LEU A 1 52  ? 21.128  -8.081  -9.477  1.00 18.42 ? 569  LEU A CD1 1 
ATOM   399  C  CD2 . LEU A 1 52  ? 20.818  -10.552 -9.939  1.00 13.33 ? 569  LEU A CD2 1 
ATOM   400  N  N   . LEU A 1 53  ? 17.199  -9.682  -5.973  1.00 13.21 ? 570  LEU A N   1 
ATOM   401  C  CA  . LEU A 1 53  ? 16.782  -9.937  -4.588  1.00 16.73 ? 570  LEU A CA  1 
ATOM   402  C  C   . LEU A 1 53  ? 15.923  -11.222 -4.461  1.00 18.03 ? 570  LEU A C   1 
ATOM   403  O  O   . LEU A 1 53  ? 16.150  -12.049 -3.569  1.00 16.44 ? 570  LEU A O   1 
ATOM   404  C  CB  . LEU A 1 53  ? 16.025  -8.721  -4.035  1.00 15.69 ? 570  LEU A CB  1 
ATOM   405  C  CG  . LEU A 1 53  ? 16.932  -7.495  -3.841  1.00 16.55 ? 570  LEU A CG  1 
ATOM   406  C  CD1 . LEU A 1 53  ? 16.101  -6.221  -3.673  1.00 14.68 ? 570  LEU A CD1 1 
ATOM   407  C  CD2 . LEU A 1 53  ? 17.891  -7.692  -2.638  1.00 18.50 ? 570  LEU A CD2 1 
ATOM   408  N  N   . LEU A 1 54  ? 14.945  -11.382 -5.342  1.00 14.15 ? 571  LEU A N   1 
ATOM   409  C  CA  . LEU A 1 54  ? 14.091  -12.564 -5.323  1.00 15.09 ? 571  LEU A CA  1 
ATOM   410  C  C   . LEU A 1 54  ? 14.927  -13.817 -5.559  1.00 20.18 ? 571  LEU A C   1 
ATOM   411  O  O   . LEU A 1 54  ? 14.705  -14.852 -4.923  1.00 16.57 ? 571  LEU A O   1 
ATOM   412  C  CB  . LEU A 1 54  ? 12.987  -12.454 -6.372  1.00 17.32 ? 571  LEU A CB  1 
ATOM   413  C  CG  . LEU A 1 54  ? 11.936  -11.389 -6.052  1.00 18.11 ? 571  LEU A CG  1 
ATOM   414  C  CD1 . LEU A 1 54  ? 11.042  -11.136 -7.256  1.00 17.32 ? 571  LEU A CD1 1 
ATOM   415  C  CD2 . LEU A 1 54  ? 11.117  -11.831 -4.841  1.00 17.03 ? 571  LEU A CD2 1 
ATOM   416  N  N   . GLU A 1 55  ? 15.901  -13.720 -6.464  1.00 13.80 ? 572  GLU A N   1 
ATOM   417  C  CA  . GLU A 1 55  ? 16.784  -14.848 -6.741  1.00 21.30 ? 572  GLU A CA  1 
ATOM   418  C  C   . GLU A 1 55  ? 17.597  -15.267 -5.498  1.00 18.32 ? 572  GLU A C   1 
ATOM   419  O  O   . GLU A 1 55  ? 17.868  -16.448 -5.293  1.00 21.22 ? 572  GLU A O   1 
ATOM   420  C  CB  . GLU A 1 55  ? 17.741  -14.516 -7.884  1.00 18.02 ? 572  GLU A CB  1 
ATOM   421  C  CG  . GLU A 1 55  ? 18.841  -15.556 -8.043  1.00 17.93 ? 572  GLU A CG  1 
ATOM   422  C  CD  . GLU A 1 55  ? 19.897  -15.153 -9.055  1.00 26.30 ? 572  GLU A CD  1 
ATOM   423  O  OE1 . GLU A 1 55  ? 19.648  -14.200 -9.831  1.00 22.66 ? 572  GLU A OE1 1 
ATOM   424  O  OE2 . GLU A 1 55  ? 20.975  -15.784 -9.051  1.00 21.89 ? 572  GLU A OE2 1 
ATOM   425  N  N   . TYR A 1 56  ? 17.999  -14.285 -4.691  1.00 15.86 ? 573  TYR A N   1 
ATOM   426  C  CA  . TYR A 1 56  ? 18.768  -14.552 -3.479  1.00 17.29 ? 573  TYR A CA  1 
ATOM   427  C  C   . TYR A 1 56  ? 17.840  -14.665 -2.274  1.00 15.70 ? 573  TYR A C   1 
ATOM   428  O  O   . TYR A 1 56  ? 18.269  -14.466 -1.140  1.00 19.22 ? 573  TYR A O   1 
ATOM   429  C  CB  . TYR A 1 56  ? 19.842  -13.474 -3.261  1.00 19.48 ? 573  TYR A CB  1 
ATOM   430  C  CG  . TYR A 1 56  ? 21.048  -13.721 -4.131  1.00 21.80 ? 573  TYR A CG  1 
ATOM   431  C  CD1 . TYR A 1 56  ? 21.048  -13.365 -5.475  1.00 19.89 ? 573  TYR A CD1 1 
ATOM   432  C  CD2 . TYR A 1 56  ? 22.161  -14.360 -3.623  1.00 22.93 ? 573  TYR A CD2 1 
ATOM   433  C  CE1 . TYR A 1 56  ? 22.139  -13.625 -6.275  1.00 20.49 ? 573  TYR A CE1 1 
ATOM   434  C  CE2 . TYR A 1 56  ? 23.240  -14.616 -4.398  1.00 25.24 ? 573  TYR A CE2 1 
ATOM   435  C  CZ  . TYR A 1 56  ? 23.228  -14.253 -5.721  1.00 27.21 ? 573  TYR A CZ  1 
ATOM   436  O  OH  . TYR A 1 56  ? 24.327  -14.519 -6.471  1.00 27.07 ? 573  TYR A OH  1 
ATOM   437  N  N   . HIS A 1 57  ? 16.573  -14.967 -2.554  1.00 14.51 ? 574  HIS A N   1 
ATOM   438  C  CA  . HIS A 1 57  ? 15.588  -15.445 -1.565  1.00 18.94 ? 574  HIS A CA  1 
ATOM   439  C  C   . HIS A 1 57  ? 15.024  -14.366 -0.655  1.00 21.29 ? 574  HIS A C   1 
ATOM   440  O  O   . HIS A 1 57  ? 14.570  -14.667 0.456   1.00 15.92 ? 574  HIS A O   1 
ATOM   441  C  CB  . HIS A 1 57  ? 16.193  -16.575 -0.714  1.00 19.60 ? 574  HIS A CB  1 
ATOM   442  C  CG  . HIS A 1 57  ? 16.911  -17.604 -1.529  1.00 16.75 ? 574  HIS A CG  1 
ATOM   443  N  ND1 . HIS A 1 57  ? 16.275  -18.376 -2.473  1.00 17.53 ? 574  HIS A ND1 1 
ATOM   444  C  CD2 . HIS A 1 57  ? 18.216  -17.960 -1.560  1.00 18.60 ? 574  HIS A CD2 1 
ATOM   445  C  CE1 . HIS A 1 57  ? 17.159  -19.174 -3.048  1.00 20.27 ? 574  HIS A CE1 1 
ATOM   446  N  NE2 . HIS A 1 57  ? 18.346  -18.936 -2.515  1.00 19.54 ? 574  HIS A NE2 1 
ATOM   447  N  N   . ALA A 1 58  ? 15.025  -13.116 -1.135  1.00 14.33 ? 575  ALA A N   1 
ATOM   448  C  CA  . ALA A 1 58  ? 14.262  -12.072 -0.461  1.00 17.82 ? 575  ALA A CA  1 
ATOM   449  C  C   . ALA A 1 58  ? 12.805  -12.522 -0.335  1.00 17.53 ? 575  ALA A C   1 
ATOM   450  O  O   . ALA A 1 58  ? 12.200  -12.998 -1.287  1.00 20.55 ? 575  ALA A O   1 
ATOM   451  C  CB  . ALA A 1 58  ? 14.347  -10.719 -1.232  1.00 16.48 ? 575  ALA A CB  1 
ATOM   452  N  N   . ASP A 1 59  ? 12.250  -12.379 0.860   1.00 20.68 ? 576  ASP A N   1 
ATOM   453  C  CA  . ASP A 1 59  ? 10.843  -12.658 1.117   1.00 17.46 ? 576  ASP A CA  1 
ATOM   454  C  C   . ASP A 1 59  ? 9.942   -11.681 0.349   1.00 19.61 ? 576  ASP A C   1 
ATOM   455  O  O   . ASP A 1 59  ? 9.951   -10.466 0.602   1.00 22.01 ? 576  ASP A O   1 
ATOM   456  C  CB  . ASP A 1 59  ? 10.600  -12.579 2.633   1.00 20.17 ? 576  ASP A CB  1 
ATOM   457  C  CG  . ASP A 1 59  ? 9.154   -12.831 3.031   1.00 28.16 ? 576  ASP A CG  1 
ATOM   458  O  OD1 . ASP A 1 59  ? 8.299   -13.156 2.172   1.00 24.49 ? 576  ASP A OD1 1 
ATOM   459  O  OD2 . ASP A 1 59  ? 8.887   -12.703 4.247   1.00 30.52 ? 576  ASP A OD2 1 
ATOM   460  N  N   . PRO A 1 60  ? 9.129   -12.208 -0.566  1.00 18.48 ? 577  PRO A N   1 
ATOM   461  C  CA  . PRO A 1 60  ? 8.303   -11.335 -1.399  1.00 20.54 ? 577  PRO A CA  1 
ATOM   462  C  C   . PRO A 1 60  ? 7.138   -10.717 -0.625  1.00 23.58 ? 577  PRO A C   1 
ATOM   463  O  O   . PRO A 1 60  ? 6.483   -9.833  -1.154  1.00 22.03 ? 577  PRO A O   1 
ATOM   464  C  CB  . PRO A 1 60  ? 7.779   -12.278 -2.496  1.00 20.70 ? 577  PRO A CB  1 
ATOM   465  C  CG  . PRO A 1 60  ? 7.840   -13.629 -1.893  1.00 24.71 ? 577  PRO A CG  1 
ATOM   466  C  CD  . PRO A 1 60  ? 9.030   -13.625 -0.976  1.00 21.82 ? 577  PRO A CD  1 
ATOM   467  N  N   . ASN A 1 61  ? 6.874   -11.200 0.589   1.00 21.05 ? 578  ASN A N   1 
ATOM   468  C  CA  . ASN A 1 61  ? 5.755   -10.697 1.376   1.00 22.01 ? 578  ASN A CA  1 
ATOM   469  C  C   . ASN A 1 61  ? 6.186   -10.004 2.676   1.00 27.38 ? 578  ASN A C   1 
ATOM   470  O  O   . ASN A 1 61  ? 5.387   -9.851  3.613   1.00 26.38 ? 578  ASN A O   1 
ATOM   471  C  CB  . ASN A 1 61  ? 4.786   -11.849 1.685   1.00 23.68 ? 578  ASN A CB  1 
ATOM   472  C  CG  . ASN A 1 61  ? 3.942   -12.227 0.490   1.00 25.22 ? 578  ASN A CG  1 
ATOM   473  O  OD1 . ASN A 1 61  ? 3.162   -11.409 -0.017  1.00 25.08 ? 578  ASN A OD1 1 
ATOM   474  N  ND2 . ASN A 1 61  ? 4.102   -13.464 0.014   1.00 28.39 ? 578  ASN A ND2 1 
ATOM   475  N  N   . CYS A 1 62  ? 7.444   -9.570  2.716   1.00 27.47 ? 579  CYS A N   1 
ATOM   476  C  CA  A CYS A 1 62  ? 8.025   -8.907  3.882   0.68 26.66 ? 579  CYS A CA  1 
ATOM   477  C  CA  B CYS A 1 62  ? 7.978   -8.946  3.913   0.32 26.42 ? 579  CYS A CA  1 
ATOM   478  C  C   . CYS A 1 62  ? 7.219   -7.674  4.293   1.00 27.93 ? 579  CYS A C   1 
ATOM   479  O  O   . CYS A 1 62  ? 6.837   -6.866  3.447   1.00 23.89 ? 579  CYS A O   1 
ATOM   480  C  CB  A CYS A 1 62  ? 9.488   -8.516  3.602   0.68 24.37 ? 579  CYS A CB  1 
ATOM   481  C  CB  B CYS A 1 62  ? 9.458   -8.634  3.744   0.32 24.52 ? 579  CYS A CB  1 
ATOM   482  S  SG  A CYS A 1 62  ? 9.782   -7.400  2.162   0.68 20.04 ? 579  CYS A SG  1 
ATOM   483  S  SG  B CYS A 1 62  ? 10.240  -8.254  5.309   0.32 31.72 ? 579  CYS A SG  1 
ATOM   484  N  N   . ARG A 1 63  ? 6.984   -7.534  5.592   1.00 28.42 ? 580  ARG A N   1 
ATOM   485  C  CA  . ARG A 1 63  ? 6.194   -6.450  6.161   1.00 27.25 ? 580  ARG A CA  1 
ATOM   486  C  C   . ARG A 1 63  ? 7.093   -5.465  6.920   1.00 28.24 ? 580  ARG A C   1 
ATOM   487  O  O   . ARG A 1 63  ? 7.892   -5.894  7.749   1.00 27.60 ? 580  ARG A O   1 
ATOM   488  C  CB  . ARG A 1 63  ? 5.145   -7.049  7.099   1.00 30.25 ? 580  ARG A CB  1 
ATOM   489  C  CG  . ARG A 1 63  ? 3.810   -6.352  7.174   1.00 34.79 ? 580  ARG A CG  1 
ATOM   490  C  CD  . ARG A 1 63  ? 2.907   -7.158  8.114   1.00 31.71 ? 580  ARG A CD  1 
ATOM   491  N  NE  . ARG A 1 63  ? 1.967   -6.310  8.835   1.00 35.74 ? 580  ARG A NE  1 
ATOM   492  C  CZ  . ARG A 1 63  ? 0.667   -6.247  8.566   1.00 38.03 ? 580  ARG A CZ  1 
ATOM   493  N  NH1 . ARG A 1 63  ? 0.154   -6.997  7.596   1.00 33.58 ? 580  ARG A NH1 1 
ATOM   494  N  NH2 . ARG A 1 63  ? -0.121  -5.442  9.272   1.00 33.36 ? 580  ARG A NH2 1 
ATOM   495  N  N   . ASP A 1 64  ? 6.987   -4.163  6.644   1.00 23.62 ? 581  ASP A N   1 
ATOM   496  C  CA  . ASP A 1 64  ? 7.753   -3.212  7.446   1.00 26.71 ? 581  ASP A CA  1 
ATOM   497  C  C   . ASP A 1 64  ? 6.907   -2.742  8.649   1.00 31.45 ? 581  ASP A C   1 
ATOM   498  O  O   . ASP A 1 64  ? 5.915   -3.384  8.996   1.00 32.55 ? 581  ASP A O   1 
ATOM   499  C  CB  . ASP A 1 64  ? 8.273   -2.028  6.616   1.00 25.34 ? 581  ASP A CB  1 
ATOM   500  C  CG  . ASP A 1 64  ? 7.201   -1.003  6.238   1.00 26.93 ? 581  ASP A CG  1 
ATOM   501  O  OD1 . ASP A 1 64  ? 6.008   -1.110  6.616   1.00 29.74 ? 581  ASP A OD1 1 
ATOM   502  O  OD2 . ASP A 1 64  ? 7.587   -0.047  5.547   1.00 28.75 ? 581  ASP A OD2 1 
ATOM   503  N  N   . ALA A 1 65  ? 7.314   -1.642  9.275   1.00 32.72 ? 582  ALA A N   1 
ATOM   504  C  CA  . ALA A 1 65  ? 6.680   -1.161  10.511  1.00 36.26 ? 582  ALA A CA  1 
ATOM   505  C  C   . ALA A 1 65  ? 5.275   -0.589  10.299  1.00 38.07 ? 582  ALA A C   1 
ATOM   506  O  O   . ALA A 1 65  ? 4.417   -0.685  11.180  1.00 41.14 ? 582  ALA A O   1 
ATOM   507  C  CB  . ALA A 1 65  ? 7.581   -0.099  11.179  1.00 32.86 ? 582  ALA A CB  1 
ATOM   508  N  N   . GLU A 1 66  ? 5.061   0.046   9.151   1.00 35.24 ? 583  GLU A N   1 
ATOM   509  C  CA  . GLU A 1 66  ? 3.760   0.587   8.794   1.00 32.70 ? 583  GLU A CA  1 
ATOM   510  C  C   . GLU A 1 66  ? 2.828   -0.493  8.251   1.00 33.50 ? 583  GLU A C   1 
ATOM   511  O  O   . GLU A 1 66  ? 1.690   -0.189  7.898   1.00 35.23 ? 583  GLU A O   1 
ATOM   512  C  CB  . GLU A 1 66  ? 3.907   1.679   7.735   1.00 36.26 ? 583  GLU A CB  1 
ATOM   513  C  CG  . GLU A 1 66  ? 4.987   2.683   8.021   1.00 41.74 ? 583  GLU A CG  1 
ATOM   514  C  CD  . GLU A 1 66  ? 4.664   3.540   9.213   1.00 40.15 ? 583  GLU A CD  1 
ATOM   515  O  OE1 . GLU A 1 66  ? 3.723   4.349   9.106   1.00 50.64 ? 583  GLU A OE1 1 
ATOM   516  O  OE2 . GLU A 1 66  ? 5.340   3.391   10.257  1.00 45.83 ? 583  GLU A OE2 1 
ATOM   517  N  N   . GLY A 1 67  ? 3.327   -1.728  8.153   1.00 28.57 ? 584  GLY A N   1 
ATOM   518  C  CA  . GLY A 1 67  ? 2.615   -2.825  7.505   1.00 29.73 ? 584  GLY A CA  1 
ATOM   519  C  C   . GLY A 1 67  ? 2.698   -2.838  5.973   1.00 29.13 ? 584  GLY A C   1 
ATOM   520  O  O   . GLY A 1 67  ? 1.890   -3.486  5.288   1.00 23.80 ? 584  GLY A O   1 
ATOM   521  N  N   . SER A 1 68  ? 3.668   -2.117  5.420   1.00 25.80 ? 585  SER A N   1 
ATOM   522  C  CA  . SER A 1 68  ? 3.814   -2.065  3.972   1.00 24.04 ? 585  SER A CA  1 
ATOM   523  C  C   . SER A 1 68  ? 4.546   -3.308  3.446   1.00 23.63 ? 585  SER A C   1 
ATOM   524  O  O   . SER A 1 68  ? 5.346   -3.923  4.150   1.00 21.47 ? 585  SER A O   1 
ATOM   525  C  CB  . SER A 1 68  ? 4.550   -0.798  3.537   1.00 24.28 ? 585  SER A CB  1 
ATOM   526  O  OG  . SER A 1 68  ? 4.586   -0.719  2.122   1.00 23.77 ? 585  SER A OG  1 
ATOM   527  N  N   . VAL A 1 69  ? 4.232   -3.677  2.208   1.00 23.20 ? 586  VAL A N   1 
ATOM   528  C  CA  . VAL A 1 69  ? 4.827   -4.837  1.551   1.00 21.90 ? 586  VAL A CA  1 
ATOM   529  C  C   . VAL A 1 69  ? 5.323   -4.417  0.175   1.00 19.63 ? 586  VAL A C   1 
ATOM   530  O  O   . VAL A 1 69  ? 4.832   -3.430  -0.391  1.00 21.68 ? 586  VAL A O   1 
ATOM   531  C  CB  . VAL A 1 69  ? 3.816   -6.017  1.425   1.00 22.43 ? 586  VAL A CB  1 
ATOM   532  C  CG1 . VAL A 1 69  ? 3.467   -6.558  2.785   1.00 25.66 ? 586  VAL A CG1 1 
ATOM   533  C  CG2 . VAL A 1 69  ? 2.564   -5.575  0.669   1.00 22.48 ? 586  VAL A CG2 1 
ATOM   534  N  N   . PRO A 1 70  ? 6.313   -5.138  -0.362  1.00 19.74 ? 587  PRO A N   1 
ATOM   535  C  CA  . PRO A 1 70  ? 6.882   -4.746  -1.663  1.00 21.10 ? 587  PRO A CA  1 
ATOM   536  C  C   . PRO A 1 70  ? 5.825   -4.524  -2.750  1.00 20.91 ? 587  PRO A C   1 
ATOM   537  O  O   . PRO A 1 70  ? 5.958   -3.580  -3.510  1.00 22.18 ? 587  PRO A O   1 
ATOM   538  C  CB  . PRO A 1 70  ? 7.788   -5.928  -2.010  1.00 22.10 ? 587  PRO A CB  1 
ATOM   539  C  CG  . PRO A 1 70  ? 8.278   -6.400  -0.648  1.00 21.02 ? 587  PRO A CG  1 
ATOM   540  C  CD  . PRO A 1 70  ? 7.084   -6.226  0.277   1.00 19.23 ? 587  PRO A CD  1 
ATOM   541  N  N   . LEU A 1 71  ? 4.802   -5.373  -2.808  1.00 21.31 ? 588  LEU A N   1 
ATOM   542  C  CA  . LEU A 1 71  ? 3.755   -5.234  -3.812  1.00 21.86 ? 588  LEU A CA  1 
ATOM   543  C  C   . LEU A 1 71  ? 3.127   -3.849  -3.746  1.00 23.86 ? 588  LEU A C   1 
ATOM   544  O  O   . LEU A 1 71  ? 2.925   -3.192  -4.765  1.00 21.49 ? 588  LEU A O   1 
ATOM   545  C  CB  . LEU A 1 71  ? 2.686   -6.315  -3.621  1.00 23.92 ? 588  LEU A CB  1 
ATOM   546  C  CG  . LEU A 1 71  ? 1.499   -6.292  -4.587  1.00 27.77 ? 588  LEU A CG  1 
ATOM   547  C  CD1 . LEU A 1 71  ? 1.972   -6.346  -6.061  1.00 24.78 ? 588  LEU A CD1 1 
ATOM   548  C  CD2 . LEU A 1 71  ? 0.516   -7.429  -4.260  1.00 26.46 ? 588  LEU A CD2 1 
ATOM   549  N  N   . TRP A 1 72  ? 2.841   -3.394  -2.530  1.00 22.64 ? 589  TRP A N   1 
ATOM   550  C  CA  . TRP A 1 72  ? 2.218   -2.085  -2.360  1.00 21.23 ? 589  TRP A CA  1 
ATOM   551  C  C   . TRP A 1 72  ? 3.181   -0.948  -2.734  1.00 17.01 ? 589  TRP A C   1 
ATOM   552  O  O   . TRP A 1 72  ? 2.773   0.017   -3.359  1.00 23.91 ? 589  TRP A O   1 
ATOM   553  C  CB  . TRP A 1 72  ? 1.728   -1.931  -0.919  1.00 22.69 ? 589  TRP A CB  1 
ATOM   554  C  CG  . TRP A 1 72  ? 1.188   -0.554  -0.570  1.00 21.25 ? 589  TRP A CG  1 
ATOM   555  C  CD1 . TRP A 1 72  ? 1.736   0.338   0.301   1.00 20.63 ? 589  TRP A CD1 1 
ATOM   556  C  CD2 . TRP A 1 72  ? -0.011  0.058   -1.073  1.00 24.25 ? 589  TRP A CD2 1 
ATOM   557  N  NE1 . TRP A 1 72  ? 0.957   1.478   0.369   1.00 21.76 ? 589  TRP A NE1 1 
ATOM   558  C  CE2 . TRP A 1 72  ? -0.127  1.324   -0.454  1.00 24.13 ? 589  TRP A CE2 1 
ATOM   559  C  CE3 . TRP A 1 72  ? -0.999  -0.343  -1.982  1.00 25.19 ? 589  TRP A CE3 1 
ATOM   560  C  CZ2 . TRP A 1 72  ? -1.183  2.192   -0.718  1.00 23.10 ? 589  TRP A CZ2 1 
ATOM   561  C  CZ3 . TRP A 1 72  ? -2.048  0.525   -2.245  1.00 28.86 ? 589  TRP A CZ3 1 
ATOM   562  C  CH2 . TRP A 1 72  ? -2.130  1.779   -1.613  1.00 28.47 ? 589  TRP A CH2 1 
ATOM   563  N  N   . GLU A 1 73  ? 4.454   -1.070  -2.355  1.00 19.17 ? 590  GLU A N   1 
ATOM   564  C  CA  . GLU A 1 73  ? 5.481   -0.070  -2.700  1.00 23.13 ? 590  GLU A CA  1 
ATOM   565  C  C   . GLU A 1 73  ? 5.556   0.139   -4.220  1.00 23.40 ? 590  GLU A C   1 
ATOM   566  O  O   . GLU A 1 73  ? 5.710   1.264   -4.699  1.00 23.56 ? 590  GLU A O   1 
ATOM   567  C  CB  . GLU A 1 73  ? 6.864   -0.493  -2.174  1.00 22.06 ? 590  GLU A CB  1 
ATOM   568  C  CG  . GLU A 1 73  ? 6.944   -0.749  -0.663  1.00 23.11 ? 590  GLU A CG  1 
ATOM   569  C  CD  . GLU A 1 73  ? 6.932   0.537   0.153   1.00 29.72 ? 590  GLU A CD  1 
ATOM   570  O  OE1 . GLU A 1 73  ? 7.276   1.595   -0.401  1.00 28.05 ? 590  GLU A OE1 1 
ATOM   571  O  OE2 . GLU A 1 73  ? 6.567   0.487   1.350   1.00 29.52 ? 590  GLU A OE2 1 
ATOM   572  N  N   . ALA A 1 74  ? 5.428   -0.955  -4.966  1.00 18.60 ? 591  ALA A N   1 
ATOM   573  C  CA  . ALA A 1 74  ? 5.415   -0.885  -6.423  1.00 24.05 ? 591  ALA A CA  1 
ATOM   574  C  C   . ALA A 1 74  ? 4.103   -0.287  -6.946  1.00 20.37 ? 591  ALA A C   1 
ATOM   575  O  O   . ALA A 1 74  ? 4.117   0.536   -7.861  1.00 25.15 ? 591  ALA A O   1 
ATOM   576  C  CB  . ALA A 1 74  ? 5.654   -2.273  -7.024  1.00 18.31 ? 591  ALA A CB  1 
ATOM   577  N  N   . MET A 1 75  ? 2.978   -0.693  -6.362  1.00 21.09 ? 592  MET A N   1 
ATOM   578  C  CA  . MET A 1 75  ? 1.665   -0.210  -6.806  1.00 23.70 ? 592  MET A CA  1 
ATOM   579  C  C   . MET A 1 75  ? 1.516   1.301   -6.626  1.00 26.37 ? 592  MET A C   1 
ATOM   580  O  O   . MET A 1 75  ? 0.983   1.974   -7.503  1.00 26.87 ? 592  MET A O   1 
ATOM   581  C  CB  . MET A 1 75  ? 0.529   -0.918  -6.054  1.00 25.58 ? 592  MET A CB  1 
ATOM   582  C  CG  . MET A 1 75  ? 0.276   -2.348  -6.467  1.00 23.92 ? 592  MET A CG  1 
ATOM   583  S  SD  . MET A 1 75  ? -0.820  -3.203  -5.300  1.00 29.77 ? 592  MET A SD  1 
ATOM   584  C  CE  . MET A 1 75  ? -2.294  -2.191  -5.407  1.00 32.21 ? 592  MET A CE  1 
ATOM   585  N  N   . VAL A 1 76  ? 1.995   1.835   -5.502  1.00 25.16 ? 593  VAL A N   1 
ATOM   586  C  CA  . VAL A 1 76  ? 1.835   3.272   -5.216  1.00 25.18 ? 593  VAL A CA  1 
ATOM   587  C  C   . VAL A 1 76  ? 2.624   4.139   -6.188  1.00 31.17 ? 593  VAL A C   1 
ATOM   588  O  O   . VAL A 1 76  ? 2.207   5.250   -6.536  1.00 31.33 ? 593  VAL A O   1 
ATOM   589  C  CB  . VAL A 1 76  ? 2.278   3.619   -3.785  1.00 29.97 ? 593  VAL A CB  1 
ATOM   590  C  CG1 . VAL A 1 76  ? 2.133   5.106   -3.523  1.00 30.00 ? 593  VAL A CG1 1 
ATOM   591  C  CG2 . VAL A 1 76  ? 1.452   2.859   -2.809  1.00 27.67 ? 593  VAL A CG2 1 
ATOM   592  N  N   . GLU A 1 77  ? 3.761   3.628   -6.642  1.00 25.61 ? 594  GLU A N   1 
ATOM   593  C  CA  . GLU A 1 77  ? 4.580   4.384   -7.578  1.00 27.36 ? 594  GLU A CA  1 
ATOM   594  C  C   . GLU A 1 77  ? 4.317   4.020   -9.041  1.00 29.73 ? 594  GLU A C   1 
ATOM   595  O  O   . GLU A 1 77  ? 4.996   4.515   -9.940  1.00 30.00 ? 594  GLU A O   1 
ATOM   596  C  CB  . GLU A 1 77  ? 6.059   4.187   -7.244  1.00 27.10 ? 594  GLU A CB  1 
ATOM   597  C  CG  . GLU A 1 77  ? 6.431   4.751   -5.899  1.00 26.35 ? 594  GLU A CG  1 
ATOM   598  C  CD  . GLU A 1 77  ? 6.302   6.267   -5.864  1.00 35.95 ? 594  GLU A CD  1 
ATOM   599  O  OE1 . GLU A 1 77  ? 6.362   6.892   -6.944  1.00 33.54 ? 594  GLU A OE1 1 
ATOM   600  O  OE2 . GLU A 1 77  ? 6.150   6.826   -4.757  1.00 43.05 ? 594  GLU A OE2 1 
ATOM   601  N  N   . GLY A 1 78  ? 3.336   3.153   -9.274  1.00 28.08 ? 595  GLY A N   1 
ATOM   602  C  CA  . GLY A 1 78  ? 2.948   2.783   -10.624 1.00 30.61 ? 595  GLY A CA  1 
ATOM   603  C  C   . GLY A 1 78  ? 3.955   1.955   -11.412 1.00 33.81 ? 595  GLY A C   1 
ATOM   604  O  O   . GLY A 1 78  ? 4.022   2.049   -12.642 1.00 26.83 ? 595  GLY A O   1 
ATOM   605  N  N   . HIS A 1 79  ? 4.735   1.131   -10.717 1.00 25.94 ? 596  HIS A N   1 
ATOM   606  C  CA  . HIS A 1 79  ? 5.734   0.289   -11.388 1.00 29.05 ? 596  HIS A CA  1 
ATOM   607  C  C   . HIS A 1 79  ? 5.117   -1.040  -11.790 1.00 28.23 ? 596  HIS A C   1 
ATOM   608  O  O   . HIS A 1 79  ? 5.321   -2.050  -11.121 1.00 24.88 ? 596  HIS A O   1 
ATOM   609  C  CB  . HIS A 1 79  ? 6.958   0.076   -10.482 1.00 24.30 ? 596  HIS A CB  1 
ATOM   610  C  CG  . HIS A 1 79  ? 7.630   1.352   -10.076 1.00 26.18 ? 596  HIS A CG  1 
ATOM   611  N  ND1 . HIS A 1 79  ? 8.058   2.289   -10.993 1.00 27.24 ? 596  HIS A ND1 1 
ATOM   612  C  CD2 . HIS A 1 79  ? 7.949   1.848   -8.857  1.00 24.48 ? 596  HIS A CD2 1 
ATOM   613  C  CE1 . HIS A 1 79  ? 8.608   3.308   -10.356 1.00 26.81 ? 596  HIS A CE1 1 
ATOM   614  N  NE2 . HIS A 1 79  ? 8.556   3.066   -9.060  1.00 26.95 ? 596  HIS A NE2 1 
ATOM   615  N  N   . GLU A 1 80  ? 4.364   -1.033  -12.893 1.00 30.80 ? 597  GLU A N   1 
ATOM   616  C  CA  . GLU A 1 80  ? 3.532   -2.181  -13.288 1.00 29.68 ? 597  GLU A CA  1 
ATOM   617  C  C   . GLU A 1 80  ? 4.328   -3.452  -13.579 1.00 27.42 ? 597  GLU A C   1 
ATOM   618  O  O   . GLU A 1 80  ? 3.838   -4.554  -13.363 1.00 29.09 ? 597  GLU A O   1 
ATOM   619  C  CB  . GLU A 1 80  ? 2.683   -1.832  -14.516 1.00 37.45 ? 597  GLU A CB  1 
ATOM   620  C  CG  . GLU A 1 80  ? 1.613   -0.756  -14.277 1.00 44.91 ? 597  GLU A CG  1 
ATOM   621  C  CD  . GLU A 1 80  ? 1.143   -0.663  -12.819 1.00 49.96 ? 597  GLU A CD  1 
ATOM   622  O  OE1 . GLU A 1 80  ? 0.605   -1.667  -12.272 1.00 49.34 ? 597  GLU A OE1 1 
ATOM   623  O  OE2 . GLU A 1 80  ? 1.306   0.428   -12.219 1.00 51.61 ? 597  GLU A OE2 1 
ATOM   624  N  N   . LYS A 1 81  ? 5.552   -3.299  -14.070 1.00 29.40 ? 598  LYS A N   1 
ATOM   625  C  CA  . LYS A 1 81  ? 6.372   -4.462  -14.403 1.00 28.67 ? 598  LYS A CA  1 
ATOM   626  C  C   . LYS A 1 81  ? 6.843   -5.151  -13.126 1.00 28.10 ? 598  LYS A C   1 
ATOM   627  O  O   . LYS A 1 81  ? 6.925   -6.379  -13.054 1.00 25.44 ? 598  LYS A O   1 
ATOM   628  C  CB  . LYS A 1 81  ? 7.584   -4.058  -15.246 1.00 31.63 ? 598  LYS A CB  1 
ATOM   629  C  CG  . LYS A 1 81  ? 7.267   -3.243  -16.500 1.00 36.20 ? 598  LYS A CG  1 
ATOM   630  C  CD  . LYS A 1 81  ? 8.555   -2.948  -17.246 1.00 36.92 ? 598  LYS A CD  1 
ATOM   631  C  CE  . LYS A 1 81  ? 8.332   -2.114  -18.496 1.00 45.30 ? 598  LYS A CE  1 
ATOM   632  N  NZ  . LYS A 1 81  ? 9.632   -1.842  -19.178 1.00 45.24 ? 598  LYS A NZ  1 
ATOM   633  N  N   . VAL A 1 82  ? 7.162   -4.349  -12.120 1.00 24.37 ? 599  VAL A N   1 
ATOM   634  C  CA  . VAL A 1 82  ? 7.591   -4.896  -10.830 1.00 20.42 ? 599  VAL A CA  1 
ATOM   635  C  C   . VAL A 1 82  ? 6.397   -5.559  -10.127 1.00 20.81 ? 599  VAL A C   1 
ATOM   636  O  O   . VAL A 1 82  ? 6.535   -6.629  -9.537  1.00 20.58 ? 599  VAL A O   1 
ATOM   637  C  CB  . VAL A 1 82  ? 8.235   -3.801  -9.938  1.00 19.18 ? 599  VAL A CB  1 
ATOM   638  C  CG1 . VAL A 1 82  ? 8.417   -4.300  -8.479  1.00 19.73 ? 599  VAL A CG1 1 
ATOM   639  C  CG2 . VAL A 1 82  ? 9.566   -3.379  -10.506 1.00 20.23 ? 599  VAL A CG2 1 
ATOM   640  N  N   . VAL A 1 83  ? 5.228   -4.932  -10.198 1.00 22.92 ? 600  VAL A N   1 
ATOM   641  C  CA  . VAL A 1 83  ? 3.999   -5.536  -9.669  1.00 21.88 ? 600  VAL A CA  1 
ATOM   642  C  C   . VAL A 1 83  ? 3.759   -6.946  -10.236 1.00 26.36 ? 600  VAL A C   1 
ATOM   643  O  O   . VAL A 1 83  ? 3.469   -7.901  -9.493  1.00 23.53 ? 600  VAL A O   1 
ATOM   644  C  CB  . VAL A 1 83  ? 2.767   -4.650  -9.983  1.00 20.64 ? 600  VAL A CB  1 
ATOM   645  C  CG1 . VAL A 1 83  ? 1.474   -5.387  -9.652  1.00 27.55 ? 600  VAL A CG1 1 
ATOM   646  C  CG2 . VAL A 1 83  ? 2.845   -3.325  -9.214  1.00 24.05 ? 600  VAL A CG2 1 
ATOM   647  N  N   . LYS A 1 84  ? 3.892   -7.064  -11.554 1.00 25.35 ? 601  LYS A N   1 
ATOM   648  C  CA  . LYS A 1 84  ? 3.697   -8.339  -12.234 1.00 24.96 ? 601  LYS A CA  1 
ATOM   649  C  C   . LYS A 1 84  ? 4.697   -9.383  -11.751 1.00 25.54 ? 601  LYS A C   1 
ATOM   650  O  O   . LYS A 1 84  ? 4.317   -10.513 -11.433 1.00 23.97 ? 601  LYS A O   1 
ATOM   651  C  CB  . LYS A 1 84  ? 3.810   -8.158  -13.750 1.00 25.27 ? 601  LYS A CB  1 
ATOM   652  C  CG  . LYS A 1 84  ? 2.687   -7.334  -14.381 1.00 37.16 ? 601  LYS A CG  1 
ATOM   653  C  CD  . LYS A 1 84  ? 2.868   -7.250  -15.912 1.00 43.07 ? 601  LYS A CD  1 
ATOM   654  C  CE  . LYS A 1 84  ? 2.027   -6.142  -16.530 1.00 50.81 ? 601  LYS A CE  1 
ATOM   655  N  NZ  . LYS A 1 84  ? 2.530   -5.754  -17.887 1.00 57.93 ? 601  LYS A NZ  1 
ATOM   656  N  N   . VAL A 1 85  ? 5.975   -9.002  -11.690 1.00 22.08 ? 602  VAL A N   1 
ATOM   657  C  CA  . VAL A 1 85  ? 7.010   -9.918  -11.225 1.00 24.82 ? 602  VAL A CA  1 
ATOM   658  C  C   . VAL A 1 85  ? 6.776   -10.331 -9.756  1.00 23.17 ? 602  VAL A C   1 
ATOM   659  O  O   . VAL A 1 85  ? 6.948   -11.490 -9.394  1.00 22.71 ? 602  VAL A O   1 
ATOM   660  C  CB  . VAL A 1 85  ? 8.416   -9.304  -11.387 1.00 22.90 ? 602  VAL A CB  1 
ATOM   661  C  CG1 . VAL A 1 85  ? 9.427   -10.086 -10.593 1.00 23.73 ? 602  VAL A CG1 1 
ATOM   662  C  CG2 . VAL A 1 85  ? 8.816   -9.291  -12.866 1.00 29.12 ? 602  VAL A CG2 1 
ATOM   663  N  N   . LEU A 1 86  ? 6.346   -9.397  -8.912  1.00 21.34 ? 603  LEU A N   1 
ATOM   664  C  CA  . LEU A 1 86  ? 6.109   -9.745  -7.515  1.00 21.14 ? 603  LEU A CA  1 
ATOM   665  C  C   . LEU A 1 86  ? 4.940   -10.715 -7.383  1.00 19.26 ? 603  LEU A C   1 
ATOM   666  O  O   . LEU A 1 86  ? 5.020   -11.675 -6.607  1.00 20.21 ? 603  LEU A O   1 
ATOM   667  C  CB  . LEU A 1 86  ? 5.865   -8.484  -6.676  1.00 18.07 ? 603  LEU A CB  1 
ATOM   668  C  CG  . LEU A 1 86  ? 7.145   -7.690  -6.451  1.00 19.37 ? 603  LEU A CG  1 
ATOM   669  C  CD1 . LEU A 1 86  ? 6.809   -6.309  -5.856  1.00 21.35 ? 603  LEU A CD1 1 
ATOM   670  C  CD2 . LEU A 1 86  ? 8.123   -8.463  -5.543  1.00 17.00 ? 603  LEU A CD2 1 
ATOM   671  N  N   . LEU A 1 87  ? 3.867   -10.469 -8.139  1.00 18.78 ? 604  LEU A N   1 
ATOM   672  C  CA  . LEU A 1 87  ? 2.707   -11.360 -8.118  1.00 25.42 ? 604  LEU A CA  1 
ATOM   673  C  C   . LEU A 1 87  ? 3.100   -12.769 -8.546  1.00 25.56 ? 604  LEU A C   1 
ATOM   674  O  O   . LEU A 1 87  ? 2.682   -13.750 -7.926  1.00 26.65 ? 604  LEU A O   1 
ATOM   675  C  CB  . LEU A 1 87  ? 1.595   -10.826 -9.022  1.00 23.11 ? 604  LEU A CB  1 
ATOM   676  C  CG  . LEU A 1 87  ? 0.924   -9.541  -8.541  1.00 25.08 ? 604  LEU A CG  1 
ATOM   677  C  CD1 . LEU A 1 87  ? 0.116   -8.936  -9.669  1.00 27.97 ? 604  LEU A CD1 1 
ATOM   678  C  CD2 . LEU A 1 87  ? 0.068   -9.777  -7.288  1.00 28.42 ? 604  LEU A CD2 1 
ATOM   679  N  N   . GLU A 1 88  ? 3.911   -12.853 -9.599  1.00 23.89 ? 605  GLU A N   1 
ATOM   680  C  CA  . GLU A 1 88  ? 4.452   -14.132 -10.094 1.00 29.28 ? 605  GLU A CA  1 
ATOM   681  C  C   . GLU A 1 88  ? 5.202   -14.923 -9.018  1.00 29.79 ? 605  GLU A C   1 
ATOM   682  O  O   . GLU A 1 88  ? 5.243   -16.164 -9.057  1.00 27.36 ? 605  GLU A O   1 
ATOM   683  C  CB  . GLU A 1 88  ? 5.409   -13.894 -11.276 1.00 27.46 ? 605  GLU A CB  1 
ATOM   684  C  CG  . GLU A 1 88  ? 4.757   -13.439 -12.570 1.00 34.16 ? 605  GLU A CG  1 
ATOM   685  C  CD  . GLU A 1 88  ? 5.765   -12.885 -13.587 1.00 41.04 ? 605  GLU A CD  1 
ATOM   686  O  OE1 . GLU A 1 88  ? 6.997   -13.032 -13.386 1.00 40.92 ? 605  GLU A OE1 1 
ATOM   687  O  OE2 . GLU A 1 88  ? 5.315   -12.292 -14.594 1.00 46.02 ? 605  GLU A OE2 1 
ATOM   688  N  N   . HIS A 1 89  ? 5.826   -14.199 -8.084  1.00 25.54 ? 606  HIS A N   1 
ATOM   689  C  CA  . HIS A 1 89  ? 6.640   -14.823 -7.042  1.00 26.74 ? 606  HIS A CA  1 
ATOM   690  C  C   . HIS A 1 89  ? 5.850   -15.005 -5.735  1.00 26.40 ? 606  HIS A C   1 
ATOM   691  O  O   . HIS A 1 89  ? 6.416   -15.353 -4.694  1.00 26.57 ? 606  HIS A O   1 
ATOM   692  C  CB  . HIS A 1 89  ? 7.914   -14.005 -6.774  1.00 25.54 ? 606  HIS A CB  1 
ATOM   693  C  CG  . HIS A 1 89  ? 8.991   -14.192 -7.804  1.00 23.48 ? 606  HIS A CG  1 
ATOM   694  N  ND1 . HIS A 1 89  ? 8.919   -13.646 -9.069  1.00 29.95 ? 606  HIS A ND1 1 
ATOM   695  C  CD2 . HIS A 1 89  ? 10.173  -14.852 -7.747  1.00 23.85 ? 606  HIS A CD2 1 
ATOM   696  C  CE1 . HIS A 1 89  ? 10.008  -13.969 -9.748  1.00 26.86 ? 606  HIS A CE1 1 
ATOM   697  N  NE2 . HIS A 1 89  ? 10.784  -14.699 -8.968  1.00 26.48 ? 606  HIS A NE2 1 
ATOM   698  N  N   . GLY A 1 90  ? 4.544   -14.771 -5.789  1.00 25.32 ? 607  GLY A N   1 
ATOM   699  C  CA  . GLY A 1 90  ? 3.699   -15.059 -4.644  1.00 28.02 ? 607  GLY A CA  1 
ATOM   700  C  C   . GLY A 1 90  ? 3.387   -13.895 -3.716  1.00 27.87 ? 607  GLY A C   1 
ATOM   701  O  O   . GLY A 1 90  ? 2.821   -14.098 -2.637  1.00 24.35 ? 607  GLY A O   1 
ATOM   702  N  N   . SER A 1 91  ? 3.749   -12.677 -4.116  1.00 26.93 ? 608  SER A N   1 
ATOM   703  C  CA  . SER A 1 91  ? 3.335   -11.490 -3.356  1.00 26.56 ? 608  SER A CA  1 
ATOM   704  C  C   . SER A 1 91  ? 1.816   -11.362 -3.361  1.00 28.13 ? 608  SER A C   1 
ATOM   705  O  O   . SER A 1 91  ? 1.181   -11.514 -4.410  1.00 26.15 ? 608  SER A O   1 
ATOM   706  C  CB  . SER A 1 91  ? 3.958   -10.209 -3.934  1.00 22.54 ? 608  SER A CB  1 
ATOM   707  O  OG  . SER A 1 91  ? 5.371   -10.192 -3.777  1.00 23.21 ? 608  SER A OG  1 
ATOM   708  N  N   . THR A 1 92  ? 1.224   -11.100 -2.195  1.00 25.55 ? 609  THR A N   1 
ATOM   709  C  CA  . THR A 1 92  ? -0.213  -10.824 -2.128  1.00 27.26 ? 609  THR A CA  1 
ATOM   710  C  C   . THR A 1 92  ? -0.481  -9.548  -1.332  1.00 29.05 ? 609  THR A C   1 
ATOM   711  O  O   . THR A 1 92  ? 0.189   -9.287  -0.340  1.00 26.86 ? 609  THR A O   1 
ATOM   712  C  CB  . THR A 1 92  ? -1.007  -11.981 -1.492  1.00 30.17 ? 609  THR A CB  1 
ATOM   713  O  OG1 . THR A 1 92  ? -0.596  -12.162 -0.134  1.00 32.48 ? 609  THR A OG1 1 
ATOM   714  C  CG2 . THR A 1 92  ? -0.798  -13.271 -2.278  1.00 29.45 ? 609  THR A CG2 1 
ATOM   715  N  N   . ILE A 1 93  ? -1.456  -8.757  -1.774  1.00 26.27 ? 610  ILE A N   1 
ATOM   716  C  CA  . ILE A 1 93  ? -1.684  -7.465  -1.144  1.00 28.99 ? 610  ILE A CA  1 
ATOM   717  C  C   . ILE A 1 93  ? -2.154  -7.664  0.289   1.00 28.77 ? 610  ILE A C   1 
ATOM   718  O  O   . ILE A 1 93  ? -1.893  -6.826  1.144   1.00 32.04 ? 610  ILE A O   1 
ATOM   719  C  CB  . ILE A 1 93  ? -2.707  -6.597  -1.920  1.00 31.38 ? 610  ILE A CB  1 
ATOM   720  C  CG1 . ILE A 1 93  ? -2.583  -5.116  -1.521  1.00 31.38 ? 610  ILE A CG1 1 
ATOM   721  C  CG2 . ILE A 1 93  ? -4.142  -7.104  -1.716  1.00 32.10 ? 610  ILE A CG2 1 
ATOM   722  C  CD1 . ILE A 1 93  ? -1.196  -4.518  -1.705  1.00 25.34 ? 610  ILE A CD1 1 
ATOM   723  N  N   . ASP A 1 94  ? -2.816  -8.786  0.562   1.00 28.44 ? 611  ASP A N   1 
ATOM   724  C  CA  . ASP A 1 94  ? -3.433  -8.971  1.870   1.00 30.58 ? 611  ASP A CA  1 
ATOM   725  C  C   . ASP A 1 94  ? -2.415  -9.432  2.894   1.00 30.21 ? 611  ASP A C   1 
ATOM   726  O  O   . ASP A 1 94  ? -2.746  -9.617  4.059   1.00 31.12 ? 611  ASP A O   1 
ATOM   727  C  CB  . ASP A 1 94  ? -4.622  -9.941  1.801   1.00 30.27 ? 611  ASP A CB  1 
ATOM   728  C  CG  . ASP A 1 94  ? -4.265  -11.315 1.215   1.00 40.65 ? 611  ASP A CG  1 
ATOM   729  O  OD1 . ASP A 1 94  ? -3.076  -11.724 1.208   1.00 35.75 ? 611  ASP A OD1 1 
ATOM   730  O  OD2 . ASP A 1 94  ? -5.209  -12.004 0.767   1.00 45.15 ? 611  ASP A OD2 1 
ATOM   731  N  N   . ALA A 1 95  ? -1.171  -9.604  2.458   1.00 28.07 ? 612  ALA A N   1 
ATOM   732  C  CA  . ALA A 1 95  ? -0.074  -9.819  3.388   1.00 27.45 ? 612  ALA A CA  1 
ATOM   733  C  C   . ALA A 1 95  ? 0.231   -8.536  4.162   1.00 24.67 ? 612  ALA A C   1 
ATOM   734  O  O   . ALA A 1 95  ? 0.824   -8.589  5.225   1.00 28.74 ? 612  ALA A O   1 
ATOM   735  C  CB  . ALA A 1 95  ? 1.166   -10.295 2.659   1.00 28.71 ? 612  ALA A CB  1 
ATOM   736  N  N   . GLY A 1 96  ? -0.144  -7.387  3.610   1.00 23.93 ? 613  GLY A N   1 
ATOM   737  C  CA  . GLY A 1 96  ? 0.089   -6.116  4.292   1.00 25.04 ? 613  GLY A CA  1 
ATOM   738  C  C   . GLY A 1 96  ? -1.132  -5.564  5.014   1.00 24.60 ? 613  GLY A C   1 
ATOM   739  O  O   . GLY A 1 96  ? -2.157  -6.238  5.093   1.00 24.06 ? 613  GLY A O   1 
ATOM   740  N  N   . ASP A 1 97  ? -1.016  -4.337  5.541   1.00 24.55 ? 614  ASP A N   1 
ATOM   741  C  CA  . ASP A 1 97  ? -2.148  -3.640  6.182   1.00 26.80 ? 614  ASP A CA  1 
ATOM   742  C  C   . ASP A 1 97  ? -3.040  -2.946  5.148   1.00 24.01 ? 614  ASP A C   1 
ATOM   743  O  O   . ASP A 1 97  ? -2.877  -1.755  4.871   1.00 24.85 ? 614  ASP A O   1 
ATOM   744  C  CB  . ASP A 1 97  ? -1.637  -2.627  7.210   1.00 26.40 ? 614  ASP A CB  1 
ATOM   745  C  CG  . ASP A 1 97  ? -2.765  -1.993  8.034   1.00 32.69 ? 614  ASP A CG  1 
ATOM   746  O  OD1 . ASP A 1 97  ? -3.959  -2.127  7.671   1.00 29.42 ? 614  ASP A OD1 1 
ATOM   747  O  OD2 . ASP A 1 97  ? -2.446  -1.338  9.043   1.00 30.34 ? 614  ASP A OD2 1 
ATOM   748  N  N   . VAL A 1 98  ? -3.983  -3.706  4.589   1.00 25.59 ? 615  VAL A N   1 
ATOM   749  C  CA  . VAL A 1 98  ? -4.837  -3.247  3.493   1.00 25.66 ? 615  VAL A CA  1 
ATOM   750  C  C   . VAL A 1 98  ? -5.682  -2.036  3.895   1.00 26.13 ? 615  VAL A C   1 
ATOM   751  O  O   . VAL A 1 98  ? -5.904  -1.127  3.086   1.00 23.74 ? 615  VAL A O   1 
ATOM   752  C  CB  . VAL A 1 98  ? -5.753  -4.404  3.000   1.00 29.24 ? 615  VAL A CB  1 
ATOM   753  C  CG1 . VAL A 1 98  ? -6.630  -3.968  1.839   1.00 26.30 ? 615  VAL A CG1 1 
ATOM   754  C  CG2 . VAL A 1 98  ? -4.891  -5.617  2.599   1.00 30.95 ? 615  VAL A CG2 1 
ATOM   755  N  N   . GLY A 1 99  ? -6.128  -2.019  5.150   1.00 26.22 ? 616  GLY A N   1 
ATOM   756  C  CA  . GLY A 1 99  ? -6.867  -0.883  5.682   1.00 26.07 ? 616  GLY A CA  1 
ATOM   757  C  C   . GLY A 1 99  ? -6.052  0.391   5.554   1.00 26.70 ? 616  GLY A C   1 
ATOM   758  O  O   . GLY A 1 99  ? -6.530  1.421   5.078   1.00 25.65 ? 616  GLY A O   1 
ATOM   759  N  N   . HIS A 1 100 ? -4.796  0.305   5.967   1.00 25.36 ? 617  HIS A N   1 
ATOM   760  C  CA  . HIS A 1 100 ? -3.863  1.406   5.831   1.00 25.39 ? 617  HIS A CA  1 
ATOM   761  C  C   . HIS A 1 100 ? -3.618  1.773   4.361   1.00 24.98 ? 617  HIS A C   1 
ATOM   762  O  O   . HIS A 1 100 ? -3.622  2.947   4.001   1.00 24.57 ? 617  HIS A O   1 
ATOM   763  C  CB  . HIS A 1 100 ? -2.549  1.054   6.532   1.00 26.20 ? 617  HIS A CB  1 
ATOM   764  C  CG  . HIS A 1 100 ? -1.493  2.090   6.362   1.00 28.95 ? 617  HIS A CG  1 
ATOM   765  N  ND1 . HIS A 1 100 ? -1.656  3.389   6.792   1.00 30.68 ? 617  HIS A ND1 1 
ATOM   766  C  CD2 . HIS A 1 100 ? -0.273  2.033   5.781   1.00 27.22 ? 617  HIS A CD2 1 
ATOM   767  C  CE1 . HIS A 1 100 ? -0.576  4.086   6.492   1.00 31.12 ? 617  HIS A CE1 1 
ATOM   768  N  NE2 . HIS A 1 100 ? 0.276   3.288   5.875   1.00 35.72 ? 617  HIS A NE2 1 
ATOM   769  N  N   . PHE A 1 101 ? -3.414  0.769   3.510   1.00 23.73 ? 618  PHE A N   1 
ATOM   770  C  CA  . PHE A 1 101 ? -3.233  1.019   2.072   1.00 22.52 ? 618  PHE A CA  1 
ATOM   771  C  C   . PHE A 1 101 ? -4.421  1.779   1.490   1.00 27.50 ? 618  PHE A C   1 
ATOM   772  O  O   . PHE A 1 101 ? -4.256  2.762   0.751   1.00 23.19 ? 618  PHE A O   1 
ATOM   773  C  CB  . PHE A 1 101 ? -3.055  -0.296  1.305   1.00 20.45 ? 618  PHE A CB  1 
ATOM   774  C  CG  . PHE A 1 101 ? -1.896  -1.124  1.767   1.00 20.91 ? 618  PHE A CG  1 
ATOM   775  C  CD1 . PHE A 1 101 ? -0.858  -0.560  2.514   1.00 21.98 ? 618  PHE A CD1 1 
ATOM   776  C  CD2 . PHE A 1 101 ? -1.815  -2.468  1.428   1.00 22.59 ? 618  PHE A CD2 1 
ATOM   777  C  CE1 . PHE A 1 101 ? 0.211   -1.343  2.940   1.00 21.78 ? 618  PHE A CE1 1 
ATOM   778  C  CE2 . PHE A 1 101 ? -0.748  -3.249  1.838   1.00 26.04 ? 618  PHE A CE2 1 
ATOM   779  C  CZ  . PHE A 1 101 ? 0.263   -2.697  2.589   1.00 22.17 ? 618  PHE A CZ  1 
ATOM   780  N  N   . ALA A 1 102 ? -5.616  1.296   1.835   1.00 24.09 ? 619  ALA A N   1 
ATOM   781  C  CA  . ALA A 1 102 ? -6.870  1.850   1.346   1.00 27.10 ? 619  ALA A CA  1 
ATOM   782  C  C   . ALA A 1 102 ? -7.004  3.303   1.763   1.00 25.58 ? 619  ALA A C   1 
ATOM   783  O  O   . ALA A 1 102 ? -7.326  4.152   0.947   1.00 28.82 ? 619  ALA A O   1 
ATOM   784  C  CB  . ALA A 1 102 ? -8.062  1.025   1.865   1.00 25.95 ? 619  ALA A CB  1 
ATOM   785  N  N   . CYS A 1 103 ? -6.758  3.581   3.036   1.00 26.54 ? 620  CYS A N   1 
ATOM   786  C  CA  . CYS A 1 103 ? -6.828  4.958   3.535   1.00 29.33 ? 620  CYS A CA  1 
ATOM   787  C  C   . CYS A 1 103 ? -5.807  5.875   2.849   1.00 30.06 ? 620  CYS A C   1 
ATOM   788  O  O   . CYS A 1 103 ? -6.109  7.023   2.523   1.00 31.42 ? 620  CYS A O   1 
ATOM   789  C  CB  . CYS A 1 103 ? -6.633  4.985   5.050   1.00 26.10 ? 620  CYS A CB  1 
ATOM   790  S  SG  . CYS A 1 103 ? -8.054  4.348   5.990   1.00 26.63 ? 620  CYS A SG  1 
ATOM   791  N  N   . THR A 1 104 ? -4.610  5.353   2.606   1.00 27.88 ? 621  THR A N   1 
ATOM   792  C  CA  . THR A 1 104 ? -3.567  6.117   1.938   1.00 27.23 ? 621  THR A CA  1 
ATOM   793  C  C   . THR A 1 104 ? -3.995  6.508   0.529   1.00 33.82 ? 621  THR A C   1 
ATOM   794  O  O   . THR A 1 104 ? -3.828  7.656   0.130   1.00 33.64 ? 621  THR A O   1 
ATOM   795  C  CB  . THR A 1 104 ? -2.238  5.326   1.872   1.00 29.35 ? 621  THR A CB  1 
ATOM   796  O  OG1 . THR A 1 104 ? -1.804  5.013   3.199   1.00 28.90 ? 621  THR A OG1 1 
ATOM   797  C  CG2 . THR A 1 104 ? -1.154  6.142   1.171   1.00 29.84 ? 621  THR A CG2 1 
ATOM   798  N  N   . ALA A 1 105 ? -4.538  5.552   -0.223  1.00 32.25 ? 622  ALA A N   1 
ATOM   799  C  CA  . ALA A 1 105 ? -5.051  5.837   -1.569  1.00 33.22 ? 622  ALA A CA  1 
ATOM   800  C  C   . ALA A 1 105 ? -6.114  6.927   -1.519  1.00 33.41 ? 622  ALA A C   1 
ATOM   801  O  O   . ALA A 1 105 ? -6.141  7.829   -2.356  1.00 35.54 ? 622  ALA A O   1 
ATOM   802  C  CB  . ALA A 1 105 ? -5.620  4.579   -2.208  1.00 29.14 ? 622  ALA A CB  1 
ATOM   803  N  N   . ALA A 1 106 ? -6.989  6.836   -0.528  1.00 30.18 ? 623  ALA A N   1 
ATOM   804  C  CA  . ALA A 1 106 ? -8.057  7.816   -0.381  1.00 36.79 ? 623  ALA A CA  1 
ATOM   805  C  C   . ALA A 1 106 ? -7.454  9.180   -0.078  1.00 37.49 ? 623  ALA A C   1 
ATOM   806  O  O   . ALA A 1 106 ? -7.850  10.184  -0.680  1.00 33.87 ? 623  ALA A O   1 
ATOM   807  C  CB  . ALA A 1 106 ? -9.034  7.398   0.706   1.00 31.78 ? 623  ALA A CB  1 
ATOM   808  N  N   . GLU A 1 107 ? -6.479  9.202   0.835   1.00 36.31 ? 624  GLU A N   1 
ATOM   809  C  CA  . GLU A 1 107 ? -5.777  10.436  1.192   1.00 39.14 ? 624  GLU A CA  1 
ATOM   810  C  C   . GLU A 1 107 ? -5.074  11.083  -0.006  1.00 35.94 ? 624  GLU A C   1 
ATOM   811  O  O   . GLU A 1 107 ? -4.892  12.289  -0.040  1.00 39.76 ? 624  GLU A O   1 
ATOM   812  C  CB  . GLU A 1 107 ? -4.759  10.166  2.305   1.00 39.07 ? 624  GLU A CB  1 
ATOM   813  C  CG  . GLU A 1 107 ? -5.380  9.890   3.667   1.00 38.93 ? 624  GLU A CG  1 
ATOM   814  C  CD  . GLU A 1 107 ? -4.359  9.408   4.696   1.00 39.42 ? 624  GLU A CD  1 
ATOM   815  O  OE1 . GLU A 1 107 ? -3.195  9.144   4.311   1.00 38.09 ? 624  GLU A OE1 1 
ATOM   816  O  OE2 . GLU A 1 107 ? -4.728  9.296   5.886   1.00 41.67 ? 624  GLU A OE2 1 
ATOM   817  N  N   . GLN A 1 108 ? -4.688  10.279  -0.986  1.00 36.48 ? 625  GLN A N   1 
ATOM   818  C  CA  . GLN A 1 108 ? -4.018  10.797  -2.165  1.00 41.04 ? 625  GLN A CA  1 
ATOM   819  C  C   . GLN A 1 108 ? -4.981  11.011  -3.339  1.00 39.95 ? 625  GLN A C   1 
ATOM   820  O  O   . GLN A 1 108 ? -4.545  11.276  -4.464  1.00 44.80 ? 625  GLN A O   1 
ATOM   821  C  CB  . GLN A 1 108 ? -2.891  9.853   -2.577  1.00 36.10 ? 625  GLN A CB  1 
ATOM   822  C  CG  . GLN A 1 108 ? -1.839  9.641   -1.496  1.00 41.21 ? 625  GLN A CG  1 
ATOM   823  C  CD  . GLN A 1 108 ? -0.740  8.673   -1.923  1.00 48.94 ? 625  GLN A CD  1 
ATOM   824  O  OE1 . GLN A 1 108 ? -0.715  8.203   -3.065  1.00 54.07 ? 625  GLN A OE1 1 
ATOM   825  N  NE2 . GLN A 1 108 ? 0.169   8.364   -1.001  1.00 48.98 ? 625  GLN A NE2 1 
ATOM   826  N  N   . GLY A 1 109 ? -6.283  10.886  -3.081  1.00 36.97 ? 626  GLY A N   1 
ATOM   827  C  CA  . GLY A 1 109 ? -7.292  11.005  -4.123  1.00 38.24 ? 626  GLY A CA  1 
ATOM   828  C  C   . GLY A 1 109 ? -7.094  10.027  -5.274  1.00 42.53 ? 626  GLY A C   1 
ATOM   829  O  O   . GLY A 1 109 ? -7.529  10.276  -6.399  1.00 44.54 ? 626  GLY A O   1 
ATOM   830  N  N   . ASN A 1 110 ? -6.445  8.902   -4.995  1.00 39.49 ? 627  ASN A N   1 
ATOM   831  C  CA  . ASN A 1 110 ? -6.079  7.957   -6.042  1.00 38.51 ? 627  ASN A CA  1 
ATOM   832  C  C   . ASN A 1 110 ? -7.087  6.816   -6.172  1.00 40.44 ? 627  ASN A C   1 
ATOM   833  O  O   . ASN A 1 110 ? -6.913  5.752   -5.568  1.00 37.29 ? 627  ASN A O   1 
ATOM   834  C  CB  . ASN A 1 110 ? -4.680  7.397   -5.768  1.00 38.31 ? 627  ASN A CB  1 
ATOM   835  C  CG  . ASN A 1 110 ? -4.035  6.791   -7.001  1.00 37.17 ? 627  ASN A CG  1 
ATOM   836  O  OD1 . ASN A 1 110 ? -4.709  6.214   -7.859  1.00 38.32 ? 627  ASN A OD1 1 
ATOM   837  N  ND2 . ASN A 1 110 ? -2.717  6.935   -7.103  1.00 40.58 ? 627  ASN A ND2 1 
ATOM   838  N  N   . LEU A 1 111 ? -8.134  7.025   -6.968  1.00 38.99 ? 628  LEU A N   1 
ATOM   839  C  CA  . LEU A 1 111 ? -9.187  6.017   -7.080  1.00 39.12 ? 628  LEU A CA  1 
ATOM   840  C  C   . LEU A 1 111 ? -8.714  4.778   -7.840  1.00 36.10 ? 628  LEU A C   1 
ATOM   841  O  O   . LEU A 1 111 ? -9.173  3.670   -7.566  1.00 34.41 ? 628  LEU A O   1 
ATOM   842  C  CB  . LEU A 1 111 ? -10.437 6.608   -7.748  1.00 43.73 ? 628  LEU A CB  1 
ATOM   843  C  CG  . LEU A 1 111 ? -11.636 5.666   -7.929  1.00 43.41 ? 628  LEU A CG  1 
ATOM   844  C  CD1 . LEU A 1 111 ? -11.990 4.983   -6.619  1.00 39.88 ? 628  LEU A CD1 1 
ATOM   845  C  CD2 . LEU A 1 111 ? -12.843 6.414   -8.480  1.00 44.02 ? 628  LEU A CD2 1 
ATOM   846  N  N   . LYS A 1 112 ? -7.792  4.953   -8.784  1.00 35.22 ? 629  LYS A N   1 
ATOM   847  C  CA  . LYS A 1 112 ? -7.314  3.803   -9.555  1.00 41.06 ? 629  LYS A CA  1 
ATOM   848  C  C   . LYS A 1 112 ? -6.554  2.829   -8.648  1.00 38.87 ? 629  LYS A C   1 
ATOM   849  O  O   . LYS A 1 112 ? -6.638  1.602   -8.811  1.00 37.73 ? 629  LYS A O   1 
ATOM   850  C  CB  . LYS A 1 112 ? -6.432  4.249   -10.731 1.00 40.45 ? 629  LYS A CB  1 
ATOM   851  C  CG  . LYS A 1 112 ? -5.866  3.083   -11.536 1.00 50.97 ? 629  LYS A CG  1 
ATOM   852  C  CD  . LYS A 1 112 ? -5.657  3.424   -13.008 1.00 53.72 ? 629  LYS A CD  1 
ATOM   853  C  CE  . LYS A 1 112 ? -5.243  2.188   -13.801 1.00 58.72 ? 629  LYS A CE  1 
ATOM   854  N  NZ  . LYS A 1 112 ? -5.427  2.356   -15.275 1.00 58.86 ? 629  LYS A NZ  1 
ATOM   855  N  N   . LEU A 1 113 ? -5.837  3.388   -7.677  1.00 38.60 ? 630  LEU A N   1 
ATOM   856  C  CA  . LEU A 1 113 ? -5.060  2.588   -6.735  1.00 36.61 ? 630  LEU A CA  1 
ATOM   857  C  C   . LEU A 1 113 ? -5.982  1.775   -5.826  1.00 32.95 ? 630  LEU A C   1 
ATOM   858  O  O   . LEU A 1 113 ? -5.702  0.606   -5.540  1.00 33.23 ? 630  LEU A O   1 
ATOM   859  C  CB  . LEU A 1 113 ? -4.142  3.485   -5.909  1.00 34.85 ? 630  LEU A CB  1 
ATOM   860  C  CG  . LEU A 1 113 ? -3.037  2.811   -5.090  1.00 31.76 ? 630  LEU A CG  1 
ATOM   861  C  CD1 . LEU A 1 113 ? -2.165  1.891   -5.954  1.00 30.30 ? 630  LEU A CD1 1 
ATOM   862  C  CD2 . LEU A 1 113 ? -2.201  3.883   -4.424  1.00 33.92 ? 630  LEU A CD2 1 
ATOM   863  N  N   . LEU A 1 114 ? -7.081  2.395   -5.395  1.00 35.17 ? 631  LEU A N   1 
ATOM   864  C  CA  . LEU A 1 114 ? -8.144  1.697   -4.659  1.00 37.58 ? 631  LEU A CA  1 
ATOM   865  C  C   . LEU A 1 114 ? -8.692  0.505   -5.438  1.00 32.40 ? 631  LEU A C   1 
ATOM   866  O  O   . LEU A 1 114 ? -8.898  -0.569  -4.888  1.00 31.76 ? 631  LEU A O   1 
ATOM   867  C  CB  . LEU A 1 114 ? -9.298  2.651   -4.334  1.00 38.71 ? 631  LEU A CB  1 
ATOM   868  C  CG  . LEU A 1 114 ? -9.334  3.335   -2.970  1.00 39.73 ? 631  LEU A CG  1 
ATOM   869  C  CD1 . LEU A 1 114 ? -10.655 4.091   -2.800  1.00 40.55 ? 631  LEU A CD1 1 
ATOM   870  C  CD2 . LEU A 1 114 ? -9.132  2.333   -1.835  1.00 32.23 ? 631  LEU A CD2 1 
ATOM   871  N  N   . LYS A 1 115 ? -8.940  0.698   -6.725  1.00 36.35 ? 632  LYS A N   1 
ATOM   872  C  CA  . LYS A 1 115 ? -9.433  -0.399  -7.550  1.00 34.46 ? 632  LYS A CA  1 
ATOM   873  C  C   . LYS A 1 115 ? -8.382  -1.502  -7.722  1.00 33.51 ? 632  LYS A C   1 
ATOM   874  O  O   . LYS A 1 115 ? -8.720  -2.694  -7.775  1.00 35.29 ? 632  LYS A O   1 
ATOM   875  C  CB  . LYS A 1 115 ? -9.890  0.136   -8.908  1.00 37.35 ? 632  LYS A CB  1 
ATOM   876  C  CG  . LYS A 1 115 ? -11.160 0.965   -8.821  1.00 39.45 ? 632  LYS A CG  1 
ATOM   877  C  CD  . LYS A 1 115 ? -11.507 1.632   -10.139 1.00 44.62 ? 632  LYS A CD  1 
ATOM   878  C  CE  . LYS A 1 115 ? -12.736 2.517   -9.993  1.00 43.43 ? 632  LYS A CE  1 
ATOM   879  N  NZ  . LYS A 1 115 ? -13.116 3.145   -11.291 1.00 46.73 ? 632  LYS A NZ  1 
ATOM   880  N  N   . GLU A 1 116 ? -7.107  -1.119  -7.787  1.00 32.64 ? 633  GLU A N   1 
ATOM   881  C  CA  . GLU A 1 116 ? -6.037  -2.107  -7.958  1.00 33.20 ? 633  GLU A CA  1 
ATOM   882  C  C   . GLU A 1 116 ? -5.867  -2.967  -6.699  1.00 34.96 ? 633  GLU A C   1 
ATOM   883  O  O   . GLU A 1 116 ? -5.616  -4.173  -6.790  1.00 33.68 ? 633  GLU A O   1 
ATOM   884  C  CB  . GLU A 1 116 ? -4.710  -1.437  -8.322  1.00 36.03 ? 633  GLU A CB  1 
ATOM   885  C  CG  . GLU A 1 116 ? -3.746  -2.406  -9.000  1.00 34.46 ? 633  GLU A CG  1 
ATOM   886  C  CD  . GLU A 1 116 ? -2.392  -1.802  -9.330  1.00 38.38 ? 633  GLU A CD  1 
ATOM   887  O  OE1 . GLU A 1 116 ? -2.242  -0.565  -9.224  1.00 41.69 ? 633  GLU A OE1 1 
ATOM   888  O  OE2 . GLU A 1 116 ? -1.477  -2.576  -9.702  1.00 36.80 ? 633  GLU A OE2 1 
ATOM   889  N  N   . ILE A 1 117 ? -6.010  -2.349  -5.526  1.00 34.21 ? 634  ILE A N   1 
ATOM   890  C  CA  . ILE A 1 117 ? -6.062  -3.116  -4.286  1.00 32.66 ? 634  ILE A CA  1 
ATOM   891  C  C   . ILE A 1 117 ? -7.146  -4.188  -4.386  1.00 32.56 ? 634  ILE A C   1 
ATOM   892  O  O   . ILE A 1 117 ? -6.937  -5.347  -4.003  1.00 35.12 ? 634  ILE A O   1 
ATOM   893  C  CB  . ILE A 1 117 ? -6.360  -2.228  -3.040  1.00 31.83 ? 634  ILE A CB  1 
ATOM   894  C  CG1 . ILE A 1 117 ? -5.247  -1.204  -2.806  1.00 30.28 ? 634  ILE A CG1 1 
ATOM   895  C  CG2 . ILE A 1 117 ? -6.506  -3.098  -1.807  1.00 27.80 ? 634  ILE A CG2 1 
ATOM   896  C  CD1 . ILE A 1 117 ? -5.557  -0.208  -1.673  1.00 29.96 ? 634  ILE A CD1 1 
ATOM   897  N  N   . VAL A 1 118 ? -8.305  -3.795  -4.909  1.00 32.22 ? 635  VAL A N   1 
ATOM   898  C  CA  . VAL A 1 118 ? -9.420  -4.728  -5.039  1.00 36.88 ? 635  VAL A CA  1 
ATOM   899  C  C   . VAL A 1 118 ? -9.099  -5.794  -6.086  1.00 33.69 ? 635  VAL A C   1 
ATOM   900  O  O   . VAL A 1 118 ? -9.269  -6.986  -5.833  1.00 34.31 ? 635  VAL A O   1 
ATOM   901  C  CB  . VAL A 1 118 ? -10.723 -4.007  -5.395  1.00 35.46 ? 635  VAL A CB  1 
ATOM   902  C  CG1 . VAL A 1 118 ? -11.796 -5.022  -5.772  1.00 38.37 ? 635  VAL A CG1 1 
ATOM   903  C  CG2 . VAL A 1 118 ? -11.184 -3.154  -4.211  1.00 35.26 ? 635  VAL A CG2 1 
ATOM   904  N  N   . LEU A 1 119 ? -8.590  -5.357  -7.235  1.00 32.75 ? 636  LEU A N   1 
ATOM   905  C  CA  . LEU A 1 119 ? -8.149  -6.277  -8.278  1.00 35.93 ? 636  LEU A CA  1 
ATOM   906  C  C   . LEU A 1 119 ? -7.250  -7.383  -7.730  1.00 36.26 ? 636  LEU A C   1 
ATOM   907  O  O   . LEU A 1 119 ? -7.377  -8.542  -8.108  1.00 38.42 ? 636  LEU A O   1 
ATOM   908  C  CB  . LEU A 1 119 ? -7.427  -5.513  -9.380  1.00 34.78 ? 636  LEU A CB  1 
ATOM   909  C  CG  . LEU A 1 119 ? -7.006  -6.333  -10.600 1.00 42.03 ? 636  LEU A CG  1 
ATOM   910  C  CD1 . LEU A 1 119 ? -8.074  -7.348  -10.972 1.00 40.64 ? 636  LEU A CD1 1 
ATOM   911  C  CD2 . LEU A 1 119 ? -6.748  -5.391  -11.765 1.00 44.20 ? 636  LEU A CD2 1 
ATOM   912  N  N   . HIS A 1 120 ? -6.365  -7.035  -6.806  1.00 36.81 ? 637  HIS A N   1 
ATOM   913  C  CA  . HIS A 1 120 ? -5.451  -8.030  -6.266  1.00 37.23 ? 637  HIS A CA  1 
ATOM   914  C  C   . HIS A 1 120 ? -5.994  -8.696  -5.005  1.00 34.13 ? 637  HIS A C   1 
ATOM   915  O  O   . HIS A 1 120 ? -5.258  -9.372  -4.290  1.00 38.15 ? 637  HIS A O   1 
ATOM   916  C  CB  . HIS A 1 120 ? -4.082  -7.400  -6.002  1.00 34.64 ? 637  HIS A CB  1 
ATOM   917  C  CG  . HIS A 1 120 ? -3.469  -6.798  -7.222  1.00 37.20 ? 637  HIS A CG  1 
ATOM   918  N  ND1 . HIS A 1 120 ? -3.277  -7.517  -8.384  1.00 36.78 ? 637  HIS A ND1 1 
ATOM   919  C  CD2 . HIS A 1 120 ? -3.019  -5.546  -7.474  1.00 34.27 ? 637  HIS A CD2 1 
ATOM   920  C  CE1 . HIS A 1 120 ? -2.735  -6.733  -9.299  1.00 36.87 ? 637  HIS A CE1 1 
ATOM   921  N  NE2 . HIS A 1 120 ? -2.565  -5.533  -8.773  1.00 37.90 ? 637  HIS A NE2 1 
ATOM   922  N  N   . GLY A 1 121 ? -7.285  -8.523  -4.749  1.00 34.74 ? 638  GLY A N   1 
ATOM   923  C  CA  . GLY A 1 121 ? -7.953  -9.311  -3.728  1.00 35.56 ? 638  GLY A CA  1 
ATOM   924  C  C   . GLY A 1 121 ? -7.997  -8.653  -2.363  1.00 35.16 ? 638  GLY A C   1 
ATOM   925  O  O   . GLY A 1 121 ? -8.278  -9.307  -1.356  1.00 33.43 ? 638  GLY A O   1 
ATOM   926  N  N   . GLY A 1 122 ? -7.703  -7.356  -2.327  1.00 34.78 ? 639  GLY A N   1 
ATOM   927  C  CA  . GLY A 1 122 ? -7.744  -6.609  -1.081  1.00 33.71 ? 639  GLY A CA  1 
ATOM   928  C  C   . GLY A 1 122 ? -9.131  -6.084  -0.760  1.00 32.82 ? 639  GLY A C   1 
ATOM   929  O  O   . GLY A 1 122 ? -9.857  -5.646  -1.653  1.00 33.61 ? 639  GLY A O   1 
ATOM   930  N  N   . ASP A 1 123 ? -9.494  -6.126  0.522   1.00 32.41 ? 640  ASP A N   1 
ATOM   931  C  CA  . ASP A 1 123 ? -10.759 -5.571  0.998   1.00 30.74 ? 640  ASP A CA  1 
ATOM   932  C  C   . ASP A 1 123 ? -10.553 -4.105  1.377   1.00 29.84 ? 640  ASP A C   1 
ATOM   933  O  O   . ASP A 1 123 ? -10.024 -3.803  2.448   1.00 30.91 ? 640  ASP A O   1 
ATOM   934  C  CB  . ASP A 1 123 ? -11.282 -6.386  2.191   1.00 36.48 ? 640  ASP A CB  1 
ATOM   935  C  CG  . ASP A 1 123 ? -12.651 -5.915  2.688   1.00 34.96 ? 640  ASP A CG  1 
ATOM   936  O  OD1 . ASP A 1 123 ? -13.266 -5.027  2.058   1.00 34.29 ? 640  ASP A OD1 1 
ATOM   937  O  OD2 . ASP A 1 123 ? -13.121 -6.459  3.711   1.00 41.77 ? 640  ASP A OD2 1 
ATOM   938  N  N   . VAL A 1 124 ? -10.963 -3.195  0.500   1.00 30.29 ? 641  VAL A N   1 
ATOM   939  C  CA  . VAL A 1 124 ? -10.686 -1.779  0.716   1.00 32.73 ? 641  VAL A CA  1 
ATOM   940  C  C   . VAL A 1 124 ? -11.654 -1.150  1.702   1.00 32.03 ? 641  VAL A C   1 
ATOM   941  O  O   . VAL A 1 124 ? -11.608 0.057   1.926   1.00 33.01 ? 641  VAL A O   1 
ATOM   942  C  CB  . VAL A 1 124 ? -10.737 -0.961  -0.593  1.00 36.14 ? 641  VAL A CB  1 
ATOM   943  C  CG1 . VAL A 1 124 ? -9.617  -1.389  -1.532  1.00 29.07 ? 641  VAL A CG1 1 
ATOM   944  C  CG2 . VAL A 1 124 ? -12.115 -1.069  -1.261  1.00 35.15 ? 641  VAL A CG2 1 
ATOM   945  N  N   . THR A 1 125 ? -12.527 -1.958  2.299   1.00 34.91 ? 642  THR A N   1 
ATOM   946  C  CA  . THR A 1 125 ? -13.448 -1.424  3.304   1.00 35.74 ? 642  THR A CA  1 
ATOM   947  C  C   . THR A 1 125 ? -12.891 -1.612  4.713   1.00 35.68 ? 642  THR A C   1 
ATOM   948  O  O   . THR A 1 125 ? -13.468 -1.092  5.678   1.00 32.06 ? 642  THR A O   1 
ATOM   949  C  CB  . THR A 1 125 ? -14.867 -2.064  3.221   1.00 37.22 ? 642  THR A CB  1 
ATOM   950  O  OG1 . THR A 1 125 ? -14.850 -3.399  3.744   1.00 38.10 ? 642  THR A OG1 1 
ATOM   951  C  CG2 . THR A 1 125 ? -15.377 -2.067  1.793   1.00 33.86 ? 642  THR A CG2 1 
ATOM   952  N  N   . ARG A 1 126 ? -11.771 -2.333  4.826   1.00 31.25 ? 643  ARG A N   1 
ATOM   953  C  CA  . ARG A 1 126 ? -11.083 -2.502  6.110   1.00 32.34 ? 643  ARG A CA  1 
ATOM   954  C  C   . ARG A 1 126 ? -10.574 -1.169  6.653   1.00 27.68 ? 643  ARG A C   1 
ATOM   955  O  O   . ARG A 1 126 ? -10.090 -0.332  5.899   1.00 26.87 ? 643  ARG A O   1 
ATOM   956  C  CB  . ARG A 1 126 ? -9.897  -3.455  5.987   1.00 32.23 ? 643  ARG A CB  1 
ATOM   957  C  CG  . ARG A 1 126 ? -10.241 -4.864  5.571   1.00 36.59 ? 643  ARG A CG  1 
ATOM   958  C  CD  . ARG A 1 126 ? -8.998  -5.739  5.608   1.00 37.70 ? 643  ARG A CD  1 
ATOM   959  N  NE  . ARG A 1 126 ? -9.315  -7.127  5.274   1.00 51.89 ? 643  ARG A NE  1 
ATOM   960  C  CZ  . ARG A 1 126 ? -9.685  -8.046  6.161   1.00 51.64 ? 643  ARG A CZ  1 
ATOM   961  N  NH1 . ARG A 1 126 ? -9.786  -7.730  7.448   1.00 52.16 ? 643  ARG A NH1 1 
ATOM   962  N  NH2 . ARG A 1 126 ? -9.954  -9.283  5.761   1.00 58.18 ? 643  ARG A NH2 1 
ATOM   963  N  N   . PRO A 1 127 ? -10.686 -0.973  7.971   1.00 31.61 ? 644  PRO A N   1 
ATOM   964  C  CA  . PRO A 1 127 ? -10.183 0.259   8.587   1.00 31.31 ? 644  PRO A CA  1 
ATOM   965  C  C   . PRO A 1 127 ? -8.740  0.129   9.086   1.00 29.09 ? 644  PRO A C   1 
ATOM   966  O  O   . PRO A 1 127 ? -8.235  -0.981  9.256   1.00 26.53 ? 644  PRO A O   1 
ATOM   967  C  CB  . PRO A 1 127 ? -11.136 0.462   9.762   1.00 29.04 ? 644  PRO A CB  1 
ATOM   968  C  CG  . PRO A 1 127 ? -11.483 -0.936  10.180  1.00 31.71 ? 644  PRO A CG  1 
ATOM   969  C  CD  . PRO A 1 127 ? -11.465 -1.788  8.920   1.00 29.09 ? 644  PRO A CD  1 
ATOM   970  N  N   . ARG A 1 128 ? -8.095  1.268   9.324   1.00 27.78 ? 645  ARG A N   1 
ATOM   971  C  CA  . ARG A 1 128 ? -6.890  1.300   10.138  1.00 28.64 ? 645  ARG A CA  1 
ATOM   972  C  C   . ARG A 1 128 ? -7.220  0.836   11.550  1.00 26.69 ? 645  ARG A C   1 
ATOM   973  O  O   . ARG A 1 128 ? -8.393  0.751   11.937  1.00 26.16 ? 645  ARG A O   1 
ATOM   974  C  CB  . ARG A 1 128 ? -6.297  2.704   10.172  1.00 25.73 ? 645  ARG A CB  1 
ATOM   975  C  CG  . ARG A 1 128 ? -5.507  3.046   8.932   1.00 26.78 ? 645  ARG A CG  1 
ATOM   976  C  CD  . ARG A 1 128 ? -5.062  4.511   8.945   1.00 29.33 ? 645  ARG A CD  1 
ATOM   977  N  NE  . ARG A 1 128 ? -4.176  4.807   7.817   1.00 29.15 ? 645  ARG A NE  1 
ATOM   978  C  CZ  . ARG A 1 128 ? -4.178  5.954   7.147   1.00 31.91 ? 645  ARG A CZ  1 
ATOM   979  N  NH1 . ARG A 1 128 ? -5.011  6.929   7.497   1.00 37.24 ? 645  ARG A NH1 1 
ATOM   980  N  NH2 . ARG A 1 128 ? -3.344  6.128   6.138   1.00 29.87 ? 645  ARG A NH2 1 
ATOM   981  N  N   . ALA A 1 129 ? -6.188  0.540   12.327  1.00 28.67 ? 646  ALA A N   1 
ATOM   982  C  CA  . ALA A 1 129 ? -6.395  0.153   13.718  1.00 27.98 ? 646  ALA A CA  1 
ATOM   983  C  C   . ALA A 1 129 ? -7.036  1.307   14.498  1.00 25.37 ? 646  ALA A C   1 
ATOM   984  O  O   . ALA A 1 129 ? -7.680  1.089   15.517  1.00 26.42 ? 646  ALA A O   1 
ATOM   985  C  CB  . ALA A 1 129 ? -5.091  -0.258  14.356  1.00 25.63 ? 646  ALA A CB  1 
ATOM   986  N  N   . THR A 1 130 ? -6.858  2.527   14.011  1.00 27.41 ? 647  THR A N   1 
ATOM   987  C  CA  . THR A 1 130 ? -7.504  3.686   14.632  1.00 32.94 ? 647  THR A CA  1 
ATOM   988  C  C   . THR A 1 130 ? -9.003  3.745   14.313  1.00 37.02 ? 647  THR A C   1 
ATOM   989  O  O   . THR A 1 130 ? -9.731  4.578   14.867  1.00 33.67 ? 647  THR A O   1 
ATOM   990  C  CB  . THR A 1 130 ? -6.862  5.011   14.176  1.00 28.05 ? 647  THR A CB  1 
ATOM   991  O  OG1 . THR A 1 130 ? -6.992  5.137   12.758  1.00 26.70 ? 647  THR A OG1 1 
ATOM   992  C  CG2 . THR A 1 130 ? -5.382  5.078   14.558  1.00 27.99 ? 647  THR A CG2 1 
ATOM   993  N  N   . GLY A 1 131 ? -9.461  2.884   13.402  1.00 32.03 ? 648  GLY A N   1 
ATOM   994  C  CA  . GLY A 1 131 ? -10.868 2.854   13.053  1.00 31.87 ? 648  GLY A CA  1 
ATOM   995  C  C   . GLY A 1 131 ? -11.259 3.721   11.870  1.00 33.06 ? 648  GLY A C   1 
ATOM   996  O  O   . GLY A 1 131 ? -12.378 3.629   11.381  1.00 35.16 ? 648  GLY A O   1 
ATOM   997  N  N   . THR A 1 132 ? -10.346 4.569   11.410  1.00 32.33 ? 649  THR A N   1 
ATOM   998  C  CA  . THR A 1 132 ? -10.582 5.361   10.206  1.00 30.75 ? 649  THR A CA  1 
ATOM   999  C  C   . THR A 1 132 ? -10.589 4.430   9.005   1.00 32.97 ? 649  THR A C   1 
ATOM   1000 O  O   . THR A 1 132 ? -9.795  3.495   8.939   1.00 29.09 ? 649  THR A O   1 
ATOM   1001 C  CB  . THR A 1 132 ? -9.503  6.447   10.017  1.00 33.40 ? 649  THR A CB  1 
ATOM   1002 O  OG1 . THR A 1 132 ? -9.530  7.324   11.143  1.00 38.82 ? 649  THR A OG1 1 
ATOM   1003 C  CG2 . THR A 1 132 ? -9.736  7.259   8.741   1.00 33.96 ? 649  THR A CG2 1 
ATOM   1004 N  N   . SER A 1 133 ? -11.495 4.681   8.070   1.00 31.86 ? 650  SER A N   1 
ATOM   1005 C  CA  . SER A 1 133 ? -11.601 3.885   6.855   1.00 33.46 ? 650  SER A CA  1 
ATOM   1006 C  C   . SER A 1 133 ? -11.434 4.795   5.651   1.00 32.04 ? 650  SER A C   1 
ATOM   1007 O  O   . SER A 1 133 ? -11.483 6.017   5.788   1.00 32.76 ? 650  SER A O   1 
ATOM   1008 C  CB  . SER A 1 133 ? -12.945 3.156   6.797   1.00 30.20 ? 650  SER A CB  1 
ATOM   1009 O  OG  . SER A 1 133 ? -14.004 4.072   6.551   1.00 33.27 ? 650  SER A OG  1 
ATOM   1010 N  N   . ALA A 1 134 ? -11.224 4.208   4.477   1.00 27.33 ? 651  ALA A N   1 
ATOM   1011 C  CA  . ALA A 1 134 ? -11.097 5.005   3.271   1.00 29.90 ? 651  ALA A CA  1 
ATOM   1012 C  C   . ALA A 1 134 ? -12.396 5.761   3.005   1.00 32.01 ? 651  ALA A C   1 
ATOM   1013 O  O   . ALA A 1 134 ? -12.379 6.808   2.357   1.00 35.88 ? 651  ALA A O   1 
ATOM   1014 C  CB  . ALA A 1 134 ? -10.730 4.128   2.062   1.00 32.13 ? 651  ALA A CB  1 
ATOM   1015 N  N   . LEU A 1 135 ? -13.518 5.233   3.495   1.00 31.44 ? 652  LEU A N   1 
ATOM   1016 C  CA  . LEU A 1 135 ? -14.793 5.936   3.345   1.00 39.07 ? 652  LEU A CA  1 
ATOM   1017 C  C   . LEU A 1 135 ? -14.799 7.224   4.168   1.00 36.39 ? 652  LEU A C   1 
ATOM   1018 O  O   . LEU A 1 135 ? -15.172 8.278   3.643   1.00 38.14 ? 652  LEU A O   1 
ATOM   1019 C  CB  . LEU A 1 135 ? -15.984 5.051   3.742   1.00 38.94 ? 652  LEU A CB  1 
ATOM   1020 C  CG  . LEU A 1 135 ? -17.353 5.693   3.442   1.00 39.53 ? 652  LEU A CG  1 
ATOM   1021 C  CD1 . LEU A 1 135 ? -17.488 6.077   1.970   1.00 36.75 ? 652  LEU A CD1 1 
ATOM   1022 C  CD2 . LEU A 1 135 ? -18.503 4.789   3.860   1.00 43.13 ? 652  LEU A CD2 1 
ATOM   1023 N  N   . HIS A 1 136 ? -14.407 7.137   5.445   1.00 36.24 ? 653  HIS A N   1 
ATOM   1024 C  CA  . HIS A 1 136 ? -14.200 8.337   6.271   1.00 37.83 ? 653  HIS A CA  1 
ATOM   1025 C  C   . HIS A 1 136 ? -13.427 9.391   5.487   1.00 42.36 ? 653  HIS A C   1 
ATOM   1026 O  O   . HIS A 1 136 ? -13.848 10.545  5.361   1.00 42.52 ? 653  HIS A O   1 
ATOM   1027 C  CB  . HIS A 1 136 ? -13.409 8.037   7.546   1.00 33.73 ? 653  HIS A CB  1 
ATOM   1028 C  CG  . HIS A 1 136 ? -14.168 7.303   8.609   1.00 36.21 ? 653  HIS A CG  1 
ATOM   1029 N  ND1 . HIS A 1 136 ? -14.174 5.928   8.708   1.00 35.11 ? 653  HIS A ND1 1 
ATOM   1030 C  CD2 . HIS A 1 136 ? -14.890 7.757   9.663   1.00 36.71 ? 653  HIS A CD2 1 
ATOM   1031 C  CE1 . HIS A 1 136 ? -14.887 5.564   9.760   1.00 33.62 ? 653  HIS A CE1 1 
ATOM   1032 N  NE2 . HIS A 1 136 ? -15.334 6.655   10.354  1.00 35.94 ? 653  HIS A NE2 1 
ATOM   1033 N  N   . THR A 1 137 ? -12.281 8.967   4.960   1.00 38.25 ? 654  THR A N   1 
ATOM   1034 C  CA  . THR A 1 137 ? -11.344 9.870   4.306   1.00 40.39 ? 654  THR A CA  1 
ATOM   1035 C  C   . THR A 1 137 ? -11.929 10.418  3.019   1.00 42.67 ? 654  THR A C   1 
ATOM   1036 O  O   . THR A 1 137 ? -11.727 11.585  2.693   1.00 42.37 ? 654  THR A O   1 
ATOM   1037 C  CB  . THR A 1 137 ? -9.999  9.156   4.024   1.00 38.33 ? 654  THR A CB  1 
ATOM   1038 O  OG1 . THR A 1 137 ? -9.355  8.867   5.267   1.00 37.98 ? 654  THR A OG1 1 
ATOM   1039 C  CG2 . THR A 1 137 ? -9.072  10.018  3.174   1.00 37.65 ? 654  THR A CG2 1 
ATOM   1040 N  N   . ALA A 1 138 ? -12.663 9.567   2.301   1.00 43.62 ? 655  ALA A N   1 
ATOM   1041 C  CA  . ALA A 1 138 ? -13.320 9.958   1.051   1.00 43.86 ? 655  ALA A CA  1 
ATOM   1042 C  C   . ALA A 1 138 ? -14.355 11.062  1.281   1.00 47.28 ? 655  ALA A C   1 
ATOM   1043 O  O   . ALA A 1 138 ? -14.513 11.975  0.465   1.00 48.97 ? 655  ALA A O   1 
ATOM   1044 C  CB  . ALA A 1 138 ? -13.975 8.742   0.401   1.00 41.28 ? 655  ALA A CB  1 
ATOM   1045 N  N   . VAL A 1 139 ? -15.063 10.968  2.399   1.00 45.30 ? 656  VAL A N   1 
ATOM   1046 C  CA  . VAL A 1 139 ? -16.023 11.996  2.768   1.00 50.32 ? 656  VAL A CA  1 
ATOM   1047 C  C   . VAL A 1 139 ? -15.318 13.323  3.055   1.00 51.98 ? 656  VAL A C   1 
ATOM   1048 O  O   . VAL A 1 139 ? -15.734 14.370  2.565   1.00 54.13 ? 656  VAL A O   1 
ATOM   1049 C  CB  . VAL A 1 139 ? -16.851 11.567  3.992   1.00 45.46 ? 656  VAL A CB  1 
ATOM   1050 C  CG1 . VAL A 1 139 ? -17.754 12.689  4.445   1.00 49.90 ? 656  VAL A CG1 1 
ATOM   1051 C  CG2 . VAL A 1 139 ? -17.669 10.331  3.660   1.00 43.91 ? 656  VAL A CG2 1 
ATOM   1052 N  N   . CYS A 1 140 ? -14.242 13.276  3.839   1.00 51.11 ? 657  CYS A N   1 
ATOM   1053 C  CA  . CYS A 1 140 ? -13.504 14.492  4.188   1.00 55.48 ? 657  CYS A CA  1 
ATOM   1054 C  C   . CYS A 1 140 ? -12.957 15.157  2.932   1.00 52.67 ? 657  CYS A C   1 
ATOM   1055 O  O   . CYS A 1 140 ? -13.143 16.351  2.718   1.00 53.12 ? 657  CYS A O   1 
ATOM   1056 C  CB  . CYS A 1 140 ? -12.368 14.189  5.172   1.00 52.10 ? 657  CYS A CB  1 
ATOM   1057 S  SG  . CYS A 1 140 ? -12.925 13.771  6.845   1.00 58.50 ? 657  CYS A SG  1 
ATOM   1058 N  N   . GLU A 1 141 ? -12.310 14.367  2.084   1.00 48.53 ? 658  GLU A N   1 
ATOM   1059 C  CA  . GLU A 1 141 ? -11.793 14.875  0.821   1.00 52.57 ? 658  GLU A CA  1 
ATOM   1060 C  C   . GLU A 1 141 ? -12.912 15.256  -0.154  1.00 52.22 ? 658  GLU A C   1 
ATOM   1061 O  O   . GLU A 1 141 ? -12.639 15.758  -1.240  1.00 46.31 ? 658  GLU A O   1 
ATOM   1062 C  CB  . GLU A 1 141 ? -10.876 13.840  0.173   1.00 52.11 ? 658  GLU A CB  1 
ATOM   1063 C  CG  . GLU A 1 141 ? -9.666  13.452  1.012   1.00 51.86 ? 658  GLU A CG  1 
ATOM   1064 C  CD  . GLU A 1 141 ? -8.830  14.647  1.424   1.00 53.12 ? 658  GLU A CD  1 
ATOM   1065 O  OE1 . GLU A 1 141 ? -8.550  15.506  0.561   1.00 48.68 ? 658  GLU A OE1 1 
ATOM   1066 O  OE2 . GLU A 1 141 ? -8.443  14.720  2.609   1.00 60.84 ? 658  GLU A OE2 1 
ATOM   1067 N  N   . GLU A 1 142 ? -14.159 15.005  0.245   1.00 54.72 ? 659  GLU A N   1 
ATOM   1068 C  CA  . GLU A 1 142 ? -15.338 15.266  -0.584  1.00 55.34 ? 659  GLU A CA  1 
ATOM   1069 C  C   . GLU A 1 142 ? -15.159 14.724  -2.003  1.00 58.28 ? 659  GLU A C   1 
ATOM   1070 O  O   . GLU A 1 142 ? -15.476 15.391  -2.987  1.00 59.80 ? 659  GLU A O   1 
ATOM   1071 C  CB  . GLU A 1 142 ? -15.652 16.765  -0.607  1.00 58.31 ? 659  GLU A CB  1 
ATOM   1072 C  CG  . GLU A 1 142 ? -16.130 17.296  0.751   1.00 62.61 ? 659  GLU A CG  1 
ATOM   1073 C  CD  . GLU A 1 142 ? -16.465 18.783  0.742   1.00 64.08 ? 659  GLU A CD  1 
ATOM   1074 O  OE1 . GLU A 1 142 ? -16.531 19.380  -0.352  1.00 62.12 ? 659  GLU A OE1 1 
ATOM   1075 O  OE2 . GLU A 1 142 ? -16.666 19.354  1.838   1.00 66.62 ? 659  GLU A OE2 1 
ATOM   1076 N  N   . ASN A 1 143 ? -14.633 13.507  -2.092  1.00 54.49 ? 660  ASN A N   1 
ATOM   1077 C  CA  . ASN A 1 143 ? -14.399 12.856  -3.369  1.00 53.41 ? 660  ASN A CA  1 
ATOM   1078 C  C   . ASN A 1 143 ? -15.620 12.031  -3.749  1.00 54.57 ? 660  ASN A C   1 
ATOM   1079 O  O   . ASN A 1 143 ? -15.750 10.871  -3.355  1.00 51.66 ? 660  ASN A O   1 
ATOM   1080 C  CB  . ASN A 1 143 ? -13.141 11.984  -3.304  1.00 51.67 ? 660  ASN A CB  1 
ATOM   1081 C  CG  . ASN A 1 143 ? -12.693 11.488  -4.669  1.00 53.73 ? 660  ASN A CG  1 
ATOM   1082 O  OD1 . ASN A 1 143 ? -13.479 11.421  -5.618  1.00 58.10 ? 660  ASN A OD1 1 
ATOM   1083 N  ND2 . ASN A 1 143 ? -11.417 11.128  -4.771  1.00 49.69 ? 660  ASN A ND2 1 
ATOM   1084 N  N   . ILE A 1 144 ? -16.504 12.651  -4.524  1.00 56.58 ? 661  ILE A N   1 
ATOM   1085 C  CA  . ILE A 1 144 ? -17.789 12.065  -4.881  1.00 53.55 ? 661  ILE A CA  1 
ATOM   1086 C  C   . ILE A 1 144 ? -17.653 10.678  -5.511  1.00 49.30 ? 661  ILE A C   1 
ATOM   1087 O  O   . ILE A 1 144 ? -18.244 9.721   -5.015  1.00 47.86 ? 661  ILE A O   1 
ATOM   1088 C  CB  . ILE A 1 144 ? -18.569 13.004  -5.832  1.00 56.54 ? 661  ILE A CB  1 
ATOM   1089 C  CG1 . ILE A 1 144 ? -19.186 14.164  -5.050  1.00 58.01 ? 661  ILE A CG1 1 
ATOM   1090 C  CG2 . ILE A 1 144 ? -19.663 12.270  -6.559  1.00 56.36 ? 661  ILE A CG2 1 
ATOM   1091 C  CD1 . ILE A 1 144 ? -18.288 15.368  -4.958  1.00 63.51 ? 661  ILE A CD1 1 
ATOM   1092 N  N   . GLU A 1 145 ? -16.866 10.556  -6.578  1.00 51.01 ? 662  GLU A N   1 
ATOM   1093 C  CA  . GLU A 1 145 ? -16.733 9.267   -7.263  1.00 48.35 ? 662  GLU A CA  1 
ATOM   1094 C  C   . GLU A 1 145 ? -16.143 8.189   -6.356  1.00 47.66 ? 662  GLU A C   1 
ATOM   1095 O  O   . GLU A 1 145 ? -16.583 7.036   -6.386  1.00 48.24 ? 662  GLU A O   1 
ATOM   1096 C  CB  . GLU A 1 145 ? -15.879 9.400   -8.530  1.00 52.54 ? 662  GLU A CB  1 
ATOM   1097 C  CG  . GLU A 1 145 ? -15.941 8.162   -9.445  1.00 56.25 ? 662  GLU A CG  1 
ATOM   1098 C  CD  . GLU A 1 145 ? -15.134 8.309   -10.735 1.00 56.97 ? 662  GLU A CD  1 
ATOM   1099 O  OE1 . GLU A 1 145 ? -14.811 9.457   -11.114 1.00 59.03 ? 662  GLU A OE1 1 
ATOM   1100 O  OE2 . GLU A 1 145 ? -14.813 7.273   -11.366 1.00 54.95 ? 662  GLU A OE2 1 
ATOM   1101 N  N   . MET A 1 146 ? -15.165 8.561   -5.537  1.00 51.47 ? 663  MET A N   1 
ATOM   1102 C  CA  . MET A 1 146 ? -14.528 7.598   -4.639  1.00 46.31 ? 663  MET A CA  1 
ATOM   1103 C  C   . MET A 1 146 ? -15.514 7.094   -3.587  1.00 42.33 ? 663  MET A C   1 
ATOM   1104 O  O   . MET A 1 146 ? -15.476 5.925   -3.189  1.00 40.01 ? 663  MET A O   1 
ATOM   1105 C  CB  . MET A 1 146 ? -13.302 8.209   -3.958  1.00 47.99 ? 663  MET A CB  1 
ATOM   1106 C  CG  . MET A 1 146 ? -12.543 7.214   -3.085  1.00 45.00 ? 663  MET A CG  1 
ATOM   1107 S  SD  . MET A 1 146 ? -11.028 7.874   -2.377  1.00 39.26 ? 663  MET A SD  1 
ATOM   1108 C  CE  . MET A 1 146 ? -9.968  7.924   -3.826  1.00 41.52 ? 663  MET A CE  1 
ATOM   1109 N  N   . VAL A 1 147 ? -16.412 7.976   -3.153  1.00 47.22 ? 664  VAL A N   1 
ATOM   1110 C  CA  . VAL A 1 147 ? -17.466 7.587   -2.225  1.00 42.94 ? 664  VAL A CA  1 
ATOM   1111 C  C   . VAL A 1 147 ? -18.400 6.532   -2.846  1.00 43.27 ? 664  VAL A C   1 
ATOM   1112 O  O   . VAL A 1 147 ? -18.775 5.578   -2.171  1.00 42.59 ? 664  VAL A O   1 
ATOM   1113 C  CB  . VAL A 1 147 ? -18.285 8.809   -1.765  1.00 44.70 ? 664  VAL A CB  1 
ATOM   1114 C  CG1 . VAL A 1 147 ? -19.481 8.369   -0.941  1.00 43.96 ? 664  VAL A CG1 1 
ATOM   1115 C  CG2 . VAL A 1 147 ? -17.411 9.765   -0.966  1.00 45.74 ? 664  VAL A CG2 1 
ATOM   1116 N  N   . LYS A 1 148 ? -18.764 6.703   -4.119  1.00 47.76 ? 665  LYS A N   1 
ATOM   1117 C  CA  . LYS A 1 148 ? -19.578 5.714   -4.845  1.00 48.83 ? 665  LYS A CA  1 
ATOM   1118 C  C   . LYS A 1 148 ? -18.978 4.345   -4.788  1.00 47.06 ? 665  LYS A C   1 
ATOM   1119 O  O   . LYS A 1 148 ? -19.590 3.387   -4.301  1.00 48.59 ? 665  LYS A O   1 
ATOM   1120 C  CB  . LYS A 1 148 ? -19.711 6.054   -6.326  1.00 53.86 ? 665  LYS A CB  1 
ATOM   1121 C  CG  . LYS A 1 148 ? -19.891 7.480   -6.624  1.00 51.58 ? 665  LYS A CG  1 
ATOM   1122 C  CD  . LYS A 1 148 ? -21.290 7.873   -6.316  1.00 56.37 ? 665  LYS A CD  1 
ATOM   1123 C  CE  . LYS A 1 148 ? -21.286 9.331   -6.053  1.00 63.18 ? 665  LYS A CE  1 
ATOM   1124 N  NZ  . LYS A 1 148 ? -20.487 9.591   -4.811  1.00 63.34 ? 665  LYS A NZ  1 
ATOM   1125 N  N   . TYR A 1 149 ? -17.774 4.273   -5.347  1.00 43.73 ? 666  TYR A N   1 
ATOM   1126 C  CA  . TYR A 1 149 ? -17.050 3.030   -5.460  1.00 43.12 ? 666  TYR A CA  1 
ATOM   1127 C  C   . TYR A 1 149 ? -16.988 2.346   -4.104  1.00 41.55 ? 666  TYR A C   1 
ATOM   1128 O  O   . TYR A 1 149 ? -17.332 1.167   -3.982  1.00 41.78 ? 666  TYR A O   1 
ATOM   1129 C  CB  . TYR A 1 149 ? -15.643 3.272   -6.012  1.00 42.61 ? 666  TYR A CB  1 
ATOM   1130 C  CG  . TYR A 1 149 ? -14.838 2.010   -6.087  1.00 42.32 ? 666  TYR A CG  1 
ATOM   1131 C  CD1 . TYR A 1 149 ? -15.108 1.061   -7.058  1.00 40.47 ? 666  TYR A CD1 1 
ATOM   1132 C  CD2 . TYR A 1 149 ? -13.824 1.748   -5.171  1.00 40.93 ? 666  TYR A CD2 1 
ATOM   1133 C  CE1 . TYR A 1 149 ? -14.392 -0.106  -7.131  1.00 39.15 ? 666  TYR A CE1 1 
ATOM   1134 C  CE2 . TYR A 1 149 ? -13.101 0.579   -5.241  1.00 39.06 ? 666  TYR A CE2 1 
ATOM   1135 C  CZ  . TYR A 1 149 ? -13.393 -0.343  -6.227  1.00 37.95 ? 666  TYR A CZ  1 
ATOM   1136 O  OH  . TYR A 1 149 ? -12.687 -1.515  -6.316  1.00 40.94 ? 666  TYR A OH  1 
ATOM   1137 N  N   . LEU A 1 150 ? -16.590 3.098   -3.083  1.00 38.70 ? 667  LEU A N   1 
ATOM   1138 C  CA  . LEU A 1 150 ? -16.441 2.521   -1.751  1.00 42.30 ? 667  LEU A CA  1 
ATOM   1139 C  C   . LEU A 1 150 ? -17.774 1.979   -1.245  1.00 39.32 ? 667  LEU A C   1 
ATOM   1140 O  O   . LEU A 1 150 ? -17.840 0.860   -0.733  1.00 37.76 ? 667  LEU A O   1 
ATOM   1141 C  CB  . LEU A 1 150 ? -15.863 3.549   -0.768  1.00 38.42 ? 667  LEU A CB  1 
ATOM   1142 C  CG  . LEU A 1 150 ? -14.350 3.772   -0.895  1.00 36.54 ? 667  LEU A CG  1 
ATOM   1143 C  CD1 . LEU A 1 150 ? -13.906 4.868   0.039   1.00 34.92 ? 667  LEU A CD1 1 
ATOM   1144 C  CD2 . LEU A 1 150 ? -13.533 2.483   -0.646  1.00 31.12 ? 667  LEU A CD2 1 
ATOM   1145 N  N   . LEU A 1 151 ? -18.831 2.770   -1.411  1.00 42.57 ? 668  LEU A N   1 
ATOM   1146 C  CA  . LEU A 1 151 ? -20.184 2.307   -1.101  1.00 44.20 ? 668  LEU A CA  1 
ATOM   1147 C  C   . LEU A 1 151 ? -20.530 1.050   -1.907  1.00 42.64 ? 668  LEU A C   1 
ATOM   1148 O  O   . LEU A 1 151 ? -20.969 0.040   -1.346  1.00 38.66 ? 668  LEU A O   1 
ATOM   1149 C  CB  . LEU A 1 151 ? -21.197 3.422   -1.368  1.00 45.09 ? 668  LEU A CB  1 
ATOM   1150 C  CG  . LEU A 1 151 ? -21.159 4.516   -0.296  1.00 45.67 ? 668  LEU A CG  1 
ATOM   1151 C  CD1 . LEU A 1 151 ? -22.174 5.607   -0.568  1.00 46.35 ? 668  LEU A CD1 1 
ATOM   1152 C  CD2 . LEU A 1 151 ? -21.395 3.891   1.067   1.00 39.67 ? 668  LEU A CD2 1 
ATOM   1153 N  N   . GLU A 1 152 ? -20.299 1.107   -3.216  1.00 41.72 ? 669  GLU A N   1 
ATOM   1154 C  CA  . GLU A 1 152 ? -20.541 -0.049  -4.077  1.00 44.52 ? 669  GLU A CA  1 
ATOM   1155 C  C   . GLU A 1 152 ? -19.731 -1.266  -3.622  1.00 43.75 ? 669  GLU A C   1 
ATOM   1156 O  O   . GLU A 1 152 ? -20.136 -2.401  -3.850  1.00 44.77 ? 669  GLU A O   1 
ATOM   1157 C  CB  . GLU A 1 152 ? -20.227 0.295   -5.540  1.00 45.83 ? 669  GLU A CB  1 
ATOM   1158 C  CG  . GLU A 1 152 ? -21.421 0.899   -6.294  1.00 52.12 ? 669  GLU A CG  1 
ATOM   1159 C  CD  . GLU A 1 152 ? -21.019 1.775   -7.475  1.00 59.63 ? 669  GLU A CD  1 
ATOM   1160 O  OE1 . GLU A 1 152 ? -20.005 1.463   -8.139  1.00 62.80 ? 669  GLU A OE1 1 
ATOM   1161 O  OE2 . GLU A 1 152 ? -21.727 2.774   -7.746  1.00 61.52 ? 669  GLU A OE2 1 
ATOM   1162 N  N   . GLN A 1 153 ? -18.604 -1.027  -2.952  1.00 43.39 ? 670  GLN A N   1 
ATOM   1163 C  CA  . GLN A 1 153 ? -17.752 -2.112  -2.470  1.00 42.10 ? 670  GLN A CA  1 
ATOM   1164 C  C   . GLN A 1 153 ? -18.192 -2.608  -1.094  1.00 39.08 ? 670  GLN A C   1 
ATOM   1165 O  O   . GLN A 1 153 ? -17.581 -3.520  -0.531  1.00 36.68 ? 670  GLN A O   1 
ATOM   1166 C  CB  . GLN A 1 153 ? -16.285 -1.668  -2.420  1.00 41.21 ? 670  GLN A CB  1 
ATOM   1167 C  CG  . GLN A 1 153 ? -15.650 -1.443  -3.788  1.00 40.34 ? 670  GLN A CG  1 
ATOM   1168 C  CD  . GLN A 1 153 ? -15.544 -2.720  -4.605  1.00 42.50 ? 670  GLN A CD  1 
ATOM   1169 O  OE1 . GLN A 1 153 ? -14.975 -3.717  -4.156  1.00 39.53 ? 670  GLN A OE1 1 
ATOM   1170 N  NE2 . GLN A 1 153 ? -16.099 -2.696  -5.810  1.00 42.10 ? 670  GLN A NE2 1 
ATOM   1171 N  N   . GLY A 1 154 ? -19.251 -2.006  -0.555  1.00 42.69 ? 671  GLY A N   1 
ATOM   1172 C  CA  . GLY A 1 154 ? -19.790 -2.420  0.730   1.00 41.80 ? 671  GLY A CA  1 
ATOM   1173 C  C   . GLY A 1 154 ? -19.167 -1.712  1.928   1.00 44.39 ? 671  GLY A C   1 
ATOM   1174 O  O   . GLY A 1 154 ? -19.133 -2.265  3.028   1.00 41.67 ? 671  GLY A O   1 
ATOM   1175 N  N   . ALA A 1 155 ? -18.673 -0.494  1.719   1.00 42.41 ? 672  ALA A N   1 
ATOM   1176 C  CA  . ALA A 1 155 ? -18.060 0.276   2.803   1.00 42.40 ? 672  ALA A CA  1 
ATOM   1177 C  C   . ALA A 1 155 ? -19.081 0.631   3.887   1.00 41.81 ? 672  ALA A C   1 
ATOM   1178 O  O   . ALA A 1 155 ? -20.126 1.215   3.598   1.00 45.05 ? 672  ALA A O   1 
ATOM   1179 C  CB  . ALA A 1 155 ? -17.410 1.540   2.256   1.00 37.22 ? 672  ALA A CB  1 
ATOM   1180 N  N   . ASP A 1 156 ? -18.749 0.273   5.125   1.00 42.78 ? 673  ASP A N   1 
ATOM   1181 C  CA  . ASP A 1 156 ? -19.550 0.540   6.329   1.00 42.58 ? 673  ASP A CA  1 
ATOM   1182 C  C   . ASP A 1 156 ? -19.783 2.034   6.607   1.00 43.61 ? 673  ASP A C   1 
ATOM   1183 O  O   . ASP A 1 156 ? -18.850 2.754   6.963   1.00 42.39 ? 673  ASP A O   1 
ATOM   1184 C  CB  . ASP A 1 156 ? -18.851 -0.105  7.540   1.00 39.30 ? 673  ASP A CB  1 
ATOM   1185 C  CG  . ASP A 1 156 ? -19.733 -0.174  8.778   1.00 47.58 ? 673  ASP A CG  1 
ATOM   1186 O  OD1 . ASP A 1 156 ? -20.734 0.579   8.859   1.00 45.84 ? 673  ASP A OD1 1 
ATOM   1187 O  OD2 . ASP A 1 156 ? -19.412 -0.987  9.684   1.00 48.13 ? 673  ASP A OD2 1 
ATOM   1188 N  N   . VAL A 1 157 ? -21.026 2.492   6.482   1.00 44.62 ? 674  VAL A N   1 
ATOM   1189 C  CA  . VAL A 1 157 ? -21.339 3.909   6.691   1.00 45.33 ? 674  VAL A CA  1 
ATOM   1190 C  C   . VAL A 1 157 ? -21.520 4.281   8.159   1.00 45.55 ? 674  VAL A C   1 
ATOM   1191 O  O   . VAL A 1 157 ? -21.613 5.458   8.493   1.00 46.29 ? 674  VAL A O   1 
ATOM   1192 C  CB  . VAL A 1 157 ? -22.620 4.334   5.942   1.00 52.76 ? 674  VAL A CB  1 
ATOM   1193 C  CG1 . VAL A 1 157 ? -22.371 4.401   4.442   1.00 49.86 ? 674  VAL A CG1 1 
ATOM   1194 C  CG2 . VAL A 1 157 ? -23.765 3.380   6.271   1.00 50.41 ? 674  VAL A CG2 1 
ATOM   1195 N  N   . ASN A 1 158 ? -21.592 3.276   9.025   1.00 43.38 ? 675  ASN A N   1 
ATOM   1196 C  CA  . ASN A 1 158 ? -21.788 3.499   10.450  1.00 43.44 ? 675  ASN A CA  1 
ATOM   1197 C  C   . ASN A 1 158 ? -20.558 3.066   11.247  1.00 45.44 ? 675  ASN A C   1 
ATOM   1198 O  O   . ASN A 1 158 ? -20.631 2.863   12.456  1.00 43.87 ? 675  ASN A O   1 
ATOM   1199 C  CB  . ASN A 1 158 ? -23.030 2.747   10.952  1.00 46.08 ? 675  ASN A CB  1 
ATOM   1200 C  CG  . ASN A 1 158 ? -24.309 3.157   10.219  1.00 50.75 ? 675  ASN A CG  1 
ATOM   1201 O  OD1 . ASN A 1 158 ? -25.087 2.304   9.782   1.00 52.67 ? 675  ASN A OD1 1 
ATOM   1202 N  ND2 . ASN A 1 158 ? -24.525 4.463   10.079  1.00 46.90 ? 675  ASN A ND2 1 
ATOM   1203 N  N   . LYS A 1 159 ? -19.433 2.905   10.557  1.00 42.22 ? 676  LYS A N   1 
ATOM   1204 C  CA  . LYS A 1 159 ? -18.171 2.564   11.205  1.00 43.38 ? 676  LYS A CA  1 
ATOM   1205 C  C   . LYS A 1 159 ? -17.634 3.771   11.967  1.00 39.56 ? 676  LYS A C   1 
ATOM   1206 O  O   . LYS A 1 159 ? -17.404 4.829   11.388  1.00 35.82 ? 676  LYS A O   1 
ATOM   1207 C  CB  . LYS A 1 159 ? -17.144 2.081   10.173  1.00 42.80 ? 676  LYS A CB  1 
ATOM   1208 C  CG  . LYS A 1 159 ? -15.714 1.916   10.699  1.00 41.97 ? 676  LYS A CG  1 
ATOM   1209 C  CD  . LYS A 1 159 ? -15.621 0.932   11.858  1.00 43.34 ? 676  LYS A CD  1 
ATOM   1210 C  CE  . LYS A 1 159 ? -14.184 0.815   12.353  1.00 44.51 ? 676  LYS A CE  1 
ATOM   1211 N  NZ  . LYS A 1 159 ? -13.961 -0.373  13.236  1.00 43.56 ? 676  LYS A NZ  1 
ATOM   1212 N  N   . GLN A 1 160 ? -17.462 3.609   13.272  1.00 39.68 ? 677  GLN A N   1 
ATOM   1213 C  CA  . GLN A 1 160 ? -16.940 4.675   14.119  1.00 43.63 ? 677  GLN A CA  1 
ATOM   1214 C  C   . GLN A 1 160 ? -15.426 4.618   14.166  1.00 40.81 ? 677  GLN A C   1 
ATOM   1215 O  O   . GLN A 1 160 ? -14.867 3.564   14.451  1.00 40.04 ? 677  GLN A O   1 
ATOM   1216 C  CB  . GLN A 1 160 ? -17.489 4.558   15.544  1.00 45.91 ? 677  GLN A CB  1 
ATOM   1217 C  CG  . GLN A 1 160 ? -18.864 5.143   15.765  1.00 46.91 ? 677  GLN A CG  1 
ATOM   1218 C  CD  . GLN A 1 160 ? -19.313 5.017   17.210  1.00 50.03 ? 677  GLN A CD  1 
ATOM   1219 O  OE1 . GLN A 1 160 ? -20.079 5.839   17.705  1.00 60.94 ? 677  GLN A OE1 1 
ATOM   1220 N  NE2 . GLN A 1 160 ? -18.833 3.987   17.893  1.00 48.32 ? 677  GLN A NE2 1 
ATOM   1221 N  N   . ASP A 1 161 ? -14.755 5.738   13.912  1.00 39.58 ? 678  ASP A N   1 
ATOM   1222 C  CA  . ASP A 1 161 ? -13.318 5.779   14.169  1.00 37.47 ? 678  ASP A CA  1 
ATOM   1223 C  C   . ASP A 1 161 ? -13.085 5.787   15.684  1.00 41.85 ? 678  ASP A C   1 
ATOM   1224 O  O   . ASP A 1 161 ? -14.010 5.545   16.468  1.00 39.24 ? 678  ASP A O   1 
ATOM   1225 C  CB  . ASP A 1 161 ? -12.650 6.986   13.490  1.00 39.20 ? 678  ASP A CB  1 
ATOM   1226 C  CG  . ASP A 1 161 ? -13.320 8.319   13.821  1.00 42.48 ? 678  ASP A CG  1 
ATOM   1227 O  OD1 . ASP A 1 161 ? -13.813 8.491   14.948  1.00 42.57 ? 678  ASP A OD1 1 
ATOM   1228 O  OD2 . ASP A 1 161 ? -13.314 9.212   12.948  1.00 42.29 ? 678  ASP A OD2 1 
ATOM   1229 N  N   . MET A 1 162 ? -11.856 6.056   16.109  1.00 41.58 ? 679  MET A N   1 
ATOM   1230 C  CA  . MET A 1 162 ? -11.571 6.064   17.541  1.00 45.05 ? 679  MET A CA  1 
ATOM   1231 C  C   . MET A 1 162 ? -12.096 7.346   18.199  1.00 41.81 ? 679  MET A C   1 
ATOM   1232 O  O   . MET A 1 162 ? -12.074 7.472   19.417  1.00 43.80 ? 679  MET A O   1 
ATOM   1233 C  CB  . MET A 1 162 ? -10.074 5.910   17.800  1.00 39.97 ? 679  MET A CB  1 
ATOM   1234 C  CG  . MET A 1 162 ? -9.235  7.031   17.234  1.00 43.41 ? 679  MET A CG  1 
ATOM   1235 S  SD  . MET A 1 162 ? -7.499  6.909   17.729  1.00 40.40 ? 679  MET A SD  1 
ATOM   1236 C  CE  . MET A 1 162 ? -7.585  7.135   19.507  1.00 37.29 ? 679  MET A CE  1 
ATOM   1237 N  N   . HIS A 1 163 ? -12.568 8.287   17.390  1.00 44.78 ? 680  HIS A N   1 
ATOM   1238 C  CA  . HIS A 1 163 ? -13.115 9.537   17.912  1.00 44.40 ? 680  HIS A CA  1 
ATOM   1239 C  C   . HIS A 1 163 ? -14.627 9.594   17.756  1.00 47.52 ? 680  HIS A C   1 
ATOM   1240 O  O   . HIS A 1 163 ? -15.229 10.671  17.831  1.00 50.28 ? 680  HIS A O   1 
ATOM   1241 C  CB  . HIS A 1 163 ? -12.461 10.721  17.221  1.00 45.10 ? 680  HIS A CB  1 
ATOM   1242 C  CG  . HIS A 1 163 ? -10.978 10.759  17.399  1.00 49.71 ? 680  HIS A CG  1 
ATOM   1243 N  ND1 . HIS A 1 163 ? -10.385 11.074  18.603  1.00 48.80 ? 680  HIS A ND1 1 
ATOM   1244 C  CD2 . HIS A 1 163 ? -9.968  10.500  16.536  1.00 50.25 ? 680  HIS A CD2 1 
ATOM   1245 C  CE1 . HIS A 1 163 ? -9.071  11.019  18.470  1.00 48.21 ? 680  HIS A CE1 1 
ATOM   1246 N  NE2 . HIS A 1 163 ? -8.791  10.672  17.227  1.00 51.34 ? 680  HIS A NE2 1 
ATOM   1247 N  N   . GLY A 1 164 ? -15.227 8.424   17.531  1.00 45.31 ? 681  GLY A N   1 
ATOM   1248 C  CA  . GLY A 1 164 ? -16.672 8.262   17.522  1.00 47.31 ? 681  GLY A CA  1 
ATOM   1249 C  C   . GLY A 1 164 ? -17.397 8.659   16.251  1.00 46.44 ? 681  GLY A C   1 
ATOM   1250 O  O   . GLY A 1 164 ? -18.612 8.515   16.170  1.00 50.73 ? 681  GLY A O   1 
ATOM   1251 N  N   . TRP A 1 165 ? -16.664 9.157   15.260  1.00 42.16 ? 682  TRP A N   1 
ATOM   1252 C  CA  . TRP A 1 165 ? -17.278 9.604   14.011  1.00 45.06 ? 682  TRP A CA  1 
ATOM   1253 C  C   . TRP A 1 165 ? -17.475 8.472   12.984  1.00 44.21 ? 682  TRP A C   1 
ATOM   1254 O  O   . TRP A 1 165 ? -16.572 7.655   12.744  1.00 40.48 ? 682  TRP A O   1 
ATOM   1255 C  CB  . TRP A 1 165 ? -16.438 10.725  13.383  1.00 47.48 ? 682  TRP A CB  1 
ATOM   1256 C  CG  . TRP A 1 165 ? -16.441 12.021  14.162  1.00 52.47 ? 682  TRP A CG  1 
ATOM   1257 C  CD1 . TRP A 1 165 ? -15.365 12.633  14.742  1.00 50.92 ? 682  TRP A CD1 1 
ATOM   1258 C  CD2 . TRP A 1 165 ? -17.575 12.857  14.444  1.00 57.57 ? 682  TRP A CD2 1 
ATOM   1259 N  NE1 . TRP A 1 165 ? -15.757 13.794  15.363  1.00 54.69 ? 682  TRP A NE1 1 
ATOM   1260 C  CE2 . TRP A 1 165 ? -17.107 13.957  15.196  1.00 55.71 ? 682  TRP A CE2 1 
ATOM   1261 C  CE3 . TRP A 1 165 ? -18.939 12.780  14.135  1.00 58.24 ? 682  TRP A CE3 1 
ATOM   1262 C  CZ2 . TRP A 1 165 ? -17.956 14.969  15.646  1.00 55.64 ? 682  TRP A CZ2 1 
ATOM   1263 C  CZ3 . TRP A 1 165 ? -19.781 13.792  14.583  1.00 60.23 ? 682  TRP A CZ3 1 
ATOM   1264 C  CH2 . TRP A 1 165 ? -19.284 14.863  15.341  1.00 57.30 ? 682  TRP A CH2 1 
ATOM   1265 N  N   . THR A 1 166 ? -18.666 8.429   12.387  1.00 41.56 ? 683  THR A N   1 
ATOM   1266 C  CA  . THR A 1 166 ? -18.930 7.540   11.255  1.00 41.13 ? 683  THR A CA  1 
ATOM   1267 C  C   . THR A 1 166 ? -18.783 8.337   9.964   1.00 40.17 ? 683  THR A C   1 
ATOM   1268 O  O   . THR A 1 166 ? -18.802 9.566   9.997   1.00 41.18 ? 683  THR A O   1 
ATOM   1269 C  CB  . THR A 1 166 ? -20.350 6.904   11.315  1.00 42.45 ? 683  THR A CB  1 
ATOM   1270 O  OG1 . THR A 1 166 ? -21.338 7.913   11.083  1.00 46.27 ? 683  THR A OG1 1 
ATOM   1271 C  CG2 . THR A 1 166 ? -20.598 6.237   12.657  1.00 40.36 ? 683  THR A CG2 1 
ATOM   1272 N  N   . PRO A 1 167 ? -18.625 7.645   8.820   1.00 40.46 ? 684  PRO A N   1 
ATOM   1273 C  CA  . PRO A 1 167 ? -18.548 8.384   7.557   1.00 42.51 ? 684  PRO A CA  1 
ATOM   1274 C  C   . PRO A 1 167 ? -19.792 9.233   7.314   1.00 45.82 ? 684  PRO A C   1 
ATOM   1275 O  O   . PRO A 1 167 ? -19.685 10.360  6.830   1.00 42.47 ? 684  PRO A O   1 
ATOM   1276 C  CB  . PRO A 1 167 ? -18.421 7.273   6.508   1.00 42.67 ? 684  PRO A CB  1 
ATOM   1277 C  CG  . PRO A 1 167 ? -17.779 6.140   7.240   1.00 39.51 ? 684  PRO A CG  1 
ATOM   1278 C  CD  . PRO A 1 167 ? -18.323 6.211   8.642   1.00 40.78 ? 684  PRO A CD  1 
ATOM   1279 N  N   . ARG A 1 168 ? -20.956 8.696   7.668   1.00 47.56 ? 685  ARG A N   1 
ATOM   1280 C  CA  . ARG A 1 168 ? -22.205 9.436   7.526   1.00 52.35 ? 685  ARG A CA  1 
ATOM   1281 C  C   . ARG A 1 168 ? -22.187 10.705  8.394   1.00 51.61 ? 685  ARG A C   1 
ATOM   1282 O  O   . ARG A 1 168 ? -22.498 11.791  7.906   1.00 54.23 ? 685  ARG A O   1 
ATOM   1283 C  CB  . ARG A 1 168 ? -23.399 8.545   7.880   1.00 53.76 ? 685  ARG A CB  1 
ATOM   1284 C  CG  . ARG A 1 168 ? -24.659 9.312   8.242   1.00 60.63 ? 685  ARG A CG  1 
ATOM   1285 C  CD  . ARG A 1 168 ? -25.754 8.387   8.760   1.00 59.21 ? 685  ARG A CD  1 
ATOM   1286 N  NE  . ARG A 1 168 ? -25.824 8.431   10.222  1.00 69.31 ? 685  ARG A NE  1 
ATOM   1287 C  CZ  . ARG A 1 168 ? -26.256 9.470   10.937  1.00 69.87 ? 685  ARG A CZ  1 
ATOM   1288 N  NH1 . ARG A 1 168 ? -26.699 10.570  10.335  1.00 68.74 ? 685  ARG A NH1 1 
ATOM   1289 N  NH2 . ARG A 1 168 ? -26.261 9.401   12.265  1.00 72.41 ? 685  ARG A NH2 1 
ATOM   1290 N  N   . ASP A 1 169 ? -21.794 10.569  9.662   1.00 45.50 ? 686  ASP A N   1 
ATOM   1291 C  CA  . ASP A 1 169 ? -21.655 11.724  10.563  1.00 48.32 ? 686  ASP A CA  1 
ATOM   1292 C  C   . ASP A 1 169 ? -20.849 12.849  9.934   1.00 51.06 ? 686  ASP A C   1 
ATOM   1293 O  O   . ASP A 1 169 ? -21.197 14.024  10.053  1.00 52.64 ? 686  ASP A O   1 
ATOM   1294 C  CB  . ASP A 1 169 ? -20.975 11.329  11.879  1.00 47.76 ? 686  ASP A CB  1 
ATOM   1295 C  CG  . ASP A 1 169 ? -21.854 10.492  12.779  1.00 50.35 ? 686  ASP A CG  1 
ATOM   1296 O  OD1 . ASP A 1 169 ? -23.091 10.555  12.639  1.00 53.94 ? 686  ASP A OD1 1 
ATOM   1297 O  OD2 . ASP A 1 169 ? -21.297 9.780   13.648  1.00 48.56 ? 686  ASP A OD2 1 
ATOM   1298 N  N   . LEU A 1 170 ? -19.757 12.476  9.279   1.00 46.68 ? 687  LEU A N   1 
ATOM   1299 C  CA  . LEU A 1 170 ? -18.848 13.443  8.686   1.00 48.89 ? 687  LEU A CA  1 
ATOM   1300 C  C   . LEU A 1 170 ? -19.487 14.169  7.498   1.00 53.86 ? 687  LEU A C   1 
ATOM   1301 O  O   . LEU A 1 170 ? -19.255 15.364  7.290   1.00 55.43 ? 687  LEU A O   1 
ATOM   1302 C  CB  . LEU A 1 170 ? -17.553 12.748  8.255   1.00 48.91 ? 687  LEU A CB  1 
ATOM   1303 C  CG  . LEU A 1 170 ? -16.744 12.070  9.366   1.00 46.84 ? 687  LEU A CG  1 
ATOM   1304 C  CD1 . LEU A 1 170 ? -15.490 11.403  8.807   1.00 45.36 ? 687  LEU A CD1 1 
ATOM   1305 C  CD2 . LEU A 1 170 ? -16.382 13.059  10.450  1.00 47.34 ? 687  LEU A CD2 1 
ATOM   1306 N  N   . ALA A 1 171 ? -20.301 13.448  6.736   1.00 55.21 ? 688  ALA A N   1 
ATOM   1307 C  CA  . ALA A 1 171 ? -20.942 14.002  5.544   1.00 57.00 ? 688  ALA A CA  1 
ATOM   1308 C  C   . ALA A 1 171 ? -21.839 15.200  5.868   1.00 62.41 ? 688  ALA A C   1 
ATOM   1309 O  O   . ALA A 1 171 ? -21.878 16.182  5.121   1.00 65.68 ? 688  ALA A O   1 
ATOM   1310 C  CB  . ALA A 1 171 ? -21.744 12.919  4.838   1.00 56.64 ? 688  ALA A CB  1 
ATOM   1311 N  N   . GLU A 1 172 ? -22.548 15.111  6.988   1.00 62.55 ? 689  GLU A N   1 
ATOM   1312 C  CA  . GLU A 1 172 ? -23.474 16.159  7.408   1.00 64.96 ? 689  GLU A CA  1 
ATOM   1313 C  C   . GLU A 1 172 ? -22.746 17.433  7.793   1.00 64.84 ? 689  GLU A C   1 
ATOM   1314 O  O   . GLU A 1 172 ? -23.248 18.535  7.577   1.00 68.56 ? 689  GLU A O   1 
ATOM   1315 C  CB  . GLU A 1 172 ? -24.325 15.672  8.578   1.00 62.43 ? 689  GLU A CB  1 
ATOM   1316 C  CG  . GLU A 1 172 ? -25.146 14.438  8.248   1.00 64.07 ? 689  GLU A CG  1 
ATOM   1317 C  CD  . GLU A 1 172 ? -25.651 13.735  9.484   1.00 66.61 ? 689  GLU A CD  1 
ATOM   1318 O  OE1 . GLU A 1 172 ? -25.365 14.226  10.597  1.00 73.31 ? 689  GLU A OE1 1 
ATOM   1319 O  OE2 . GLU A 1 172 ? -26.328 12.695  9.343   1.00 68.90 ? 689  GLU A OE2 1 
ATOM   1320 N  N   . GLN A 1 173 ? -21.555 17.275  8.351   1.00 63.71 ? 690  GLN A N   1 
ATOM   1321 C  CA  . GLN A 1 173 ? -20.791 18.404  8.862   1.00 63.72 ? 690  GLN A CA  1 
ATOM   1322 C  C   . GLN A 1 173 ? -20.108 19.222  7.784   1.00 66.65 ? 690  GLN A C   1 
ATOM   1323 O  O   . GLN A 1 173 ? -19.627 20.326  8.037   1.00 70.70 ? 690  GLN A O   1 
ATOM   1324 C  CB  . GLN A 1 173 ? -19.737 17.908  9.826   1.00 62.89 ? 690  GLN A CB  1 
ATOM   1325 C  CG  . GLN A 1 173 ? -20.282 17.109  10.954  1.00 60.01 ? 690  GLN A CG  1 
ATOM   1326 C  CD  . GLN A 1 173 ? -19.667 17.552  12.243  1.00 67.67 ? 690  GLN A CD  1 
ATOM   1327 O  OE1 . GLN A 1 173 ? -19.518 18.752  12.497  1.00 66.69 ? 690  GLN A OE1 1 
ATOM   1328 N  NE2 . GLN A 1 173 ? -19.232 16.593  13.039  1.00 69.98 ? 690  GLN A NE2 1 
ATOM   1329 N  N   . GLN A 1 174 ? -20.038 18.662  6.586   1.00 67.58 ? 691  GLN A N   1 
ATOM   1330 C  CA  . GLN A 1 174 ? -19.356 19.319  5.488   1.00 70.67 ? 691  GLN A CA  1 
ATOM   1331 C  C   . GLN A 1 174 ? -20.395 19.816  4.494   1.00 73.88 ? 691  GLN A C   1 
ATOM   1332 O  O   . GLN A 1 174 ? -20.063 20.430  3.475   1.00 74.76 ? 691  GLN A O   1 
ATOM   1333 C  CB  . GLN A 1 174 ? -18.356 18.356  4.851   1.00 69.02 ? 691  GLN A CB  1 
ATOM   1334 C  CG  . GLN A 1 174 ? -17.505 17.666  5.914   1.00 68.72 ? 691  GLN A CG  1 
ATOM   1335 C  CD  . GLN A 1 174 ? -16.387 16.829  5.341   1.00 66.22 ? 691  GLN A CD  1 
ATOM   1336 O  OE1 . GLN A 1 174 ? -16.118 16.866  4.138   1.00 67.62 ? 691  GLN A OE1 1 
ATOM   1337 N  NE2 . GLN A 1 174 ? -15.723 16.061  6.206   1.00 57.68 ? 691  GLN A NE2 1 
ATOM   1338 N  N   . GLY A 1 175 ? -21.659 19.542  4.818   1.00 72.70 ? 692  GLY A N   1 
ATOM   1339 C  CA  . GLY A 1 175 ? -22.799 20.035  4.064   1.00 72.30 ? 692  GLY A CA  1 
ATOM   1340 C  C   . GLY A 1 175 ? -22.776 19.686  2.591   1.00 73.41 ? 692  GLY A C   1 
ATOM   1341 O  O   . GLY A 1 175 ? -23.420 20.350  1.777   1.00 74.31 ? 692  GLY A O   1 
ATOM   1342 N  N   . HIS A 1 176 ? -22.031 18.645  2.238   1.00 72.73 ? 693  HIS A N   1 
ATOM   1343 C  CA  . HIS A 1 176 ? -21.928 18.261  0.844   1.00 72.97 ? 693  HIS A CA  1 
ATOM   1344 C  C   . HIS A 1 176 ? -23.151 17.451  0.457   1.00 71.60 ? 693  HIS A C   1 
ATOM   1345 O  O   . HIS A 1 176 ? -23.132 16.219  0.507   1.00 69.80 ? 693  HIS A O   1 
ATOM   1346 C  CB  . HIS A 1 176 ? -20.651 17.473  0.582   1.00 68.05 ? 693  HIS A CB  1 
ATOM   1347 C  CG  . HIS A 1 176 ? -20.257 17.442  -0.861  1.00 67.98 ? 693  HIS A CG  1 
ATOM   1348 N  ND1 . HIS A 1 176 ? -19.003 17.811  -1.296  1.00 67.47 ? 693  HIS A ND1 1 
ATOM   1349 C  CD2 . HIS A 1 176 ? -20.953 17.092  -1.967  1.00 69.44 ? 693  HIS A CD2 1 
ATOM   1350 C  CE1 . HIS A 1 176 ? -18.942 17.688  -2.610  1.00 67.91 ? 693  HIS A CE1 1 
ATOM   1351 N  NE2 . HIS A 1 176 ? -20.113 17.253  -3.042  1.00 68.64 ? 693  HIS A NE2 1 
ATOM   1352 N  N   . GLU A 1 177 ? -24.208 18.168  0.074   1.00 72.18 ? 694  GLU A N   1 
ATOM   1353 C  CA  . GLU A 1 177 ? -25.508 17.580  -0.235  1.00 68.55 ? 694  GLU A CA  1 
ATOM   1354 C  C   . GLU A 1 177 ? -25.413 16.401  -1.193  1.00 66.86 ? 694  GLU A C   1 
ATOM   1355 O  O   . GLU A 1 177 ? -26.076 15.385  -0.987  1.00 65.12 ? 694  GLU A O   1 
ATOM   1356 C  CB  . GLU A 1 177 ? -26.444 18.646  -0.813  1.00 71.54 ? 694  GLU A CB  1 
ATOM   1357 C  CG  . GLU A 1 177 ? -27.196 19.440  0.246   1.00 68.60 ? 694  GLU A CG  1 
ATOM   1358 C  CD  . GLU A 1 177 ? -28.021 18.549  1.168   1.00 71.77 ? 694  GLU A CD  1 
ATOM   1359 O  OE1 . GLU A 1 177 ? -28.636 17.575  0.673   1.00 69.24 ? 694  GLU A OE1 1 
ATOM   1360 O  OE2 . GLU A 1 177 ? -28.048 18.818  2.391   1.00 69.00 ? 694  GLU A OE2 1 
ATOM   1361 N  N   . ASP A 1 178 ? -24.586 16.538  -2.227  1.00 68.62 ? 695  ASP A N   1 
ATOM   1362 C  CA  . ASP A 1 178 ? -24.361 15.452  -3.177  1.00 66.57 ? 695  ASP A CA  1 
ATOM   1363 C  C   . ASP A 1 178 ? -23.965 14.167  -2.455  1.00 66.35 ? 695  ASP A C   1 
ATOM   1364 O  O   . ASP A 1 178 ? -24.546 13.113  -2.694  1.00 62.88 ? 695  ASP A O   1 
ATOM   1365 C  CB  . ASP A 1 178 ? -23.287 15.835  -4.200  1.00 65.28 ? 695  ASP A CB  1 
ATOM   1366 C  CG  . ASP A 1 178 ? -23.853 16.605  -5.382  1.00 69.59 ? 695  ASP A CG  1 
ATOM   1367 O  OD1 . ASP A 1 178 ? -24.972 16.277  -5.826  1.00 66.25 ? 695  ASP A OD1 1 
ATOM   1368 O  OD2 . ASP A 1 178 ? -23.177 17.536  -5.870  1.00 72.93 ? 695  ASP A OD2 1 
ATOM   1369 N  N   . ILE A 1 179 ? -23.004 14.280  -1.544  1.00 66.46 ? 696  ILE A N   1 
ATOM   1370 C  CA  . ILE A 1 179 ? -22.511 13.135  -0.793  1.00 64.88 ? 696  ILE A CA  1 
ATOM   1371 C  C   . ILE A 1 179 ? -23.516 12.626  0.246   1.00 62.99 ? 696  ILE A C   1 
ATOM   1372 O  O   . ILE A 1 179 ? -23.705 11.417  0.374   1.00 62.37 ? 696  ILE A O   1 
ATOM   1373 C  CB  . ILE A 1 179 ? -21.149 13.468  -0.107  1.00 65.41 ? 696  ILE A CB  1 
ATOM   1374 C  CG1 . ILE A 1 179 ? -20.083 13.758  -1.165  1.00 63.62 ? 696  ILE A CG1 1 
ATOM   1375 C  CG2 . ILE A 1 179 ? -20.692 12.348  0.819   1.00 55.64 ? 696  ILE A CG2 1 
ATOM   1376 C  CD1 . ILE A 1 179 ? -18.677 13.841  -0.614  1.00 59.27 ? 696  ILE A CD1 1 
ATOM   1377 N  N   . LYS A 1 180 ? -24.171 13.530  0.977   1.00 64.91 ? 697  LYS A N   1 
ATOM   1378 C  CA  . LYS A 1 180 ? -25.202 13.115  1.938   1.00 66.20 ? 697  LYS A CA  1 
ATOM   1379 C  C   . LYS A 1 180 ? -26.387 12.449  1.239   1.00 64.58 ? 697  LYS A C   1 
ATOM   1380 O  O   . LYS A 1 180 ? -27.000 11.521  1.775   1.00 64.44 ? 697  LYS A O   1 
ATOM   1381 C  CB  . LYS A 1 180 ? -25.702 14.298  2.779   1.00 65.49 ? 697  LYS A CB  1 
ATOM   1382 C  CG  . LYS A 1 180 ? -24.673 15.387  3.067   1.00 68.61 ? 697  LYS A CG  1 
ATOM   1383 C  CD  . LYS A 1 180 ? -25.337 16.719  3.432   1.00 68.80 ? 697  LYS A CD  1 
ATOM   1384 C  CE  . LYS A 1 180 ? -26.504 16.504  4.394   1.00 70.32 ? 697  LYS A CE  1 
ATOM   1385 N  NZ  . LYS A 1 180 ? -26.952 17.759  5.068   1.00 71.05 ? 697  LYS A NZ  1 
ATOM   1386 N  N   . ALA A 1 181 ? -26.704 12.928  0.040   1.00 66.39 ? 698  ALA A N   1 
ATOM   1387 C  CA  . ALA A 1 181 ? -27.778 12.349  -0.760  1.00 67.83 ? 698  ALA A CA  1 
ATOM   1388 C  C   . ALA A 1 181 ? -27.485 10.889  -1.100  1.00 67.34 ? 698  ALA A C   1 
ATOM   1389 O  O   . ALA A 1 181 ? -28.398 10.068  -1.214  1.00 68.95 ? 698  ALA A O   1 
ATOM   1390 C  CB  . ALA A 1 181 ? -27.986 13.159  -2.038  1.00 67.35 ? 698  ALA A CB  1 
ATOM   1391 N  N   . LEU A 1 182 ? -26.204 10.577  -1.265  1.00 65.95 ? 699  LEU A N   1 
ATOM   1392 C  CA  . LEU A 1 182 ? -25.784 9.218   -1.585  1.00 65.32 ? 699  LEU A CA  1 
ATOM   1393 C  C   . LEU A 1 182 ? -25.825 8.294   -0.385  1.00 67.54 ? 699  LEU A C   1 
ATOM   1394 O  O   . LEU A 1 182 ? -25.900 7.072   -0.536  1.00 65.30 ? 699  LEU A O   1 
ATOM   1395 C  CB  . LEU A 1 182 ? -24.380 9.227   -2.157  1.00 62.71 ? 699  LEU A CB  1 
ATOM   1396 C  CG  . LEU A 1 182 ? -24.351 9.829   -3.549  1.00 65.85 ? 699  LEU A CG  1 
ATOM   1397 C  CD1 . LEU A 1 182 ? -23.132 10.698  -3.650  1.00 66.44 ? 699  LEU A CD1 1 
ATOM   1398 C  CD2 . LEU A 1 182 ? -24.367 8.725   -4.600  1.00 62.99 ? 699  LEU A CD2 1 
ATOM   1399 N  N   . PHE A 1 183 ? -25.757 8.878   0.806   1.00 66.61 ? 700  PHE A N   1 
ATOM   1400 C  CA  . PHE A 1 183 ? -25.780 8.085   2.022   1.00 66.38 ? 700  PHE A CA  1 
ATOM   1401 C  C   . PHE A 1 183 ? -27.187 7.579   2.299   1.00 71.00 ? 700  PHE A C   1 
ATOM   1402 O  O   . PHE A 1 183 ? -27.366 6.527   2.915   1.00 76.45 ? 700  PHE A O   1 
ATOM   1403 C  CB  . PHE A 1 183 ? -25.235 8.893   3.206   1.00 65.16 ? 700  PHE A CB  1 
ATOM   1404 C  CG  . PHE A 1 183 ? -23.733 8.808   3.350   1.00 63.20 ? 700  PHE A CG  1 
ATOM   1405 C  CD1 . PHE A 1 183 ? -22.903 9.568   2.550   1.00 61.12 ? 700  PHE A CD1 1 
ATOM   1406 C  CD2 . PHE A 1 183 ? -23.154 7.943   4.266   1.00 64.95 ? 700  PHE A CD2 1 
ATOM   1407 C  CE1 . PHE A 1 183 ? -21.528 9.485   2.667   1.00 58.47 ? 700  PHE A CE1 1 
ATOM   1408 C  CE2 . PHE A 1 183 ? -21.774 7.853   4.386   1.00 59.13 ? 700  PHE A CE2 1 
ATOM   1409 C  CZ  . PHE A 1 183 ? -20.962 8.628   3.583   1.00 55.92 ? 700  PHE A CZ  1 
ATOM   1410 N  N   . ARG A 1 184 ? -28.186 8.311   1.816   1.00 71.92 ? 701  ARG A N   1 
ATOM   1411 C  CA  . ARG A 1 184 ? -29.577 7.933   2.048   1.00 71.42 ? 701  ARG A CA  1 
ATOM   1412 C  C   . ARG A 1 184 ? -29.944 6.617   1.352   1.00 71.49 ? 701  ARG A C   1 
ATOM   1413 O  O   . ARG A 1 184 ? -30.529 5.724   1.972   1.00 75.49 ? 701  ARG A O   1 
ATOM   1414 C  CB  . ARG A 1 184 ? -30.512 9.056   1.597   1.00 68.82 ? 701  ARG A CB  1 
ATOM   1415 C  CG  . ARG A 1 184 ? -30.497 10.263  2.529   1.00 70.13 ? 701  ARG A CG  1 
ATOM   1416 C  CD  . ARG A 1 184 ? -31.340 11.414  1.981   1.00 71.18 ? 701  ARG A CD  1 
ATOM   1417 N  NE  . ARG A 1 184 ? -30.529 12.562  1.586   1.00 72.90 ? 701  ARG A NE  1 
ATOM   1418 C  CZ  . ARG A 1 184 ? -30.422 13.680  2.299   1.00 74.22 ? 701  ARG A CZ  1 
ATOM   1419 N  NH1 . ARG A 1 184 ? -31.063 13.792  3.457   1.00 74.46 ? 701  ARG A NH1 1 
ATOM   1420 N  NH2 . ARG A 1 184 ? -29.664 14.682  1.865   1.00 72.14 ? 701  ARG A NH2 1 
ATOM   1421 N  N   . GLU A 1 185 ? -29.596 6.489   0.076   1.00 70.28 ? 702  GLU A N   1 
ATOM   1422 C  CA  . GLU A 1 185 ? -29.858 5.251   -0.655  1.00 70.87 ? 702  GLU A CA  1 
ATOM   1423 C  C   . GLU A 1 185 ? -28.983 4.109   -0.140  1.00 72.09 ? 702  GLU A C   1 
ATOM   1424 O  O   . GLU A 1 185 ? -29.264 3.518   0.907   1.00 70.13 ? 702  GLU A O   1 
ATOM   1425 C  CB  . GLU A 1 185 ? -29.625 5.445   -2.150  1.00 72.84 ? 702  GLU A CB  1 
ATOM   1426 C  CG  . GLU A 1 185 ? -28.675 6.579   -2.474  1.00 74.29 ? 702  GLU A CG  1 
ATOM   1427 C  CD  . GLU A 1 185 ? -28.693 6.969   -3.939  1.00 76.64 ? 702  GLU A CD  1 
ATOM   1428 O  OE1 . GLU A 1 185 ? -28.890 6.077   -4.796  1.00 76.99 ? 702  GLU A OE1 1 
ATOM   1429 O  OE2 . GLU A 1 185 ? -28.513 8.172   -4.231  1.00 75.57 ? 702  GLU A OE2 1 
HETATM 1430 MG MG  . MG  B 2 .   ? 20.830  -0.305  -13.431 1.00 25.15 ? 1703 MG  A MG  1 
HETATM 1431 MG MG  . MG  C 2 .   ? 20.107  -19.332 -3.360  1.00 32.63 ? 1704 MG  A MG  1 
HETATM 1432 O  O   . HOH D 3 .   ? 12.822  -15.768 4.885   1.00 37.10 ? 2001 HOH A O   1 
HETATM 1433 O  O   . HOH D 3 .   ? -11.155 1.774   16.826  1.00 46.98 ? 2002 HOH A O   1 
HETATM 1434 O  O   . HOH D 3 .   ? 11.872  -1.382  -16.015 1.00 38.55 ? 2003 HOH A O   1 
HETATM 1435 O  O   . HOH D 3 .   ? 10.956  1.216   -15.584 1.00 49.45 ? 2004 HOH A O   1 
HETATM 1436 O  O   . HOH D 3 .   ? 13.429  -3.051  -18.439 1.00 47.04 ? 2005 HOH A O   1 
HETATM 1437 O  O   . HOH D 3 .   ? 10.678  -15.863 -4.974  1.00 34.63 ? 2006 HOH A O   1 
HETATM 1438 O  O   . HOH D 3 .   ? 23.458  -18.287 -6.064  1.00 42.49 ? 2007 HOH A O   1 
HETATM 1439 O  O   . HOH D 3 .   ? 20.880  -22.461 -6.717  1.00 39.78 ? 2008 HOH A O   1 
HETATM 1440 O  O   . HOH D 3 .   ? -2.151  3.953   -10.161 1.00 49.23 ? 2009 HOH A O   1 
HETATM 1441 O  O   . HOH D 3 .   ? 4.567   -0.946  -17.647 1.00 54.49 ? 2010 HOH A O   1 
HETATM 1442 O  O   . HOH D 3 .   ? -0.342  -15.896 -4.934  1.00 40.74 ? 2011 HOH A O   1 
HETATM 1443 O  O   . HOH D 3 .   ? -2.128  -12.395 -5.853  1.00 41.77 ? 2012 HOH A O   1 
HETATM 1444 O  O   . HOH D 3 .   ? -9.912  7.453   -11.546 1.00 45.97 ? 2013 HOH A O   1 
HETATM 1445 O  O   . HOH D 3 .   ? -11.830 -6.590  -9.533  1.00 49.55 ? 2014 HOH A O   1 
HETATM 1446 O  O   . HOH D 3 .   ? -9.539  2.837   -13.499 1.00 47.93 ? 2015 HOH A O   1 
HETATM 1447 O  O   . HOH D 3 .   ? 23.389  2.948   4.044   1.00 38.17 ? 2016 HOH A O   1 
HETATM 1448 O  O   . HOH D 3 .   ? 29.669  -4.678  3.088   1.00 40.46 ? 2017 HOH A O   1 
HETATM 1449 O  O   . HOH D 3 .   ? 20.148  -3.199  4.180   1.00 30.78 ? 2018 HOH A O   1 
HETATM 1450 O  O   . HOH D 3 .   ? 23.492  -3.081  7.919   1.00 40.16 ? 2019 HOH A O   1 
HETATM 1451 O  O   . HOH D 3 .   ? 20.040  0.798   6.133   1.00 32.08 ? 2020 HOH A O   1 
HETATM 1452 O  O   . HOH D 3 .   ? 22.396  -5.740  3.670   1.00 22.14 ? 2021 HOH A O   1 
HETATM 1453 O  O   . HOH D 3 .   ? 16.700  -0.301  -6.722  1.00 22.00 ? 2022 HOH A O   1 
HETATM 1454 O  O   . HOH D 3 .   ? 17.269  6.665   -6.321  1.00 38.82 ? 2023 HOH A O   1 
HETATM 1455 O  O   . HOH D 3 .   ? 22.329  3.203   -11.025 1.00 38.18 ? 2024 HOH A O   1 
HETATM 1456 O  O   . HOH D 3 .   ? 25.427  8.311   -3.480  1.00 34.84 ? 2025 HOH A O   1 
HETATM 1457 O  O   . HOH D 3 .   ? 21.988  4.798   2.068   1.00 31.15 ? 2026 HOH A O   1 
HETATM 1458 O  O   . HOH D 3 .   ? 19.664  1.080   -12.446 1.00 30.82 ? 2027 HOH A O   1 
HETATM 1459 O  O   . HOH D 3 .   ? 15.930  1.504   -13.473 1.00 46.79 ? 2028 HOH A O   1 
HETATM 1460 O  O   . HOH D 3 .   ? 13.541  2.535   -12.174 1.00 40.30 ? 2029 HOH A O   1 
HETATM 1461 O  O   . HOH D 3 .   ? 24.635  -0.625  -11.482 1.00 29.14 ? 2030 HOH A O   1 
HETATM 1462 O  O   . HOH D 3 .   ? 28.778  1.602   -7.268  1.00 40.50 ? 2031 HOH A O   1 
HETATM 1463 O  O   . HOH D 3 .   ? 25.806  3.638   -6.385  1.00 39.14 ? 2032 HOH A O   1 
HETATM 1464 O  O   . HOH D 3 .   ? 21.302  -1.787  -14.840 1.00 22.19 ? 2033 HOH A O   1 
HETATM 1465 O  O   . HOH D 3 .   ? 18.855  -0.793  -13.708 1.00 31.74 ? 2034 HOH A O   1 
HETATM 1466 O  O   . HOH D 3 .   ? 22.760  0.475   -13.015 1.00 25.14 ? 2035 HOH A O   1 
HETATM 1467 O  O   . HOH D 3 .   ? 21.173  -6.508  -12.777 1.00 27.19 ? 2036 HOH A O   1 
HETATM 1468 O  O   . HOH D 3 .   ? 23.795  -14.586 -9.415  1.00 32.34 ? 2037 HOH A O   1 
HETATM 1469 O  O   . HOH D 3 .   ? 31.245  -10.004 -4.977  1.00 37.51 ? 2038 HOH A O   1 
HETATM 1470 O  O   . HOH D 3 .   ? 30.122  -2.010  -8.265  1.00 38.40 ? 2039 HOH A O   1 
HETATM 1471 O  O   . HOH D 3 .   ? 32.538  -8.173  -8.369  1.00 43.99 ? 2040 HOH A O   1 
HETATM 1472 O  O   . HOH D 3 .   ? 23.420  -13.154 -0.553  1.00 19.95 ? 2041 HOH A O   1 
HETATM 1473 O  O   . HOH D 3 .   ? 26.092  -15.980 -1.758  1.00 39.48 ? 2042 HOH A O   1 
HETATM 1474 O  O   . HOH D 3 .   ? 32.720  -8.013  -5.352  1.00 42.78 ? 2043 HOH A O   1 
HETATM 1475 O  O   . HOH D 3 .   ? 31.348  -6.344  1.389   1.00 45.81 ? 2044 HOH A O   1 
HETATM 1476 O  O   . HOH D 3 .   ? 22.448  -14.734 3.387   1.00 40.24 ? 2045 HOH A O   1 
HETATM 1477 O  O   . HOH D 3 .   ? 24.225  -9.324  5.854   1.00 29.89 ? 2046 HOH A O   1 
HETATM 1478 O  O   . HOH D 3 .   ? 19.482  -6.484  3.712   1.00 19.91 ? 2047 HOH A O   1 
HETATM 1479 O  O   . HOH D 3 .   ? 21.113  -12.319 8.373   1.00 39.87 ? 2048 HOH A O   1 
HETATM 1480 O  O   . HOH D 3 .   ? 14.752  -7.772  0.559   1.00 17.77 ? 2049 HOH A O   1 
HETATM 1481 O  O   . HOH D 3 .   ? 12.179  -9.540  6.733   1.00 35.08 ? 2050 HOH A O   1 
HETATM 1482 O  O   . HOH D 3 .   ? 12.507  -9.933  4.164   1.00 26.92 ? 2051 HOH A O   1 
HETATM 1483 O  O   . HOH D 3 .   ? 12.358  -9.055  1.574   1.00 18.38 ? 2052 HOH A O   1 
HETATM 1484 O  O   . HOH D 3 .   ? 16.787  -7.814  10.157  1.00 33.93 ? 2053 HOH A O   1 
HETATM 1485 O  O   . HOH D 3 .   ? 19.956  -4.926  9.761   1.00 42.39 ? 2054 HOH A O   1 
HETATM 1486 O  O   . HOH D 3 .   ? 18.760  -2.610  11.645  1.00 45.37 ? 2055 HOH A O   1 
HETATM 1487 O  O   . HOH D 3 .   ? 14.027  -7.494  12.737  1.00 45.26 ? 2056 HOH A O   1 
HETATM 1488 O  O   . HOH D 3 .   ? 13.460  3.025   7.441   1.00 36.38 ? 2057 HOH A O   1 
HETATM 1489 O  O   . HOH D 3 .   ? 17.277  3.151   9.328   1.00 46.59 ? 2058 HOH A O   1 
HETATM 1490 O  O   . HOH D 3 .   ? 18.634  0.239   11.865  1.00 45.17 ? 2059 HOH A O   1 
HETATM 1491 O  O   . HOH D 3 .   ? 8.620   1.654   8.367   1.00 40.73 ? 2060 HOH A O   1 
HETATM 1492 O  O   . HOH D 3 .   ? 10.580  -6.347  6.874   1.00 35.07 ? 2061 HOH A O   1 
HETATM 1493 O  O   . HOH D 3 .   ? 13.423  2.932   2.921   1.00 35.75 ? 2062 HOH A O   1 
HETATM 1494 O  O   . HOH D 3 .   ? 7.473   4.234   0.884   1.00 45.82 ? 2063 HOH A O   1 
HETATM 1495 O  O   . HOH D 3 .   ? 12.389  3.743   0.070   1.00 38.99 ? 2064 HOH A O   1 
HETATM 1496 O  O   . HOH D 3 .   ? 9.465   5.770   -8.136  1.00 31.23 ? 2065 HOH A O   1 
HETATM 1497 O  O   . HOH D 3 .   ? 6.613   3.171   -2.730  1.00 27.40 ? 2066 HOH A O   1 
HETATM 1498 O  O   . HOH D 3 .   ? 12.415  5.615   -9.258  1.00 40.11 ? 2067 HOH A O   1 
HETATM 1499 O  O   . HOH D 3 .   ? 14.708  6.312   -0.884  1.00 38.25 ? 2068 HOH A O   1 
HETATM 1500 O  O   . HOH D 3 .   ? 10.374  -1.513  -13.601 1.00 35.59 ? 2069 HOH A O   1 
HETATM 1501 O  O   . HOH D 3 .   ? 13.869  -1.160  -14.164 1.00 28.75 ? 2070 HOH A O   1 
HETATM 1502 O  O   . HOH D 3 .   ? 15.445  -3.114  -16.877 1.00 43.73 ? 2071 HOH A O   1 
HETATM 1503 O  O   . HOH D 3 .   ? 14.738  -13.684 -10.279 1.00 31.38 ? 2072 HOH A O   1 
HETATM 1504 O  O   . HOH D 3 .   ? 17.715  -12.888 -11.096 1.00 28.55 ? 2073 HOH A O   1 
HETATM 1505 O  O   . HOH D 3 .   ? 12.483  -14.933 -3.003  1.00 20.84 ? 2074 HOH A O   1 
HETATM 1506 O  O   . HOH D 3 .   ? 13.632  -17.426 -6.452  1.00 37.77 ? 2075 HOH A O   1 
HETATM 1507 O  O   . HOH D 3 .   ? 20.209  -17.917 -4.951  1.00 24.07 ? 2076 HOH A O   1 
HETATM 1508 O  O   . HOH D 3 .   ? 16.838  -18.774 -6.486  1.00 25.58 ? 2077 HOH A O   1 
HETATM 1509 O  O   . HOH D 3 .   ? 21.519  -17.736 -7.308  1.00 24.32 ? 2078 HOH A O   1 
HETATM 1510 O  O   . HOH D 3 .   ? 19.680  -15.432 1.343   1.00 32.74 ? 2079 HOH A O   1 
HETATM 1511 O  O   . HOH D 3 .   ? 26.581  -16.315 -5.073  1.00 36.30 ? 2080 HOH A O   1 
HETATM 1512 O  O   . HOH D 3 .   ? 12.106  -15.914 1.465   1.00 29.97 ? 2081 HOH A O   1 
HETATM 1513 O  O   . HOH D 3 .   ? 13.752  -18.472 -2.900  1.00 35.63 ? 2082 HOH A O   1 
HETATM 1514 O  O   . HOH D 3 .   ? 20.379  -20.973 -2.020  1.00 24.67 ? 2083 HOH A O   1 
HETATM 1515 O  O   . HOH D 3 .   ? 19.378  -20.703 -4.717  1.00 24.46 ? 2084 HOH A O   1 
HETATM 1516 O  O   . HOH D 3 .   ? 21.571  -18.226 -2.386  1.00 29.80 ? 2085 HOH A O   1 
HETATM 1517 O  O   . HOH D 3 .   ? 6.509   -14.948 1.583   1.00 34.96 ? 2086 HOH A O   1 
HETATM 1518 O  O   . HOH D 3 .   ? 10.338  -11.324 6.108   1.00 42.40 ? 2087 HOH A O   1 
HETATM 1519 O  O   . HOH D 3 .   ? 6.492   -13.011 5.543   1.00 35.80 ? 2088 HOH A O   1 
HETATM 1520 O  O   . HOH D 3 .   ? 4.586   -7.933  -1.558  1.00 26.12 ? 2089 HOH A O   1 
HETATM 1521 O  O   . HOH D 3 .   ? 4.538   -11.744 5.507   1.00 41.43 ? 2090 HOH A O   1 
HETATM 1522 O  O   . HOH D 3 .   ? 2.702   -8.647  -0.196  1.00 34.29 ? 2091 HOH A O   1 
HETATM 1523 O  O   . HOH D 3 .   ? 8.117   -9.538  7.492   1.00 36.57 ? 2092 HOH A O   1 
HETATM 1524 O  O   . HOH D 3 .   ? 9.147   -5.267  10.641  1.00 37.83 ? 2093 HOH A O   1 
HETATM 1525 O  O   . HOH D 3 .   ? 4.288   -4.890  10.570  1.00 41.20 ? 2094 HOH A O   1 
HETATM 1526 O  O   . HOH D 3 .   ? -2.523  -6.039  9.104   1.00 32.00 ? 2095 HOH A O   1 
HETATM 1527 O  O   . HOH D 3 .   ? 6.366   2.159   5.233   1.00 36.93 ? 2096 HOH A O   1 
HETATM 1528 O  O   . HOH D 3 .   ? 3.960   -2.436  12.562  1.00 35.95 ? 2097 HOH A O   1 
HETATM 1529 O  O   . HOH D 3 .   ? -0.186  -0.291  9.279   1.00 35.42 ? 2098 HOH A O   1 
HETATM 1530 O  O   . HOH D 3 .   ? 2.665   4.874   6.080   1.00 47.02 ? 2099 HOH A O   1 
HETATM 1531 O  O   . HOH D 3 .   ? 4.259   6.899   10.437  1.00 48.29 ? 2100 HOH A O   1 
HETATM 1532 O  O   . HOH D 3 .   ? 2.402   3.932   1.623   1.00 44.81 ? 2101 HOH A O   1 
HETATM 1533 O  O   . HOH D 3 .   ? 4.887   2.970   2.126   1.00 39.40 ? 2102 HOH A O   1 
HETATM 1534 O  O   . HOH D 3 .   ? -0.244  0.889   -9.667  1.00 38.78 ? 2103 HOH A O   1 
HETATM 1535 O  O   . HOH D 3 .   ? 0.288   7.086   -6.021  1.00 46.16 ? 2104 HOH A O   1 
HETATM 1536 O  O   . HOH D 3 .   ? 0.659   6.156   -9.899  1.00 42.29 ? 2105 HOH A O   1 
HETATM 1537 O  O   . HOH D 3 .   ? 5.964   5.128   -12.408 1.00 39.78 ? 2106 HOH A O   1 
HETATM 1538 O  O   . HOH D 3 .   ? 6.675   6.933   -9.680  1.00 42.33 ? 2107 HOH A O   1 
HETATM 1539 O  O   . HOH D 3 .   ? 6.263   5.862   -2.580  1.00 37.56 ? 2108 HOH A O   1 
HETATM 1540 O  O   . HOH D 3 .   ? 5.645   0.704   -15.427 1.00 44.47 ? 2109 HOH A O   1 
HETATM 1541 O  O   . HOH D 3 .   ? 7.777   -1.177  -13.601 1.00 24.71 ? 2110 HOH A O   1 
HETATM 1542 O  O   . HOH D 3 .   ? 8.001   2.326   -13.836 1.00 34.47 ? 2111 HOH A O   1 
HETATM 1543 O  O   . HOH D 3 .   ? -2.144  -0.256  -13.308 1.00 55.64 ? 2112 HOH A O   1 
HETATM 1544 O  O   . HOH D 3 .   ? -0.157  -6.291  -12.859 1.00 38.11 ? 2113 HOH A O   1 
HETATM 1545 O  O   . HOH D 3 .   ? 7.188   -7.858  -15.506 1.00 39.81 ? 2114 HOH A O   1 
HETATM 1546 O  O   . HOH D 3 .   ? 11.345  -4.180  -18.944 1.00 43.87 ? 2115 HOH A O   1 
HETATM 1547 O  O   . HOH D 3 .   ? 12.469  -0.676  -20.132 1.00 48.77 ? 2116 HOH A O   1 
HETATM 1548 O  O   . HOH D 3 .   ? 4.494   -4.707  -18.743 1.00 51.28 ? 2117 HOH A O   1 
HETATM 1549 O  O   . HOH D 3 .   ? 0.675   -13.686 -6.023  1.00 31.24 ? 2118 HOH A O   1 
HETATM 1550 O  O   . HOH D 3 .   ? 2.266   -17.558 -7.026  1.00 44.28 ? 2119 HOH A O   1 
HETATM 1551 O  O   . HOH D 3 .   ? 5.919   -10.258 -16.074 1.00 42.03 ? 2120 HOH A O   1 
HETATM 1552 O  O   . HOH D 3 .   ? 8.784   -16.985 -3.860  1.00 44.76 ? 2121 HOH A O   1 
HETATM 1553 O  O   . HOH D 3 .   ? 14.064  -16.184 -9.132  1.00 32.91 ? 2122 HOH A O   1 
HETATM 1554 O  O   . HOH D 3 .   ? -2.703  -10.006 -4.204  1.00 36.42 ? 2123 HOH A O   1 
HETATM 1555 O  O   . HOH D 3 .   ? -4.325  -10.477 -1.618  1.00 37.26 ? 2124 HOH A O   1 
HETATM 1556 O  O   . HOH D 3 .   ? -4.787  -14.151 -0.645  1.00 47.95 ? 2125 HOH A O   1 
HETATM 1557 O  O   . HOH D 3 .   ? -4.776  -6.153  7.058   1.00 43.35 ? 2126 HOH A O   1 
HETATM 1558 O  O   . HOH D 3 .   ? -6.089  -4.066  7.148   1.00 33.13 ? 2127 HOH A O   1 
HETATM 1559 O  O   . HOH D 3 .   ? -5.831  -2.253  9.965   1.00 36.12 ? 2128 HOH A O   1 
HETATM 1560 O  O   . HOH D 3 .   ? -3.626  0.381   10.677  1.00 24.94 ? 2129 HOH A O   1 
HETATM 1561 O  O   . HOH D 3 .   ? -2.195  2.926   9.987   1.00 26.70 ? 2130 HOH A O   1 
HETATM 1562 O  O   . HOH D 3 .   ? 3.550   3.130   4.829   1.00 42.82 ? 2131 HOH A O   1 
HETATM 1563 O  O   . HOH D 3 .   ? -0.167  6.952   4.509   1.00 42.52 ? 2132 HOH A O   1 
HETATM 1564 O  O   . HOH D 3 .   ? -10.005 11.508  -2.048  1.00 44.59 ? 2133 HOH A O   1 
HETATM 1565 O  O   . HOH D 3 .   ? -10.221 10.374  -7.567  1.00 45.27 ? 2134 HOH A O   1 
HETATM 1566 O  O   . HOH D 3 .   ? -7.722  7.797   -9.867  1.00 42.13 ? 2135 HOH A O   1 
HETATM 1567 O  O   . HOH D 3 .   ? -3.335  1.777   -9.809  1.00 49.61 ? 2136 HOH A O   1 
HETATM 1568 O  O   . HOH D 3 .   ? -10.953 -4.024  -9.331  1.00 36.64 ? 2137 HOH A O   1 
HETATM 1569 O  O   . HOH D 3 .   ? -11.022 5.184   -11.186 1.00 47.23 ? 2138 HOH A O   1 
HETATM 1570 O  O   . HOH D 3 .   ? -11.022 -8.004  -3.812  1.00 42.88 ? 2139 HOH A O   1 
HETATM 1571 O  O   . HOH D 3 .   ? -9.497  -11.031 -6.519  1.00 44.10 ? 2140 HOH A O   1 
HETATM 1572 O  O   . HOH D 3 .   ? -3.703  -10.137 -8.857  1.00 44.61 ? 2141 HOH A O   1 
HETATM 1573 O  O   . HOH D 3 .   ? -10.151 -9.903  0.003   1.00 45.91 ? 2142 HOH A O   1 
HETATM 1574 O  O   . HOH D 3 .   ? -7.756  -7.754  2.663   1.00 23.53 ? 2143 HOH A O   1 
HETATM 1575 O  O   . HOH D 3 .   ? -13.279 -4.159  -1.203  1.00 38.77 ? 2144 HOH A O   1 
HETATM 1576 O  O   . HOH D 3 .   ? -14.325 -4.965  6.758   1.00 47.70 ? 2145 HOH A O   1 
HETATM 1577 O  O   . HOH D 3 .   ? -16.361 -6.048  2.690   1.00 43.54 ? 2146 HOH A O   1 
HETATM 1578 O  O   . HOH D 3 .   ? -11.036 1.417   4.175   1.00 29.87 ? 2147 HOH A O   1 
HETATM 1579 O  O   . HOH D 3 .   ? -13.866 2.270   3.536   1.00 29.73 ? 2148 HOH A O   1 
HETATM 1580 O  O   . HOH D 3 .   ? -15.455 0.420   5.296   1.00 36.64 ? 2149 HOH A O   1 
HETATM 1581 O  O   . HOH D 3 .   ? -0.993  7.538   8.683   1.00 50.51 ? 2150 HOH A O   1 
HETATM 1582 O  O   . HOH D 3 .   ? -5.939  7.128   11.165  1.00 28.15 ? 2151 HOH A O   1 
HETATM 1583 O  O   . HOH D 3 .   ? -11.699 9.491   10.611  1.00 43.20 ? 2152 HOH A O   1 
HETATM 1584 O  O   . HOH D 3 .   ? -16.243 2.518   6.877   1.00 37.75 ? 2153 HOH A O   1 
HETATM 1585 O  O   . HOH D 3 .   ? -10.412 11.683  8.223   1.00 54.22 ? 2154 HOH A O   1 
HETATM 1586 O  O   . HOH D 3 .   ? -15.076 12.571  -8.155  1.00 56.38 ? 2155 HOH A O   1 
HETATM 1587 O  O   . HOH D 3 .   ? -13.181 -2.579  -8.590  1.00 44.46 ? 2156 HOH A O   1 
HETATM 1588 O  O   . HOH D 3 .   ? -21.865 0.112   1.014   1.00 49.87 ? 2157 HOH A O   1 
HETATM 1589 O  O   . HOH D 3 .   ? -24.188 -1.448  -1.720  1.00 52.76 ? 2158 HOH A O   1 
HETATM 1590 O  O   . HOH D 3 .   ? -19.740 -4.395  -3.218  1.00 50.73 ? 2159 HOH A O   1 
HETATM 1591 O  O   . HOH D 3 .   ? -23.205 0.315   5.401   1.00 52.62 ? 2160 HOH A O   1 
HETATM 1592 O  O   . HOH D 3 .   ? -18.897 1.058   14.916  1.00 47.89 ? 2161 HOH A O   1 
HETATM 1593 O  O   . HOH D 3 .   ? -24.004 6.667   11.256  1.00 51.66 ? 2162 HOH A O   1 
HETATM 1594 O  O   . HOH D 3 .   ? -11.860 -0.015  15.555  1.00 51.72 ? 2163 HOH A O   1 
HETATM 1595 O  O   . HOH D 3 .   ? -15.241 3.705   18.847  1.00 51.58 ? 2164 HOH A O   1 
HETATM 1596 O  O   . HOH D 3 .   ? -12.460 11.918  13.600  1.00 53.57 ? 2165 HOH A O   1 
HETATM 1597 O  O   . HOH D 3 .   ? -21.624 8.610   15.610  1.00 52.85 ? 2166 HOH A O   1 
HETATM 1598 O  O   . HOH D 3 .   ? -24.156 8.502   14.016  1.00 56.75 ? 2167 HOH A O   1 
HETATM 1599 O  O   . HOH D 3 .   ? -23.521 14.099  13.626  1.00 53.00 ? 2168 HOH A O   1 
HETATM 1600 O  O   . HOH D 3 .   ? -18.812 23.408  2.868   1.00 70.56 ? 2169 HOH A O   1 
HETATM 1601 O  O   . HOH D 3 .   ? 22.067  -5.901  8.135   1.00 44.39 ? 2170 HOH A O   1 
HETATM 1602 O  O   . HOH D 3 .   ? 20.220  -0.338  8.242   1.00 44.85 ? 2171 HOH A O   1 
HETATM 1603 O  O   . HOH D 3 .   ? 19.591  7.543   -8.902  1.00 51.39 ? 2172 HOH A O   1 
HETATM 1604 O  O   . HOH D 3 .   ? 17.387  0.499   -16.139 1.00 43.18 ? 2173 HOH A O   1 
HETATM 1605 O  O   . HOH D 3 .   ? 11.249  2.844   -13.194 1.00 45.79 ? 2174 HOH A O   1 
HETATM 1606 O  O   . HOH D 3 .   ? 28.168  4.748   -4.825  1.00 37.34 ? 2175 HOH A O   1 
HETATM 1607 O  O   . HOH D 3 .   ? 25.198  5.432   -7.747  1.00 43.19 ? 2176 HOH A O   1 
HETATM 1608 O  O   . HOH D 3 .   ? 20.792  0.863   -15.151 1.00 26.54 ? 2177 HOH A O   1 
HETATM 1609 O  O   . HOH D 3 .   ? 21.813  -20.168 -4.230  1.00 37.58 ? 2178 HOH A O   1 
# 
